data_2LLH
#
_entry.id   2LLH
#
_entity_poly.entity_id   1
_entity_poly.type   'polypeptide(L)'
_entity_poly.pdbx_seq_one_letter_code
;GSHMQESFKKQEKTPKTPKGPSSVEDIKAKMQASIEKGGSLPKVEAKFINYVKNCFRMTDQEAIQDLWQWRKSL
;
_entity_poly.pdbx_strand_id   A
#
# COMPACT_ATOMS: atom_id res chain seq x y z
N GLN A 5 19.42 23.38 14.74
CA GLN A 5 19.37 22.22 13.83
C GLN A 5 20.44 22.35 12.74
N GLU A 6 21.00 21.24 12.27
CA GLU A 6 22.27 21.22 11.54
C GLU A 6 22.38 20.09 10.48
N SER A 7 23.22 20.32 9.46
CA SER A 7 23.45 19.41 8.32
C SER A 7 24.86 18.82 8.28
N PHE A 8 24.96 17.63 7.68
CA PHE A 8 26.21 16.91 7.39
C PHE A 8 26.11 16.11 6.08
N LYS A 9 24.94 15.51 5.82
CA LYS A 9 24.43 15.14 4.50
C LYS A 9 25.43 14.36 3.63
N LYS A 10 26.18 13.46 4.27
CA LYS A 10 27.33 12.76 3.66
C LYS A 10 27.03 11.33 3.23
N GLN A 11 26.09 10.67 3.91
CA GLN A 11 25.64 9.31 3.62
C GLN A 11 24.14 9.14 3.92
N GLU A 12 23.72 9.29 5.19
CA GLU A 12 22.34 9.09 5.67
C GLU A 12 21.69 7.77 5.18
N LYS A 13 22.49 6.69 5.11
CA LYS A 13 22.16 5.37 4.53
C LYS A 13 21.50 5.42 3.13
N THR A 14 20.91 4.32 2.67
CA THR A 14 20.18 4.22 1.39
C THR A 14 18.66 4.35 1.58
N PRO A 15 17.91 4.85 0.59
CA PRO A 15 16.45 4.85 0.63
C PRO A 15 15.85 3.43 0.59
N LYS A 16 14.74 3.20 1.31
CA LYS A 16 13.88 2.00 1.17
C LYS A 16 12.46 2.23 1.68
N THR A 17 12.32 2.84 2.86
CA THR A 17 11.08 3.31 3.52
C THR A 17 9.89 2.30 3.52
N PRO A 18 9.92 1.26 4.37
CA PRO A 18 8.82 0.31 4.55
C PRO A 18 7.63 0.94 5.31
N LYS A 19 6.39 0.64 4.88
CA LYS A 19 5.13 1.19 5.45
C LYS A 19 3.97 0.19 5.37
N GLY A 20 3.14 0.12 6.41
CA GLY A 20 1.91 -0.69 6.52
C GLY A 20 1.05 -0.38 7.78
N PRO A 21 0.20 0.68 7.77
CA PRO A 21 -0.72 1.05 8.88
C PRO A 21 -1.87 0.07 9.22
N SER A 22 -2.84 0.52 10.03
CA SER A 22 -4.02 -0.23 10.50
C SER A 22 -5.25 -0.16 9.56
N SER A 23 -5.30 0.80 8.65
CA SER A 23 -6.46 1.17 7.82
C SER A 23 -6.06 1.36 6.33
N VAL A 24 -6.87 2.06 5.53
CA VAL A 24 -6.68 2.24 4.06
C VAL A 24 -5.32 2.87 3.68
N GLU A 25 -4.64 3.57 4.59
CA GLU A 25 -3.26 4.01 4.38
C GLU A 25 -2.25 2.84 4.17
N ASP A 26 -2.52 1.64 4.70
CA ASP A 26 -1.81 0.40 4.34
C ASP A 26 -2.03 0.05 2.87
N ILE A 27 -3.28 0.07 2.40
CA ILE A 27 -3.59 -0.17 0.99
C ILE A 27 -2.80 0.78 0.09
N LYS A 28 -2.75 2.07 0.43
CA LYS A 28 -2.02 3.08 -0.33
C LYS A 28 -0.50 2.84 -0.36
N ALA A 29 0.08 2.47 0.79
CA ALA A 29 1.49 2.10 0.89
C ALA A 29 1.82 0.82 0.08
N LYS A 30 0.93 -0.17 0.13
CA LYS A 30 1.07 -1.45 -0.57
C LYS A 30 0.83 -1.31 -2.09
N MET A 31 -0.03 -0.37 -2.51
CA MET A 31 -0.11 0.08 -3.91
C MET A 31 1.23 0.63 -4.40
N GLN A 32 1.93 1.47 -3.60
CA GLN A 32 3.26 1.94 -3.99
C GLN A 32 4.25 0.76 -4.10
N ALA A 33 4.23 -0.18 -3.14
CA ALA A 33 5.09 -1.36 -3.18
C ALA A 33 4.84 -2.21 -4.44
N SER A 34 3.58 -2.45 -4.83
CA SER A 34 3.26 -3.19 -6.07
C SER A 34 3.76 -2.47 -7.33
N ILE A 35 3.53 -1.16 -7.47
CA ILE A 35 3.91 -0.40 -8.68
C ILE A 35 5.42 -0.06 -8.76
N GLU A 36 6.17 -0.21 -7.67
CA GLU A 36 7.63 -0.10 -7.63
C GLU A 36 8.31 -1.48 -7.73
N LYS A 37 8.04 -2.39 -6.77
CA LYS A 37 8.71 -3.70 -6.64
C LYS A 37 8.23 -4.70 -7.68
N GLY A 38 6.92 -4.75 -7.92
CA GLY A 38 6.30 -5.56 -8.98
C GLY A 38 6.19 -4.83 -10.33
N GLY A 39 6.36 -3.50 -10.34
CA GLY A 39 6.27 -2.64 -11.53
C GLY A 39 4.84 -2.30 -12.00
N SER A 40 3.82 -3.04 -11.51
CA SER A 40 2.43 -2.99 -11.99
C SER A 40 1.42 -3.04 -10.85
N LEU A 41 0.24 -2.47 -11.10
CA LEU A 41 -0.93 -2.42 -10.22
C LEU A 41 -2.21 -2.54 -11.05
N PRO A 42 -3.27 -3.25 -10.63
CA PRO A 42 -4.42 -3.52 -11.49
C PRO A 42 -5.16 -2.23 -11.93
N LYS A 43 -5.69 -2.24 -13.16
CA LYS A 43 -6.22 -1.05 -13.86
C LYS A 43 -7.71 -1.13 -14.21
N VAL A 44 -8.39 -2.20 -13.80
CA VAL A 44 -9.82 -2.46 -14.02
C VAL A 44 -10.51 -2.88 -12.71
N GLU A 45 -11.74 -2.39 -12.46
CA GLU A 45 -12.28 -2.33 -11.10
C GLU A 45 -12.41 -3.70 -10.39
N ALA A 46 -12.93 -4.73 -11.06
CA ALA A 46 -13.22 -6.01 -10.38
C ALA A 46 -11.95 -6.80 -10.00
N LYS A 47 -10.91 -6.69 -10.84
CA LYS A 47 -9.56 -7.25 -10.56
C LYS A 47 -8.85 -6.46 -9.48
N PHE A 48 -8.97 -5.14 -9.50
CA PHE A 48 -8.42 -4.29 -8.45
C PHE A 48 -9.10 -4.56 -7.09
N ILE A 49 -10.42 -4.81 -7.05
CA ILE A 49 -11.17 -5.22 -5.84
C ILE A 49 -10.69 -6.60 -5.33
N ASN A 50 -10.47 -7.58 -6.22
CA ASN A 50 -9.83 -8.86 -5.85
C ASN A 50 -8.46 -8.64 -5.18
N TYR A 51 -7.62 -7.78 -5.77
CA TYR A 51 -6.29 -7.43 -5.26
C TYR A 51 -6.37 -6.72 -3.89
N VAL A 52 -7.27 -5.74 -3.72
CA VAL A 52 -7.49 -5.04 -2.44
C VAL A 52 -7.90 -6.01 -1.33
N LYS A 53 -8.84 -6.94 -1.59
CA LYS A 53 -9.24 -7.95 -0.60
C LYS A 53 -8.19 -9.05 -0.39
N ASN A 54 -7.21 -9.18 -1.29
CA ASN A 54 -6.00 -9.99 -1.10
C ASN A 54 -4.95 -9.27 -0.22
N CYS A 55 -4.81 -7.95 -0.35
CA CYS A 55 -3.79 -7.13 0.32
C CYS A 55 -4.20 -6.56 1.70
N PHE A 56 -5.49 -6.55 2.05
CA PHE A 56 -5.99 -5.93 3.28
C PHE A 56 -7.31 -6.55 3.81
N ARG A 57 -7.62 -6.30 5.08
CA ARG A 57 -8.90 -6.63 5.76
C ARG A 57 -10.05 -5.69 5.38
N MET A 58 -10.29 -5.51 4.08
CA MET A 58 -11.23 -4.53 3.54
C MET A 58 -12.69 -5.01 3.60
N THR A 59 -13.59 -4.19 4.14
CA THR A 59 -15.03 -4.52 4.31
C THR A 59 -16.00 -3.37 3.98
N ASP A 60 -15.56 -2.11 4.04
CA ASP A 60 -16.41 -0.94 3.82
C ASP A 60 -16.51 -0.57 2.33
N GLN A 61 -17.66 -0.81 1.70
CA GLN A 61 -17.85 -0.58 0.25
C GLN A 61 -17.70 0.89 -0.15
N GLU A 62 -18.18 1.80 0.70
CA GLU A 62 -17.92 3.25 0.61
C GLU A 62 -16.42 3.62 0.62
N ALA A 63 -15.60 2.94 1.43
CA ALA A 63 -14.13 3.12 1.41
C ALA A 63 -13.47 2.47 0.18
N ILE A 64 -14.01 1.34 -0.31
CA ILE A 64 -13.55 0.67 -1.54
C ILE A 64 -13.71 1.59 -2.76
N GLN A 65 -14.88 2.20 -2.96
CA GLN A 65 -15.07 3.12 -4.08
C GLN A 65 -14.34 4.46 -3.88
N ASP A 66 -14.19 4.94 -2.63
CA ASP A 66 -13.35 6.12 -2.32
C ASP A 66 -11.87 5.88 -2.65
N LEU A 67 -11.39 4.65 -2.42
CA LEU A 67 -10.03 4.19 -2.71
C LEU A 67 -9.84 3.94 -4.21
N TRP A 68 -10.83 3.36 -4.91
CA TRP A 68 -10.79 3.18 -6.37
C TRP A 68 -10.66 4.53 -7.09
N GLN A 69 -11.46 5.52 -6.70
CA GLN A 69 -11.33 6.89 -7.19
C GLN A 69 -9.95 7.49 -6.84
N TRP A 70 -9.43 7.29 -5.63
CA TRP A 70 -8.08 7.74 -5.25
C TRP A 70 -6.96 7.06 -6.09
N ARG A 71 -7.11 5.79 -6.45
CA ARG A 71 -6.20 5.02 -7.32
C ARG A 71 -6.32 5.39 -8.80
N LYS A 72 -7.48 5.87 -9.25
CA LYS A 72 -7.69 6.43 -10.60
C LYS A 72 -7.21 7.88 -10.72
N SER A 73 -7.12 8.59 -9.58
CA SER A 73 -6.59 9.95 -9.43
C SER A 73 -5.04 9.99 -9.30
N LEU A 74 -4.30 9.26 -10.15
CA LEU A 74 -2.85 9.00 -10.01
C LEU A 74 -2.00 9.72 -11.05
N GLN A 5 37.79 6.68 20.53
CA GLN A 5 37.85 5.21 20.68
C GLN A 5 36.46 4.60 20.52
N GLU A 6 36.37 3.38 20.00
CA GLU A 6 35.18 2.54 19.92
C GLU A 6 35.55 1.05 20.08
N SER A 7 34.61 0.21 20.54
CA SER A 7 34.82 -1.24 20.66
C SER A 7 33.68 -2.11 20.11
N PHE A 8 32.42 -1.63 20.07
CA PHE A 8 31.25 -2.46 19.73
C PHE A 8 30.20 -1.71 18.90
N LYS A 9 29.56 -2.42 17.95
CA LYS A 9 28.49 -1.91 17.08
C LYS A 9 27.13 -2.50 17.42
N LYS A 10 27.03 -3.82 17.62
CA LYS A 10 25.75 -4.56 17.67
C LYS A 10 25.79 -5.83 18.53
N GLN A 11 24.62 -6.23 19.03
CA GLN A 11 24.39 -7.56 19.62
C GLN A 11 23.05 -8.12 19.12
N GLU A 12 21.96 -7.47 19.57
CA GLU A 12 20.55 -7.78 19.33
C GLU A 12 19.74 -6.47 19.50
N LYS A 13 18.51 -6.39 18.98
CA LYS A 13 17.78 -5.12 18.81
C LYS A 13 16.27 -5.17 19.06
N THR A 14 15.61 -6.30 18.79
CA THR A 14 14.21 -6.63 19.15
C THR A 14 13.20 -5.48 18.94
N PRO A 15 13.01 -4.95 17.71
CA PRO A 15 12.43 -3.62 17.50
C PRO A 15 10.94 -3.48 17.85
N LYS A 16 10.13 -4.49 17.50
CA LYS A 16 8.65 -4.45 17.53
C LYS A 16 8.06 -3.21 16.84
N THR A 17 8.52 -2.96 15.61
CA THR A 17 8.19 -1.78 14.79
C THR A 17 7.66 -2.22 13.41
N PRO A 18 6.38 -2.62 13.32
CA PRO A 18 5.72 -2.94 12.05
C PRO A 18 5.43 -1.68 11.22
N LYS A 19 5.06 -1.86 9.96
CA LYS A 19 4.66 -0.79 9.02
C LYS A 19 3.38 -1.20 8.28
N GLY A 20 2.33 -0.40 8.41
CA GLY A 20 1.01 -0.70 7.85
C GLY A 20 -0.13 -0.02 8.62
N PRO A 21 -0.46 1.26 8.34
CA PRO A 21 -1.46 2.01 9.11
C PRO A 21 -2.90 1.50 8.97
N SER A 22 -3.60 1.39 10.11
CA SER A 22 -4.86 0.63 10.23
C SER A 22 -6.08 1.18 9.46
N SER A 23 -6.11 2.46 9.08
CA SER A 23 -7.22 3.07 8.33
C SER A 23 -6.85 3.41 6.90
N VAL A 24 -6.94 2.41 6.00
CA VAL A 24 -6.66 2.42 4.54
C VAL A 24 -5.22 2.81 4.13
N GLU A 25 -4.48 3.57 4.94
CA GLU A 25 -3.14 4.06 4.59
C GLU A 25 -2.07 2.95 4.55
N ASP A 26 -2.32 1.76 5.12
CA ASP A 26 -1.59 0.52 4.83
C ASP A 26 -1.64 0.19 3.33
N ILE A 27 -2.82 -0.13 2.79
CA ILE A 27 -2.91 -0.57 1.40
C ILE A 27 -2.49 0.55 0.45
N LYS A 28 -2.66 1.82 0.83
CA LYS A 28 -2.12 2.95 0.06
C LYS A 28 -0.59 2.94 0.00
N ALA A 29 0.10 2.75 1.13
CA ALA A 29 1.57 2.66 1.17
C ALA A 29 2.11 1.39 0.48
N LYS A 30 1.48 0.24 0.73
CA LYS A 30 1.79 -1.05 0.09
C LYS A 30 1.53 -1.02 -1.43
N MET A 31 0.58 -0.21 -1.91
CA MET A 31 0.41 0.10 -3.33
C MET A 31 1.46 1.06 -3.89
N GLN A 32 2.02 2.01 -3.12
CA GLN A 32 3.16 2.82 -3.60
C GLN A 32 4.42 1.94 -3.76
N ALA A 33 4.65 1.02 -2.83
CA ALA A 33 5.68 0.00 -2.97
C ALA A 33 5.43 -0.85 -4.22
N SER A 34 4.22 -1.36 -4.41
CA SER A 34 3.84 -2.18 -5.57
C SER A 34 4.05 -1.44 -6.92
N ILE A 35 3.62 -0.18 -7.04
CA ILE A 35 3.73 0.60 -8.28
C ILE A 35 5.16 1.07 -8.60
N GLU A 36 6.06 1.06 -7.61
CA GLU A 36 7.50 1.30 -7.84
C GLU A 36 8.32 0.00 -8.02
N LYS A 37 7.88 -1.13 -7.45
CA LYS A 37 8.66 -2.39 -7.41
C LYS A 37 8.24 -3.45 -8.44
N GLY A 38 7.11 -3.26 -9.12
CA GLY A 38 6.73 -4.09 -10.28
C GLY A 38 5.67 -3.45 -11.18
N GLY A 39 4.70 -2.74 -10.60
CA GLY A 39 3.59 -2.12 -11.33
C GLY A 39 2.45 -3.08 -11.69
N SER A 40 2.49 -4.34 -11.25
CA SER A 40 1.52 -5.38 -11.62
C SER A 40 0.26 -5.34 -10.74
N LEU A 41 -0.40 -4.17 -10.77
CA LEU A 41 -1.73 -3.93 -10.23
C LEU A 41 -2.81 -4.24 -11.29
N PRO A 42 -4.05 -4.58 -10.92
CA PRO A 42 -5.08 -5.02 -11.87
C PRO A 42 -5.42 -4.05 -13.00
N LYS A 43 -5.96 -4.61 -14.09
CA LYS A 43 -6.37 -3.92 -15.34
C LYS A 43 -7.83 -3.46 -15.33
N VAL A 44 -8.66 -4.00 -14.42
CA VAL A 44 -10.10 -3.70 -14.31
C VAL A 44 -10.57 -3.61 -12.86
N GLU A 45 -11.53 -2.72 -12.61
CA GLU A 45 -12.09 -2.39 -11.29
C GLU A 45 -12.58 -3.62 -10.48
N ALA A 46 -13.18 -4.62 -11.11
CA ALA A 46 -13.67 -5.83 -10.43
C ALA A 46 -12.52 -6.65 -9.81
N LYS A 47 -11.42 -6.80 -10.58
CA LYS A 47 -10.18 -7.43 -10.13
C LYS A 47 -9.47 -6.58 -9.07
N PHE A 48 -9.60 -5.25 -9.14
CA PHE A 48 -9.05 -4.35 -8.15
C PHE A 48 -9.75 -4.47 -6.78
N ILE A 49 -11.09 -4.52 -6.77
CA ILE A 49 -11.90 -4.80 -5.56
C ILE A 49 -11.50 -6.16 -4.96
N ASN A 50 -11.38 -7.18 -5.81
CA ASN A 50 -10.85 -8.50 -5.43
C ASN A 50 -9.43 -8.42 -4.82
N TYR A 51 -8.52 -7.64 -5.41
CA TYR A 51 -7.15 -7.47 -4.92
C TYR A 51 -7.12 -6.85 -3.52
N VAL A 52 -7.93 -5.80 -3.28
CA VAL A 52 -8.02 -5.14 -1.98
C VAL A 52 -8.56 -6.09 -0.89
N LYS A 53 -9.62 -6.84 -1.21
CA LYS A 53 -10.20 -7.90 -0.36
C LYS A 53 -9.20 -9.02 -0.02
N ASN A 54 -8.22 -9.26 -0.90
CA ASN A 54 -7.13 -10.21 -0.69
C ASN A 54 -5.94 -9.62 0.12
N CYS A 55 -5.58 -8.35 -0.13
CA CYS A 55 -4.29 -7.75 0.27
C CYS A 55 -4.33 -7.01 1.64
N PHE A 56 -5.41 -6.30 1.94
CA PHE A 56 -5.63 -5.63 3.25
C PHE A 56 -7.01 -5.94 3.85
N ARG A 57 -7.78 -6.81 3.18
CA ARG A 57 -8.99 -7.47 3.66
C ARG A 57 -10.15 -6.57 4.11
N MET A 58 -10.23 -5.37 3.52
CA MET A 58 -11.40 -4.49 3.59
C MET A 58 -12.66 -5.16 3.03
N THR A 59 -13.82 -4.72 3.48
CA THR A 59 -15.15 -5.13 2.97
C THR A 59 -16.05 -3.93 2.63
N ASP A 60 -15.76 -2.73 3.16
CA ASP A 60 -16.56 -1.51 2.92
C ASP A 60 -16.34 -0.96 1.51
N GLN A 61 -17.26 -1.28 0.58
CA GLN A 61 -17.19 -0.91 -0.84
C GLN A 61 -17.04 0.61 -1.07
N GLU A 62 -17.56 1.45 -0.17
CA GLU A 62 -17.43 2.91 -0.17
C GLU A 62 -15.99 3.39 0.08
N ALA A 63 -15.21 2.69 0.91
CA ALA A 63 -13.80 2.98 1.17
C ALA A 63 -12.90 2.33 0.11
N ILE A 64 -13.28 1.15 -0.39
CA ILE A 64 -12.60 0.48 -1.51
C ILE A 64 -12.68 1.36 -2.78
N GLN A 65 -13.85 1.94 -3.09
CA GLN A 65 -13.98 2.86 -4.23
C GLN A 65 -13.36 4.25 -3.94
N ASP A 66 -13.43 4.76 -2.70
CA ASP A 66 -12.68 5.97 -2.34
C ASP A 66 -11.17 5.77 -2.57
N LEU A 67 -10.66 4.57 -2.26
CA LEU A 67 -9.28 4.16 -2.48
C LEU A 67 -8.96 3.98 -3.99
N TRP A 68 -9.90 3.44 -4.78
CA TRP A 68 -9.76 3.37 -6.25
C TRP A 68 -9.69 4.76 -6.90
N GLN A 69 -10.54 5.69 -6.48
CA GLN A 69 -10.47 7.12 -6.84
C GLN A 69 -9.16 7.78 -6.35
N TRP A 70 -8.68 7.42 -5.15
CA TRP A 70 -7.43 7.91 -4.58
C TRP A 70 -6.22 7.49 -5.44
N ARG A 71 -6.23 6.28 -6.04
CA ARG A 71 -5.24 5.85 -7.05
C ARG A 71 -5.54 6.29 -8.50
N LYS A 72 -6.71 6.89 -8.78
CA LYS A 72 -6.91 7.69 -10.00
C LYS A 72 -6.10 8.99 -9.91
N SER A 73 -6.11 9.64 -8.75
CA SER A 73 -5.30 10.86 -8.49
C SER A 73 -3.78 10.57 -8.34
N LEU A 74 -3.43 9.54 -7.55
CA LEU A 74 -2.09 8.97 -7.33
C LEU A 74 -1.02 9.96 -6.81
N GLN A 5 30.82 19.65 23.86
CA GLN A 5 30.72 18.74 22.71
C GLN A 5 29.30 18.21 22.58
N GLU A 6 28.81 18.03 21.35
CA GLU A 6 27.47 17.48 21.05
C GLU A 6 27.49 15.93 21.03
N SER A 7 28.02 15.31 22.09
CA SER A 7 28.26 13.86 22.19
C SER A 7 27.14 13.07 22.88
N PHE A 8 26.30 13.73 23.68
CA PHE A 8 25.11 13.18 24.35
C PHE A 8 25.36 11.94 25.26
N LYS A 9 24.29 11.31 25.73
CA LYS A 9 24.28 10.36 26.86
C LYS A 9 24.35 8.88 26.43
N LYS A 10 23.56 8.48 25.43
CA LYS A 10 23.48 7.09 24.92
C LYS A 10 22.80 7.00 23.53
N GLN A 11 23.19 7.83 22.57
CA GLN A 11 22.64 7.78 21.19
C GLN A 11 23.20 6.60 20.39
N GLU A 12 22.33 5.77 19.82
CA GLU A 12 22.68 4.48 19.19
C GLU A 12 22.26 4.34 17.72
N LYS A 13 21.45 5.27 17.20
CA LYS A 13 20.92 5.30 15.82
C LYS A 13 20.29 3.98 15.34
N THR A 14 19.63 3.27 16.26
CA THR A 14 18.95 2.00 16.03
C THR A 14 17.62 2.18 15.26
N PRO A 15 17.21 1.23 14.37
CA PRO A 15 16.03 1.39 13.50
C PRO A 15 14.68 1.40 14.25
N LYS A 16 14.05 2.59 14.31
CA LYS A 16 12.84 2.87 15.09
C LYS A 16 11.87 3.81 14.35
N THR A 17 11.72 3.61 13.04
CA THR A 17 10.79 4.34 12.15
C THR A 17 10.12 3.34 11.19
N PRO A 18 9.09 2.58 11.65
CA PRO A 18 8.37 1.62 10.82
C PRO A 18 7.46 2.30 9.79
N LYS A 19 7.14 1.58 8.70
CA LYS A 19 6.37 2.06 7.53
C LYS A 19 4.99 1.41 7.35
N GLY A 20 4.59 0.50 8.24
CA GLY A 20 3.29 -0.21 8.26
C GLY A 20 2.32 0.27 9.36
N PRO A 21 1.43 1.26 9.09
CA PRO A 21 0.28 1.61 9.94
C PRO A 21 -0.70 0.46 10.26
N SER A 22 -1.77 0.77 10.98
CA SER A 22 -2.81 -0.20 11.39
C SER A 22 -4.13 -0.09 10.62
N SER A 23 -4.46 1.09 10.06
CA SER A 23 -5.68 1.36 9.26
C SER A 23 -5.35 1.62 7.78
N VAL A 24 -6.28 2.18 6.99
CA VAL A 24 -6.22 2.29 5.51
C VAL A 24 -4.93 2.94 4.97
N GLU A 25 -4.29 3.82 5.75
CA GLU A 25 -2.97 4.38 5.41
C GLU A 25 -1.87 3.32 5.18
N ASP A 26 -2.03 2.10 5.71
CA ASP A 26 -1.17 0.93 5.47
C ASP A 26 -1.32 0.38 4.04
N ILE A 27 -2.52 0.00 3.58
CA ILE A 27 -2.72 -0.41 2.17
C ILE A 27 -2.39 0.74 1.21
N LYS A 28 -2.64 2.00 1.60
CA LYS A 28 -2.24 3.18 0.81
C LYS A 28 -0.72 3.24 0.63
N ALA A 29 0.05 3.08 1.70
CA ALA A 29 1.50 3.03 1.67
C ALA A 29 2.04 1.80 0.92
N LYS A 30 1.46 0.61 1.14
CA LYS A 30 1.90 -0.67 0.54
C LYS A 30 1.53 -0.78 -0.94
N MET A 31 0.45 -0.15 -1.40
CA MET A 31 0.15 0.01 -2.83
C MET A 31 1.10 1.03 -3.50
N GLN A 32 1.44 2.14 -2.84
CA GLN A 32 2.51 3.03 -3.32
C GLN A 32 3.85 2.29 -3.39
N ALA A 33 4.20 1.50 -2.37
CA ALA A 33 5.40 0.67 -2.37
C ALA A 33 5.38 -0.37 -3.50
N SER A 34 4.24 -0.99 -3.78
CA SER A 34 4.06 -1.90 -4.92
C SER A 34 4.34 -1.21 -6.27
N ILE A 35 3.90 0.04 -6.45
CA ILE A 35 4.20 0.86 -7.63
C ILE A 35 5.71 1.17 -7.71
N GLU A 36 6.35 1.52 -6.58
CA GLU A 36 7.80 1.76 -6.51
C GLU A 36 8.66 0.49 -6.67
N LYS A 37 8.09 -0.70 -6.43
CA LYS A 37 8.74 -2.02 -6.50
C LYS A 37 8.30 -2.89 -7.70
N GLY A 38 7.56 -2.32 -8.65
CA GLY A 38 7.31 -2.91 -9.97
C GLY A 38 6.17 -3.94 -10.06
N GLY A 39 5.30 -4.03 -9.05
CA GLY A 39 4.14 -4.93 -9.08
C GLY A 39 3.02 -4.43 -10.01
N SER A 40 2.15 -5.34 -10.49
CA SER A 40 0.98 -5.02 -11.32
C SER A 40 -0.32 -4.91 -10.51
N LEU A 41 -1.30 -4.17 -11.03
CA LEU A 41 -2.60 -3.92 -10.40
C LEU A 41 -3.70 -3.72 -11.47
N PRO A 42 -4.95 -4.20 -11.30
CA PRO A 42 -5.97 -4.12 -12.34
C PRO A 42 -6.47 -2.68 -12.60
N LYS A 43 -7.10 -2.48 -13.76
CA LYS A 43 -7.78 -1.25 -14.18
C LYS A 43 -9.32 -1.41 -14.22
N VAL A 44 -9.82 -2.64 -14.40
CA VAL A 44 -11.26 -2.99 -14.40
C VAL A 44 -11.78 -3.33 -13.00
N GLU A 45 -13.01 -2.92 -12.68
CA GLU A 45 -13.49 -2.79 -11.30
C GLU A 45 -13.60 -4.11 -10.50
N ALA A 46 -14.16 -5.19 -11.05
CA ALA A 46 -14.33 -6.42 -10.28
C ALA A 46 -13.00 -7.13 -9.99
N LYS A 47 -12.09 -7.19 -10.98
CA LYS A 47 -10.73 -7.71 -10.77
C LYS A 47 -9.96 -6.85 -9.79
N PHE A 48 -10.15 -5.53 -9.82
CA PHE A 48 -9.55 -4.62 -8.87
C PHE A 48 -10.06 -4.88 -7.44
N ILE A 49 -11.37 -5.05 -7.24
CA ILE A 49 -11.97 -5.38 -5.94
C ILE A 49 -11.44 -6.73 -5.41
N ASN A 50 -11.42 -7.79 -6.24
CA ASN A 50 -10.84 -9.08 -5.86
C ASN A 50 -9.37 -8.94 -5.44
N TYR A 51 -8.58 -8.16 -6.18
CA TYR A 51 -7.15 -8.00 -5.92
C TYR A 51 -6.87 -7.11 -4.69
N VAL A 52 -7.68 -6.10 -4.41
CA VAL A 52 -7.66 -5.34 -3.14
C VAL A 52 -8.04 -6.23 -1.95
N LYS A 53 -9.04 -7.10 -2.09
CA LYS A 53 -9.39 -8.13 -1.10
C LYS A 53 -8.28 -9.17 -0.90
N ASN A 54 -7.35 -9.30 -1.86
CA ASN A 54 -6.05 -9.99 -1.71
C ASN A 54 -4.98 -9.12 -1.03
N CYS A 55 -4.87 -7.83 -1.36
CA CYS A 55 -3.85 -6.94 -0.80
C CYS A 55 -4.06 -6.62 0.69
N PHE A 56 -5.31 -6.58 1.16
CA PHE A 56 -5.61 -6.63 2.60
C PHE A 56 -6.77 -7.60 2.94
N ARG A 57 -8.03 -7.11 2.97
CA ARG A 57 -9.21 -7.89 3.38
C ARG A 57 -10.52 -7.24 2.92
N MET A 58 -10.70 -5.96 3.27
CA MET A 58 -11.67 -4.96 2.78
C MET A 58 -13.15 -5.38 2.62
N THR A 59 -14.00 -4.84 3.50
CA THR A 59 -15.47 -4.74 3.35
C THR A 59 -15.97 -3.30 3.26
N ASP A 60 -15.17 -2.31 3.66
CA ASP A 60 -15.55 -0.89 3.69
C ASP A 60 -15.59 -0.27 2.29
N GLN A 61 -16.78 -0.17 1.68
CA GLN A 61 -16.90 0.31 0.30
C GLN A 61 -16.43 1.76 0.12
N GLU A 62 -16.57 2.61 1.14
CA GLU A 62 -15.99 3.96 1.16
C GLU A 62 -14.45 3.98 0.97
N ALA A 63 -13.72 3.01 1.51
CA ALA A 63 -12.26 2.87 1.29
C ALA A 63 -11.97 2.18 -0.05
N ILE A 64 -12.77 1.19 -0.45
CA ILE A 64 -12.64 0.50 -1.75
C ILE A 64 -12.81 1.51 -2.89
N GLN A 65 -13.81 2.39 -2.83
CA GLN A 65 -14.00 3.46 -3.83
C GLN A 65 -12.98 4.59 -3.69
N ASP A 66 -12.49 4.91 -2.49
CA ASP A 66 -11.39 5.88 -2.35
C ASP A 66 -10.08 5.36 -2.98
N LEU A 67 -9.82 4.07 -2.83
CA LEU A 67 -8.71 3.35 -3.47
C LEU A 67 -8.91 3.23 -4.99
N TRP A 68 -10.14 3.05 -5.46
CA TRP A 68 -10.50 3.02 -6.89
C TRP A 68 -10.26 4.38 -7.56
N GLN A 69 -10.75 5.45 -6.93
CA GLN A 69 -10.53 6.84 -7.38
C GLN A 69 -9.05 7.23 -7.31
N TRP A 70 -8.28 6.71 -6.34
CA TRP A 70 -6.83 6.82 -6.33
C TRP A 70 -6.19 6.16 -7.56
N ARG A 71 -6.54 4.89 -7.86
CA ARG A 71 -6.03 4.15 -9.02
C ARG A 71 -6.35 4.86 -10.35
N LYS A 72 -7.54 5.45 -10.50
CA LYS A 72 -7.91 6.31 -11.64
C LYS A 72 -7.07 7.58 -11.74
N SER A 73 -6.66 8.15 -10.60
CA SER A 73 -6.00 9.47 -10.52
C SER A 73 -4.48 9.49 -10.80
N LEU A 74 -3.88 8.37 -11.20
CA LEU A 74 -2.49 8.29 -11.71
C LEU A 74 -2.32 7.25 -12.82
N GLN A 5 44.30 22.69 10.68
CA GLN A 5 42.98 22.15 10.28
C GLN A 5 42.09 21.96 11.50
N GLU A 6 40.78 22.13 11.35
CA GLU A 6 39.80 22.13 12.44
C GLU A 6 39.49 20.73 12.99
N SER A 7 38.92 20.71 14.20
CA SER A 7 38.46 19.52 14.92
C SER A 7 36.94 19.60 15.08
N PHE A 8 36.21 18.69 14.44
CA PHE A 8 34.74 18.72 14.33
C PHE A 8 34.06 17.44 14.84
N LYS A 9 32.77 17.58 15.15
CA LYS A 9 31.81 16.49 15.35
C LYS A 9 31.54 15.77 14.02
N LYS A 10 31.06 14.52 14.07
CA LYS A 10 30.81 13.68 12.88
C LYS A 10 29.61 12.74 13.06
N GLN A 11 28.96 12.37 11.95
CA GLN A 11 27.82 11.44 11.91
C GLN A 11 28.05 10.26 10.94
N GLU A 12 27.14 9.29 11.01
CA GLU A 12 26.99 8.19 10.04
C GLU A 12 25.61 8.17 9.37
N LYS A 13 24.62 8.88 9.91
CA LYS A 13 23.24 8.98 9.41
C LYS A 13 22.62 7.60 9.14
N THR A 14 22.14 6.95 10.20
CA THR A 14 21.33 5.71 10.13
C THR A 14 19.95 5.86 10.83
N PRO A 15 19.12 6.86 10.49
CA PRO A 15 17.77 6.99 11.06
C PRO A 15 16.80 5.97 10.42
N LYS A 16 16.24 5.06 11.21
CA LYS A 16 15.15 4.16 10.80
C LYS A 16 13.85 4.93 10.61
N THR A 17 12.97 4.39 9.77
CA THR A 17 11.59 4.86 9.56
C THR A 17 10.63 3.67 9.65
N PRO A 18 10.14 3.28 10.85
CA PRO A 18 9.05 2.31 10.96
C PRO A 18 7.79 2.90 10.32
N LYS A 19 7.06 2.07 9.56
CA LYS A 19 6.06 2.53 8.59
C LYS A 19 4.80 1.64 8.51
N GLY A 20 3.86 2.03 7.65
CA GLY A 20 2.58 1.36 7.45
C GLY A 20 1.54 1.80 8.49
N PRO A 21 0.78 2.88 8.24
CA PRO A 21 -0.17 3.49 9.17
C PRO A 21 -1.21 2.56 9.81
N SER A 22 -1.97 3.12 10.75
CA SER A 22 -3.02 2.44 11.51
C SER A 22 -4.43 2.77 10.98
N SER A 23 -4.56 2.91 9.66
CA SER A 23 -5.75 3.41 8.94
C SER A 23 -5.73 2.98 7.46
N VAL A 24 -6.75 3.34 6.66
CA VAL A 24 -6.80 3.13 5.19
C VAL A 24 -5.60 3.73 4.44
N GLU A 25 -5.00 4.78 4.99
CA GLU A 25 -3.74 5.39 4.56
C GLU A 25 -2.62 4.36 4.32
N ASP A 26 -2.60 3.26 5.09
CA ASP A 26 -1.68 2.12 4.94
C ASP A 26 -1.95 1.32 3.67
N ILE A 27 -3.18 0.83 3.48
CA ILE A 27 -3.47 -0.03 2.33
C ILE A 27 -3.35 0.74 1.01
N LYS A 28 -3.69 2.04 0.96
CA LYS A 28 -3.47 2.84 -0.25
C LYS A 28 -2.00 3.22 -0.46
N ALA A 29 -1.24 3.55 0.59
CA ALA A 29 0.20 3.76 0.45
C ALA A 29 0.96 2.50 -0.01
N LYS A 30 0.52 1.30 0.41
CA LYS A 30 1.13 0.01 0.05
C LYS A 30 0.70 -0.50 -1.33
N MET A 31 -0.57 -0.35 -1.71
CA MET A 31 -1.05 -0.65 -3.06
C MET A 31 -0.39 0.26 -4.11
N GLN A 32 -0.30 1.57 -3.82
CA GLN A 32 0.39 2.53 -4.70
C GLN A 32 1.89 2.28 -4.77
N ALA A 33 2.55 1.91 -3.67
CA ALA A 33 3.93 1.44 -3.71
C ALA A 33 4.08 0.17 -4.56
N SER A 34 3.16 -0.79 -4.47
CA SER A 34 3.21 -2.05 -5.23
C SER A 34 3.14 -1.83 -6.76
N ILE A 35 2.31 -0.89 -7.24
CA ILE A 35 2.29 -0.49 -8.67
C ILE A 35 3.46 0.44 -9.06
N GLU A 36 4.03 1.22 -8.14
CA GLU A 36 5.17 2.13 -8.42
C GLU A 36 6.56 1.51 -8.26
N LYS A 37 6.69 0.40 -7.54
CA LYS A 37 7.96 -0.29 -7.24
C LYS A 37 8.04 -1.67 -7.88
N GLY A 38 6.94 -2.42 -7.88
CA GLY A 38 6.82 -3.75 -8.49
C GLY A 38 6.18 -3.77 -9.90
N GLY A 39 5.60 -2.65 -10.34
CA GLY A 39 4.79 -2.59 -11.58
C GLY A 39 3.52 -3.45 -11.50
N SER A 40 3.07 -3.80 -10.29
CA SER A 40 2.03 -4.80 -10.00
C SER A 40 0.61 -4.21 -10.11
N LEU A 41 -0.38 -4.92 -9.56
CA LEU A 41 -1.83 -4.64 -9.56
C LEU A 41 -2.53 -4.74 -10.94
N PRO A 42 -3.84 -5.09 -10.98
CA PRO A 42 -4.66 -5.07 -12.19
C PRO A 42 -5.11 -3.66 -12.63
N LYS A 43 -5.55 -3.57 -13.89
CA LYS A 43 -6.14 -2.39 -14.56
C LYS A 43 -7.64 -2.25 -14.29
N VAL A 44 -8.40 -3.35 -14.45
CA VAL A 44 -9.86 -3.35 -14.43
C VAL A 44 -10.39 -3.37 -12.99
N GLU A 45 -11.37 -2.54 -12.67
CA GLU A 45 -11.76 -2.32 -11.26
C GLU A 45 -12.30 -3.57 -10.55
N ALA A 46 -13.07 -4.43 -11.21
CA ALA A 46 -13.49 -5.72 -10.63
C ALA A 46 -12.30 -6.62 -10.27
N LYS A 47 -11.26 -6.63 -11.11
CA LYS A 47 -10.00 -7.36 -10.87
C LYS A 47 -9.19 -6.71 -9.75
N PHE A 48 -9.17 -5.38 -9.67
CA PHE A 48 -8.47 -4.67 -8.60
C PHE A 48 -9.14 -4.92 -7.24
N ILE A 49 -10.48 -4.88 -7.16
CA ILE A 49 -11.26 -5.23 -5.96
C ILE A 49 -11.01 -6.69 -5.54
N ASN A 50 -11.03 -7.64 -6.49
CA ASN A 50 -10.67 -9.03 -6.21
C ASN A 50 -9.26 -9.15 -5.61
N TYR A 51 -8.27 -8.50 -6.25
CA TYR A 51 -6.88 -8.57 -5.84
C TYR A 51 -6.66 -7.98 -4.43
N VAL A 52 -7.26 -6.82 -4.15
CA VAL A 52 -7.23 -6.18 -2.82
C VAL A 52 -7.85 -7.07 -1.74
N LYS A 53 -9.00 -7.72 -2.03
CA LYS A 53 -9.64 -8.65 -1.08
C LYS A 53 -8.92 -10.00 -0.96
N ASN A 54 -8.06 -10.36 -1.92
CA ASN A 54 -7.05 -11.42 -1.79
C ASN A 54 -5.86 -11.00 -0.90
N CYS A 55 -5.54 -9.71 -0.81
CA CYS A 55 -4.46 -9.19 0.04
C CYS A 55 -4.89 -8.98 1.51
N PHE A 56 -6.10 -8.44 1.76
CA PHE A 56 -6.53 -7.99 3.09
C PHE A 56 -8.06 -8.09 3.33
N ARG A 57 -8.45 -8.10 4.62
CA ARG A 57 -9.84 -8.12 5.17
C ARG A 57 -10.59 -6.78 5.03
N MET A 58 -10.84 -6.31 3.81
CA MET A 58 -11.63 -5.09 3.56
C MET A 58 -13.14 -5.34 3.56
N THR A 59 -13.89 -4.45 4.19
CA THR A 59 -15.37 -4.47 4.22
C THR A 59 -16.00 -3.14 3.81
N ASP A 60 -15.25 -2.04 3.83
CA ASP A 60 -15.74 -0.69 3.53
C ASP A 60 -15.59 -0.31 2.05
N GLN A 61 -16.70 -0.18 1.32
CA GLN A 61 -16.67 0.39 -0.03
C GLN A 61 -16.28 1.87 -0.05
N GLU A 62 -16.45 2.59 1.06
CA GLU A 62 -15.87 3.94 1.22
C GLU A 62 -14.33 3.93 1.17
N ALA A 63 -13.67 2.94 1.77
CA ALA A 63 -12.21 2.80 1.67
C ALA A 63 -11.77 2.24 0.31
N ILE A 64 -12.60 1.40 -0.33
CA ILE A 64 -12.30 0.82 -1.64
C ILE A 64 -12.43 1.87 -2.77
N GLN A 65 -13.43 2.76 -2.71
CA GLN A 65 -13.46 3.91 -3.63
C GLN A 65 -12.37 4.93 -3.31
N ASP A 66 -11.94 5.07 -2.05
CA ASP A 66 -10.77 5.90 -1.71
C ASP A 66 -9.48 5.30 -2.31
N LEU A 67 -9.32 3.98 -2.23
CA LEU A 67 -8.29 3.20 -2.93
C LEU A 67 -8.35 3.42 -4.45
N TRP A 68 -9.55 3.39 -5.05
CA TRP A 68 -9.76 3.66 -6.49
C TRP A 68 -9.32 5.09 -6.84
N GLN A 69 -9.62 6.11 -6.02
CA GLN A 69 -9.15 7.48 -6.27
C GLN A 69 -7.61 7.54 -6.24
N TRP A 70 -6.95 6.83 -5.32
CA TRP A 70 -5.49 6.74 -5.27
C TRP A 70 -4.88 5.91 -6.44
N ARG A 71 -5.56 4.84 -6.90
CA ARG A 71 -5.11 3.96 -8.00
C ARG A 71 -5.38 4.53 -9.39
N LYS A 72 -6.30 5.49 -9.53
CA LYS A 72 -6.51 6.28 -10.76
C LYS A 72 -5.79 7.64 -10.77
N SER A 73 -5.48 8.21 -9.60
CA SER A 73 -4.62 9.40 -9.48
C SER A 73 -3.13 9.02 -9.54
N LEU A 74 -2.76 8.27 -10.59
CA LEU A 74 -1.44 7.67 -10.81
C LEU A 74 -0.61 8.51 -11.79
N GLN A 5 40.88 5.98 17.11
CA GLN A 5 39.95 6.57 18.11
C GLN A 5 38.55 5.95 18.02
N GLU A 6 37.76 6.29 17.00
CA GLU A 6 36.39 5.77 16.82
C GLU A 6 36.42 4.43 16.07
N SER A 7 35.72 3.42 16.58
CA SER A 7 35.53 2.11 15.93
C SER A 7 34.21 1.46 16.34
N PHE A 8 33.58 0.71 15.45
CA PHE A 8 32.22 0.19 15.66
C PHE A 8 31.91 -1.08 14.85
N LYS A 9 30.78 -1.69 15.25
CA LYS A 9 30.30 -3.01 14.83
C LYS A 9 28.78 -2.97 14.57
N LYS A 10 28.31 -1.88 13.94
CA LYS A 10 26.94 -1.35 14.00
C LYS A 10 26.02 -1.70 12.82
N GLN A 11 26.56 -2.09 11.66
CA GLN A 11 25.78 -2.38 10.45
C GLN A 11 24.71 -3.48 10.62
N GLU A 12 23.64 -3.44 9.82
CA GLU A 12 22.68 -4.54 9.77
C GLU A 12 22.98 -5.58 8.69
N LYS A 13 22.63 -6.84 8.96
CA LYS A 13 22.67 -7.97 8.03
C LYS A 13 21.32 -8.70 8.03
N THR A 14 20.84 -9.11 6.85
CA THR A 14 19.60 -9.88 6.61
C THR A 14 18.37 -9.36 7.40
N PRO A 15 17.95 -8.10 7.21
CA PRO A 15 16.88 -7.46 8.00
C PRO A 15 15.46 -7.92 7.60
N LYS A 16 14.52 -7.81 8.54
CA LYS A 16 13.07 -8.04 8.36
C LYS A 16 12.24 -7.07 9.21
N THR A 17 12.32 -5.78 8.90
CA THR A 17 11.80 -4.67 9.74
C THR A 17 10.28 -4.48 9.56
N PRO A 18 9.51 -4.17 10.62
CA PRO A 18 8.05 -4.08 10.54
C PRO A 18 7.53 -2.70 10.05
N LYS A 19 6.65 -2.74 9.04
CA LYS A 19 5.72 -1.68 8.63
C LYS A 19 4.37 -2.31 8.22
N GLY A 20 3.25 -1.73 8.64
CA GLY A 20 1.92 -2.27 8.34
C GLY A 20 0.80 -1.76 9.27
N PRO A 21 0.14 -0.62 9.02
CA PRO A 21 -1.01 -0.13 9.79
C PRO A 21 -2.24 -1.07 9.80
N SER A 22 -3.26 -0.72 10.60
CA SER A 22 -4.56 -1.43 10.68
C SER A 22 -5.70 -0.76 9.90
N SER A 23 -5.39 0.25 9.07
CA SER A 23 -6.36 1.13 8.37
C SER A 23 -6.04 1.25 6.87
N VAL A 24 -6.88 1.92 6.06
CA VAL A 24 -6.67 2.09 4.59
C VAL A 24 -5.28 2.65 4.24
N GLU A 25 -4.68 3.44 5.14
CA GLU A 25 -3.27 3.88 5.11
C GLU A 25 -2.26 2.76 4.73
N ASP A 26 -2.48 1.53 5.23
CA ASP A 26 -1.64 0.37 4.96
C ASP A 26 -1.71 -0.05 3.49
N ILE A 27 -2.91 -0.36 3.00
CA ILE A 27 -3.11 -0.85 1.64
C ILE A 27 -2.69 0.19 0.61
N LYS A 28 -2.95 1.49 0.83
CA LYS A 28 -2.50 2.52 -0.12
C LYS A 28 -0.98 2.69 -0.14
N ALA A 29 -0.32 2.69 1.02
CA ALA A 29 1.15 2.72 1.06
C ALA A 29 1.79 1.47 0.40
N LYS A 30 1.25 0.28 0.69
CA LYS A 30 1.70 -1.01 0.13
C LYS A 30 1.42 -1.13 -1.38
N MET A 31 0.35 -0.49 -1.89
CA MET A 31 0.08 -0.35 -3.33
C MET A 31 1.18 0.46 -4.04
N GLN A 32 1.54 1.65 -3.55
CA GLN A 32 2.65 2.39 -4.21
C GLN A 32 4.01 1.69 -4.04
N ALA A 33 4.22 0.96 -2.94
CA ALA A 33 5.41 0.11 -2.81
C ALA A 33 5.46 -0.96 -3.91
N SER A 34 4.33 -1.56 -4.31
CA SER A 34 4.29 -2.45 -5.49
C SER A 34 4.49 -1.71 -6.82
N ILE A 35 4.03 -0.46 -6.97
CA ILE A 35 4.31 0.37 -8.17
C ILE A 35 5.83 0.64 -8.32
N GLU A 36 6.54 0.85 -7.22
CA GLU A 36 8.00 1.04 -7.21
C GLU A 36 8.82 -0.26 -7.34
N LYS A 37 8.28 -1.40 -6.89
CA LYS A 37 9.00 -2.70 -6.89
C LYS A 37 8.67 -3.62 -8.09
N GLY A 38 7.53 -3.47 -8.77
CA GLY A 38 7.17 -4.37 -9.88
C GLY A 38 6.07 -3.92 -10.85
N GLY A 39 5.34 -2.82 -10.59
CA GLY A 39 4.41 -2.20 -11.54
C GLY A 39 3.19 -3.05 -11.95
N SER A 40 2.86 -4.09 -11.19
CA SER A 40 1.86 -5.12 -11.55
C SER A 40 0.58 -4.99 -10.71
N LEU A 41 -0.18 -3.93 -10.94
CA LEU A 41 -1.47 -3.67 -10.28
C LEU A 41 -2.60 -3.57 -11.32
N PRO A 42 -3.82 -4.10 -11.04
CA PRO A 42 -4.95 -4.08 -11.97
C PRO A 42 -5.71 -2.73 -11.99
N LYS A 43 -6.55 -2.56 -13.00
CA LYS A 43 -7.43 -1.38 -13.21
C LYS A 43 -8.91 -1.71 -13.47
N VAL A 44 -9.24 -2.93 -13.92
CA VAL A 44 -10.63 -3.38 -14.10
C VAL A 44 -11.31 -3.55 -12.73
N GLU A 45 -12.52 -3.01 -12.52
CA GLU A 45 -13.04 -2.77 -11.16
C GLU A 45 -13.17 -4.05 -10.31
N ALA A 46 -13.68 -5.15 -10.87
CA ALA A 46 -13.79 -6.44 -10.15
C ALA A 46 -12.42 -7.08 -9.84
N LYS A 47 -11.44 -6.88 -10.74
CA LYS A 47 -10.04 -7.34 -10.55
C LYS A 47 -9.34 -6.51 -9.48
N PHE A 48 -9.59 -5.20 -9.45
CA PHE A 48 -9.06 -4.31 -8.41
C PHE A 48 -9.62 -4.65 -7.03
N ILE A 49 -10.91 -4.97 -6.91
CA ILE A 49 -11.51 -5.42 -5.65
C ILE A 49 -10.98 -6.80 -5.22
N ASN A 50 -10.78 -7.74 -6.15
CA ASN A 50 -10.09 -9.02 -5.91
C ASN A 50 -8.66 -8.81 -5.34
N TYR A 51 -7.93 -7.87 -5.92
CA TYR A 51 -6.58 -7.49 -5.51
C TYR A 51 -6.55 -6.75 -4.15
N VAL A 52 -7.54 -5.90 -3.88
CA VAL A 52 -7.78 -5.30 -2.56
C VAL A 52 -7.97 -6.38 -1.51
N LYS A 53 -8.85 -7.37 -1.74
CA LYS A 53 -9.01 -8.52 -0.83
C LYS A 53 -7.72 -9.32 -0.63
N ASN A 54 -6.83 -9.38 -1.65
CA ASN A 54 -5.49 -9.97 -1.53
C ASN A 54 -4.50 -9.15 -0.66
N CYS A 55 -4.70 -7.83 -0.49
CA CYS A 55 -3.74 -6.95 0.20
C CYS A 55 -4.23 -6.42 1.56
N PHE A 56 -5.50 -6.03 1.68
CA PHE A 56 -6.18 -5.75 2.95
C PHE A 56 -7.68 -5.98 2.75
N ARG A 57 -8.22 -7.02 3.37
CA ARG A 57 -9.59 -7.52 3.13
C ARG A 57 -10.72 -6.67 3.74
N MET A 58 -10.89 -5.48 3.20
CA MET A 58 -11.93 -4.50 3.53
C MET A 58 -13.36 -5.03 3.27
N THR A 59 -14.34 -4.42 3.93
CA THR A 59 -15.80 -4.53 3.68
C THR A 59 -16.48 -3.15 3.51
N ASP A 60 -15.84 -2.06 3.95
CA ASP A 60 -16.31 -0.66 3.82
C ASP A 60 -16.32 -0.19 2.35
N GLN A 61 -17.42 -0.40 1.63
CA GLN A 61 -17.48 -0.15 0.19
C GLN A 61 -17.26 1.32 -0.18
N GLU A 62 -17.67 2.28 0.68
CA GLU A 62 -17.41 3.71 0.45
C GLU A 62 -15.91 4.05 0.46
N ALA A 63 -15.13 3.36 1.31
CA ALA A 63 -13.68 3.47 1.39
C ALA A 63 -12.97 2.69 0.28
N ILE A 64 -13.50 1.53 -0.14
CA ILE A 64 -13.00 0.78 -1.32
C ILE A 64 -13.10 1.64 -2.59
N GLN A 65 -14.25 2.27 -2.84
CA GLN A 65 -14.43 3.09 -4.04
C GLN A 65 -13.69 4.44 -3.98
N ASP A 66 -13.45 4.99 -2.78
CA ASP A 66 -12.58 6.16 -2.57
C ASP A 66 -11.11 5.82 -2.84
N LEU A 67 -10.65 4.66 -2.34
CA LEU A 67 -9.31 4.10 -2.54
C LEU A 67 -9.03 3.82 -4.04
N TRP A 68 -10.04 3.31 -4.75
CA TRP A 68 -10.06 3.11 -6.21
C TRP A 68 -9.96 4.43 -6.99
N GLN A 69 -10.76 5.44 -6.65
CA GLN A 69 -10.75 6.75 -7.31
C GLN A 69 -9.41 7.48 -7.14
N TRP A 70 -8.80 7.43 -5.95
CA TRP A 70 -7.45 7.96 -5.74
C TRP A 70 -6.41 7.17 -6.54
N ARG A 71 -6.52 5.83 -6.63
CA ARG A 71 -5.60 5.01 -7.44
C ARG A 71 -5.62 5.40 -8.92
N LYS A 72 -6.82 5.60 -9.50
CA LYS A 72 -6.96 6.07 -10.90
C LYS A 72 -6.64 7.56 -11.11
N SER A 73 -6.43 8.32 -10.02
CA SER A 73 -5.94 9.70 -10.04
C SER A 73 -4.40 9.85 -10.00
N LEU A 74 -3.64 8.77 -9.76
CA LEU A 74 -2.16 8.75 -9.84
C LEU A 74 -1.64 9.08 -11.24
N GLN A 5 37.77 0.16 16.26
CA GLN A 5 36.90 -0.91 15.77
C GLN A 5 36.76 -0.83 14.26
N GLU A 6 36.59 -1.96 13.59
CA GLU A 6 36.41 -2.07 12.13
C GLU A 6 34.93 -2.26 11.75
N SER A 7 34.23 -3.12 12.50
CA SER A 7 32.88 -3.65 12.24
C SER A 7 32.79 -4.47 10.94
N PHE A 8 32.24 -5.69 11.01
CA PHE A 8 32.43 -6.73 9.99
C PHE A 8 31.56 -6.61 8.74
N LYS A 9 30.41 -5.91 8.83
CA LYS A 9 29.48 -5.67 7.70
C LYS A 9 28.90 -6.97 7.11
N LYS A 10 28.37 -6.93 5.87
CA LYS A 10 27.86 -8.06 5.07
C LYS A 10 26.55 -8.71 5.58
N GLN A 11 25.60 -8.90 4.67
CA GLN A 11 24.21 -9.34 4.87
C GLN A 11 23.38 -8.36 5.71
N GLU A 12 23.67 -8.25 7.01
CA GLU A 12 23.08 -7.35 8.02
C GLU A 12 21.56 -7.45 8.27
N LYS A 13 20.75 -7.91 7.31
CA LYS A 13 19.35 -8.39 7.44
C LYS A 13 18.41 -7.49 8.25
N THR A 14 18.51 -6.17 8.03
CA THR A 14 17.84 -5.12 8.83
C THR A 14 17.40 -3.92 7.96
N PRO A 15 16.36 -4.05 7.10
CA PRO A 15 15.78 -2.93 6.33
C PRO A 15 15.31 -1.75 7.19
N LYS A 16 14.77 -2.05 8.39
CA LYS A 16 14.16 -1.14 9.37
C LYS A 16 12.98 -0.33 8.81
N THR A 17 12.32 0.44 9.68
CA THR A 17 11.19 1.34 9.35
C THR A 17 10.05 0.64 8.58
N PRO A 18 9.39 -0.39 9.14
CA PRO A 18 8.29 -1.10 8.47
C PRO A 18 7.00 -0.27 8.40
N LYS A 19 6.20 -0.43 7.33
CA LYS A 19 4.95 0.33 7.11
C LYS A 19 3.68 -0.53 7.17
N GLY A 20 2.69 -0.01 7.88
CA GLY A 20 1.29 -0.42 7.82
C GLY A 20 0.36 0.41 8.75
N PRO A 21 0.12 1.73 8.47
CA PRO A 21 -0.62 2.60 9.39
C PRO A 21 -2.12 2.28 9.57
N SER A 22 -2.60 2.38 10.81
CA SER A 22 -3.73 1.61 11.37
C SER A 22 -5.17 1.84 10.86
N SER A 23 -5.37 2.46 9.70
CA SER A 23 -6.69 2.61 9.05
C SER A 23 -6.67 2.31 7.53
N VAL A 24 -6.26 3.27 6.68
CA VAL A 24 -6.25 3.15 5.20
C VAL A 24 -4.88 3.48 4.58
N GLU A 25 -4.07 4.31 5.25
CA GLU A 25 -2.69 4.58 4.83
C GLU A 25 -1.81 3.30 4.80
N ASP A 26 -2.21 2.22 5.48
CA ASP A 26 -1.69 0.85 5.29
C ASP A 26 -1.89 0.34 3.86
N ILE A 27 -3.14 0.21 3.38
CA ILE A 27 -3.41 -0.40 2.08
C ILE A 27 -2.91 0.51 0.94
N LYS A 28 -2.93 1.83 1.13
CA LYS A 28 -2.19 2.81 0.29
C LYS A 28 -0.69 2.51 0.26
N ALA A 29 0.01 2.51 1.40
CA ALA A 29 1.46 2.32 1.43
C ALA A 29 1.91 0.96 0.85
N LYS A 30 1.11 -0.10 1.06
CA LYS A 30 1.32 -1.45 0.52
C LYS A 30 1.11 -1.51 -1.00
N MET A 31 0.14 -0.77 -1.55
CA MET A 31 -0.05 -0.62 -3.01
C MET A 31 0.99 0.29 -3.66
N GLN A 32 1.39 1.39 -3.02
CA GLN A 32 2.46 2.26 -3.53
C GLN A 32 3.82 1.54 -3.55
N ALA A 33 4.11 0.75 -2.51
CA ALA A 33 5.25 -0.17 -2.52
C ALA A 33 5.14 -1.22 -3.64
N SER A 34 3.95 -1.78 -3.86
CA SER A 34 3.69 -2.75 -4.95
C SER A 34 4.09 -2.19 -6.32
N ILE A 35 3.64 -0.98 -6.67
CA ILE A 35 4.03 -0.35 -7.95
C ILE A 35 5.54 -0.09 -8.02
N GLU A 36 6.20 0.47 -6.99
CA GLU A 36 7.66 0.66 -7.11
C GLU A 36 8.49 -0.65 -7.07
N LYS A 37 7.93 -1.76 -6.55
CA LYS A 37 8.49 -3.13 -6.61
C LYS A 37 8.10 -3.93 -7.85
N GLY A 38 7.31 -3.36 -8.76
CA GLY A 38 7.02 -3.93 -10.09
C GLY A 38 5.67 -4.65 -10.24
N GLY A 39 4.78 -4.51 -9.27
CA GLY A 39 3.35 -4.86 -9.39
C GLY A 39 2.54 -3.81 -10.17
N SER A 40 1.22 -3.94 -10.14
CA SER A 40 0.27 -3.08 -10.89
C SER A 40 -1.02 -2.79 -10.11
N LEU A 41 -1.69 -1.69 -10.46
CA LEU A 41 -2.93 -1.16 -9.85
C LEU A 41 -4.10 -1.30 -10.84
N PRO A 42 -4.88 -2.41 -10.80
CA PRO A 42 -5.85 -2.78 -11.84
C PRO A 42 -6.97 -1.75 -12.09
N LYS A 43 -7.45 -1.69 -13.32
CA LYS A 43 -8.59 -0.84 -13.76
C LYS A 43 -9.93 -1.58 -13.84
N VAL A 44 -9.93 -2.90 -14.08
CA VAL A 44 -11.16 -3.69 -14.27
C VAL A 44 -11.68 -4.20 -12.91
N GLU A 45 -12.96 -4.03 -12.62
CA GLU A 45 -13.49 -4.12 -11.25
C GLU A 45 -13.25 -5.47 -10.55
N ALA A 46 -13.49 -6.59 -11.23
CA ALA A 46 -13.25 -7.93 -10.68
C ALA A 46 -11.77 -8.18 -10.32
N LYS A 47 -10.85 -7.57 -11.10
CA LYS A 47 -9.40 -7.68 -10.92
C LYS A 47 -8.93 -6.73 -9.81
N PHE A 48 -9.48 -5.52 -9.77
CA PHE A 48 -9.25 -4.57 -8.68
C PHE A 48 -9.72 -5.12 -7.32
N ILE A 49 -10.89 -5.77 -7.27
CA ILE A 49 -11.40 -6.42 -6.05
C ILE A 49 -10.52 -7.63 -5.66
N ASN A 50 -10.01 -8.44 -6.61
CA ASN A 50 -8.97 -9.44 -6.29
C ASN A 50 -7.73 -8.77 -5.68
N TYR A 51 -7.20 -7.72 -6.30
CA TYR A 51 -5.98 -7.04 -5.85
C TYR A 51 -6.16 -6.38 -4.46
N VAL A 52 -7.33 -5.82 -4.16
CA VAL A 52 -7.72 -5.37 -2.81
C VAL A 52 -7.74 -6.55 -1.84
N LYS A 53 -8.47 -7.64 -2.11
CA LYS A 53 -8.55 -8.82 -1.21
C LYS A 53 -7.20 -9.53 -1.02
N ASN A 54 -6.31 -9.43 -2.00
CA ASN A 54 -4.90 -9.83 -1.89
C ASN A 54 -4.13 -8.91 -0.92
N CYS A 55 -4.34 -7.59 -0.96
CA CYS A 55 -3.65 -6.63 -0.10
C CYS A 55 -4.19 -6.60 1.35
N PHE A 56 -5.52 -6.50 1.53
CA PHE A 56 -6.25 -6.63 2.80
C PHE A 56 -7.78 -6.68 2.55
N ARG A 57 -8.50 -7.58 3.24
CA ARG A 57 -9.98 -7.71 3.20
C ARG A 57 -10.68 -6.59 3.98
N MET A 58 -10.64 -5.40 3.39
CA MET A 58 -11.14 -4.16 3.98
C MET A 58 -12.68 -4.09 4.08
N THR A 59 -13.39 -4.70 3.11
CA THR A 59 -14.85 -4.73 2.88
C THR A 59 -15.61 -3.38 2.84
N ASP A 60 -15.06 -2.31 3.41
CA ASP A 60 -15.61 -0.94 3.41
C ASP A 60 -15.73 -0.40 1.98
N GLN A 61 -16.93 -0.41 1.41
CA GLN A 61 -17.17 0.07 0.05
C GLN A 61 -16.79 1.55 -0.11
N GLU A 62 -17.02 2.37 0.92
CA GLU A 62 -16.57 3.78 0.99
C GLU A 62 -15.04 3.94 0.85
N ALA A 63 -14.25 3.02 1.40
CA ALA A 63 -12.80 3.01 1.20
C ALA A 63 -12.41 2.41 -0.15
N ILE A 64 -13.06 1.33 -0.61
CA ILE A 64 -12.83 0.73 -1.93
C ILE A 64 -13.04 1.77 -3.05
N GLN A 65 -14.12 2.54 -2.99
CA GLN A 65 -14.39 3.60 -3.97
C GLN A 65 -13.47 4.82 -3.80
N ASP A 66 -13.03 5.16 -2.57
CA ASP A 66 -12.03 6.24 -2.40
C ASP A 66 -10.62 5.83 -2.91
N LEU A 67 -10.32 4.52 -2.84
CA LEU A 67 -9.12 3.91 -3.43
C LEU A 67 -9.21 3.86 -4.97
N TRP A 68 -10.42 3.66 -5.54
CA TRP A 68 -10.67 3.90 -6.97
C TRP A 68 -10.35 5.35 -7.36
N GLN A 69 -10.83 6.35 -6.60
CA GLN A 69 -10.53 7.76 -6.91
C GLN A 69 -9.02 8.02 -6.88
N TRP A 70 -8.32 7.47 -5.89
CA TRP A 70 -6.86 7.52 -5.77
C TRP A 70 -6.17 6.89 -7.00
N ARG A 71 -6.50 5.64 -7.36
CA ARG A 71 -5.80 4.93 -8.45
C ARG A 71 -6.06 5.54 -9.82
N LYS A 72 -7.25 6.10 -10.10
CA LYS A 72 -7.55 6.77 -11.38
C LYS A 72 -7.11 8.24 -11.44
N SER A 73 -6.73 8.84 -10.31
CA SER A 73 -6.12 10.18 -10.25
C SER A 73 -4.59 10.18 -10.40
N LEU A 74 -3.95 9.00 -10.46
CA LEU A 74 -2.56 8.77 -10.87
C LEU A 74 -2.35 9.08 -12.36
N GLN A 5 36.84 6.79 14.50
CA GLN A 5 36.66 7.69 13.35
C GLN A 5 35.38 7.31 12.61
N GLU A 6 34.68 8.30 12.04
CA GLU A 6 33.43 8.15 11.26
C GLU A 6 32.30 7.33 11.92
N SER A 7 32.30 7.20 13.25
CA SER A 7 31.25 6.54 14.01
C SER A 7 30.08 7.49 14.35
N PHE A 8 28.90 6.93 14.65
CA PHE A 8 27.68 7.68 14.99
C PHE A 8 27.29 8.79 13.98
N LYS A 9 27.65 8.63 12.70
CA LYS A 9 27.37 9.62 11.64
C LYS A 9 26.06 9.33 10.91
N LYS A 10 25.68 8.05 10.78
CA LYS A 10 24.34 7.59 10.34
C LYS A 10 23.37 7.55 11.53
N GLN A 11 22.96 8.73 11.97
CA GLN A 11 22.01 8.94 13.08
C GLN A 11 20.70 9.61 12.63
N GLU A 12 19.63 9.38 13.39
CA GLU A 12 18.28 9.89 13.14
C GLU A 12 17.47 10.01 14.44
N LYS A 13 16.23 10.51 14.35
CA LYS A 13 15.22 10.41 15.42
C LYS A 13 13.97 9.66 14.96
N THR A 14 13.38 10.06 13.83
CA THR A 14 12.11 9.56 13.26
C THR A 14 11.00 9.42 14.32
N PRO A 15 10.54 10.51 14.96
CA PRO A 15 9.89 10.45 16.28
C PRO A 15 8.54 9.71 16.37
N LYS A 16 7.82 9.51 15.26
CA LYS A 16 6.54 8.80 15.22
C LYS A 16 6.39 8.06 13.89
N THR A 17 6.35 6.73 13.90
CA THR A 17 6.49 5.88 12.70
C THR A 17 5.46 4.73 12.65
N PRO A 18 4.20 5.00 12.28
CA PRO A 18 3.18 3.99 12.01
C PRO A 18 3.42 3.33 10.64
N LYS A 19 4.44 2.47 10.56
CA LYS A 19 4.62 1.50 9.46
C LYS A 19 3.67 0.30 9.64
N GLY A 20 3.31 -0.33 8.53
CA GLY A 20 2.38 -1.46 8.45
C GLY A 20 1.08 -1.33 9.29
N PRO A 21 0.25 -0.27 9.18
CA PRO A 21 -0.92 -0.05 10.05
C PRO A 21 -2.03 -1.13 9.99
N SER A 22 -3.07 -0.95 10.80
CA SER A 22 -4.31 -1.75 10.83
C SER A 22 -5.47 -1.17 10.01
N SER A 23 -5.26 -0.04 9.31
CA SER A 23 -6.30 0.79 8.68
C SER A 23 -6.09 0.94 7.16
N VAL A 24 -6.99 1.62 6.44
CA VAL A 24 -6.94 1.75 4.96
C VAL A 24 -5.61 2.35 4.45
N GLU A 25 -5.00 3.25 5.21
CA GLU A 25 -3.67 3.81 4.88
C GLU A 25 -2.55 2.75 4.80
N ASP A 26 -2.73 1.57 5.39
CA ASP A 26 -1.79 0.45 5.22
C ASP A 26 -1.77 -0.07 3.78
N ILE A 27 -2.93 -0.48 3.28
CA ILE A 27 -3.06 -1.01 1.92
C ILE A 27 -2.82 0.07 0.87
N LYS A 28 -3.25 1.32 1.10
CA LYS A 28 -2.94 2.45 0.21
C LYS A 28 -1.41 2.62 0.08
N ALA A 29 -0.71 2.78 1.20
CA ALA A 29 0.74 2.98 1.18
C ALA A 29 1.53 1.78 0.60
N LYS A 30 1.07 0.54 0.83
CA LYS A 30 1.70 -0.67 0.29
C LYS A 30 1.41 -0.89 -1.20
N MET A 31 0.23 -0.51 -1.70
CA MET A 31 -0.09 -0.51 -3.13
C MET A 31 0.77 0.53 -3.88
N GLN A 32 0.82 1.77 -3.40
CA GLN A 32 1.69 2.80 -4.00
C GLN A 32 3.17 2.39 -3.99
N ALA A 33 3.63 1.72 -2.92
CA ALA A 33 4.98 1.17 -2.82
C ALA A 33 5.28 0.11 -3.88
N SER A 34 4.33 -0.81 -4.16
CA SER A 34 4.50 -1.80 -5.24
C SER A 34 4.42 -1.18 -6.64
N ILE A 35 3.71 -0.06 -6.83
CA ILE A 35 3.69 0.69 -8.10
C ILE A 35 5.05 1.36 -8.36
N GLU A 36 5.70 1.94 -7.36
CA GLU A 36 7.07 2.46 -7.51
C GLU A 36 8.17 1.38 -7.59
N LYS A 37 7.86 0.13 -7.21
CA LYS A 37 8.65 -1.06 -7.58
C LYS A 37 8.35 -1.63 -8.98
N GLY A 38 7.25 -1.20 -9.62
CA GLY A 38 6.94 -1.48 -11.03
C GLY A 38 5.45 -1.64 -11.35
N GLY A 39 4.62 -2.06 -10.39
CA GLY A 39 3.20 -2.37 -10.58
C GLY A 39 2.77 -3.68 -9.91
N SER A 40 1.46 -3.88 -9.71
CA SER A 40 0.87 -5.14 -9.22
C SER A 40 -0.64 -5.32 -9.50
N LEU A 41 -1.35 -4.31 -10.02
CA LEU A 41 -2.81 -4.28 -10.12
C LEU A 41 -3.32 -4.65 -11.53
N PRO A 42 -4.52 -5.25 -11.64
CA PRO A 42 -5.25 -5.42 -12.91
C PRO A 42 -6.01 -4.15 -13.29
N LYS A 43 -6.71 -4.17 -14.44
CA LYS A 43 -7.49 -3.02 -14.95
C LYS A 43 -8.92 -2.99 -14.40
N VAL A 44 -9.67 -4.08 -14.59
CA VAL A 44 -11.14 -4.11 -14.49
C VAL A 44 -11.65 -4.26 -13.05
N GLU A 45 -12.79 -3.64 -12.73
CA GLU A 45 -13.19 -3.36 -11.34
C GLU A 45 -13.35 -4.59 -10.43
N ALA A 46 -14.09 -5.64 -10.81
CA ALA A 46 -14.29 -6.78 -9.90
C ALA A 46 -13.00 -7.58 -9.65
N LYS A 47 -12.11 -7.71 -10.65
CA LYS A 47 -10.79 -8.35 -10.44
C LYS A 47 -9.79 -7.47 -9.67
N PHE A 48 -9.85 -6.14 -9.85
CA PHE A 48 -9.13 -5.17 -9.01
C PHE A 48 -9.58 -5.29 -7.54
N ILE A 49 -10.90 -5.30 -7.32
CA ILE A 49 -11.55 -5.45 -6.00
C ILE A 49 -11.15 -6.79 -5.34
N ASN A 50 -11.18 -7.92 -6.07
CA ASN A 50 -10.69 -9.19 -5.54
C ASN A 50 -9.21 -9.13 -5.10
N TYR A 51 -8.33 -8.54 -5.91
CA TYR A 51 -6.90 -8.51 -5.59
C TYR A 51 -6.61 -7.60 -4.37
N VAL A 52 -7.26 -6.44 -4.28
CA VAL A 52 -7.29 -5.59 -3.08
C VAL A 52 -7.73 -6.40 -1.84
N LYS A 53 -8.84 -7.14 -1.94
CA LYS A 53 -9.40 -7.95 -0.85
C LYS A 53 -8.56 -9.19 -0.49
N ASN A 54 -7.70 -9.65 -1.41
CA ASN A 54 -6.64 -10.62 -1.14
C ASN A 54 -5.49 -10.00 -0.31
N CYS A 55 -5.08 -8.77 -0.62
CA CYS A 55 -4.01 -8.07 0.09
C CYS A 55 -4.44 -7.63 1.49
N PHE A 56 -5.56 -6.90 1.60
CA PHE A 56 -6.17 -6.51 2.87
C PHE A 56 -7.68 -6.35 2.69
N ARG A 57 -8.47 -7.19 3.36
CA ARG A 57 -9.93 -7.06 3.45
C ARG A 57 -10.33 -5.75 4.14
N MET A 58 -11.28 -5.02 3.55
CA MET A 58 -11.64 -3.66 3.97
C MET A 58 -13.15 -3.42 4.15
N THR A 59 -14.00 -4.16 3.42
CA THR A 59 -15.48 -4.22 3.44
C THR A 59 -16.28 -2.92 3.21
N ASP A 60 -15.76 -1.74 3.56
CA ASP A 60 -16.29 -0.43 3.15
C ASP A 60 -16.06 -0.19 1.65
N GLN A 61 -17.11 -0.21 0.83
CA GLN A 61 -17.04 0.17 -0.58
C GLN A 61 -16.60 1.65 -0.75
N GLU A 62 -16.94 2.51 0.23
CA GLU A 62 -16.43 3.87 0.43
C GLU A 62 -14.89 3.92 0.38
N ALA A 63 -14.21 3.06 1.14
CA ALA A 63 -12.76 3.01 1.20
C ALA A 63 -12.14 2.30 -0.01
N ILE A 64 -12.82 1.30 -0.57
CA ILE A 64 -12.39 0.61 -1.80
C ILE A 64 -12.36 1.60 -2.98
N GLN A 65 -13.37 2.46 -3.12
CA GLN A 65 -13.38 3.49 -4.17
C GLN A 65 -12.49 4.70 -3.84
N ASP A 66 -12.23 5.00 -2.57
CA ASP A 66 -11.20 5.98 -2.16
C ASP A 66 -9.78 5.48 -2.50
N LEU A 67 -9.52 4.18 -2.32
CA LEU A 67 -8.28 3.51 -2.74
C LEU A 67 -8.12 3.58 -4.27
N TRP A 68 -9.20 3.31 -5.03
CA TRP A 68 -9.24 3.48 -6.48
C TRP A 68 -8.95 4.94 -6.92
N GLN A 69 -9.54 5.94 -6.24
CA GLN A 69 -9.24 7.34 -6.51
C GLN A 69 -7.78 7.71 -6.13
N TRP A 70 -7.20 7.06 -5.12
CA TRP A 70 -5.78 7.18 -4.77
C TRP A 70 -4.87 6.71 -5.90
N ARG A 71 -5.21 5.58 -6.55
CA ARG A 71 -4.48 5.04 -7.71
C ARG A 71 -4.69 5.90 -8.96
N LYS A 72 -5.89 6.46 -9.17
CA LYS A 72 -6.16 7.48 -10.20
C LYS A 72 -5.41 8.80 -9.95
N SER A 73 -5.06 9.10 -8.70
CA SER A 73 -4.28 10.27 -8.28
C SER A 73 -2.76 10.04 -8.37
N LEU A 74 -2.29 9.42 -9.47
CA LEU A 74 -0.87 9.14 -9.79
C LEU A 74 -0.53 9.61 -11.21
N GLN A 5 32.93 4.02 25.31
CA GLN A 5 31.47 4.25 25.29
C GLN A 5 31.15 5.58 24.61
N GLU A 6 30.40 5.53 23.51
CA GLU A 6 30.03 6.70 22.68
C GLU A 6 28.51 6.80 22.40
N SER A 7 27.72 5.79 22.74
CA SER A 7 26.28 5.62 22.38
C SER A 7 25.98 5.51 20.87
N PHE A 8 26.95 5.10 20.05
CA PHE A 8 26.85 5.00 18.59
C PHE A 8 26.27 3.65 18.12
N LYS A 9 25.39 3.69 17.08
CA LYS A 9 24.52 2.60 16.58
C LYS A 9 23.57 2.00 17.64
N LYS A 10 22.63 1.14 17.22
CA LYS A 10 21.66 0.41 18.07
C LYS A 10 20.80 1.27 19.03
N GLN A 11 20.49 2.52 18.70
CA GLN A 11 19.60 3.36 19.52
C GLN A 11 18.56 4.15 18.70
N GLU A 12 18.97 4.65 17.52
CA GLU A 12 18.18 5.44 16.57
C GLU A 12 17.69 6.81 17.12
N LYS A 13 17.64 7.85 16.27
CA LYS A 13 17.36 9.25 16.67
C LYS A 13 15.94 9.71 16.32
N THR A 14 15.33 9.17 15.27
CA THR A 14 13.91 9.39 14.90
C THR A 14 13.42 8.30 13.92
N PRO A 15 12.17 7.81 14.04
CA PRO A 15 11.57 6.90 13.08
C PRO A 15 11.06 7.65 11.84
N LYS A 16 11.23 7.07 10.64
CA LYS A 16 10.83 7.66 9.35
C LYS A 16 9.70 6.90 8.63
N THR A 17 9.30 5.74 9.16
CA THR A 17 8.10 4.99 8.75
C THR A 17 7.51 4.28 9.99
N PRO A 18 6.18 4.12 10.12
CA PRO A 18 5.59 3.31 11.19
C PRO A 18 5.62 1.81 10.88
N LYS A 19 5.95 1.39 9.64
CA LYS A 19 5.82 0.02 9.10
C LYS A 19 4.37 -0.50 9.14
N GLY A 20 3.49 0.10 8.33
CA GLY A 20 2.06 -0.22 8.27
C GLY A 20 1.21 0.59 9.27
N PRO A 21 0.74 1.80 8.92
CA PRO A 21 -0.25 2.57 9.69
C PRO A 21 -1.51 1.78 10.12
N SER A 22 -2.22 2.28 11.13
CA SER A 22 -3.45 1.67 11.68
C SER A 22 -4.75 2.10 10.98
N SER A 23 -4.65 2.96 9.97
CA SER A 23 -5.75 3.50 9.13
C SER A 23 -5.59 3.10 7.65
N VAL A 24 -6.47 3.60 6.78
CA VAL A 24 -6.46 3.41 5.31
C VAL A 24 -5.15 3.88 4.65
N GLU A 25 -4.37 4.76 5.29
CA GLU A 25 -3.03 5.15 4.83
C GLU A 25 -2.12 3.95 4.49
N ASP A 26 -2.22 2.85 5.27
CA ASP A 26 -1.49 1.61 5.05
C ASP A 26 -1.87 0.97 3.69
N ILE A 27 -3.14 0.64 3.45
CA ILE A 27 -3.52 -0.04 2.21
C ILE A 27 -3.34 0.86 0.98
N LYS A 28 -3.52 2.18 1.12
CA LYS A 28 -3.15 3.18 0.09
C LYS A 28 -1.67 3.03 -0.29
N ALA A 29 -0.77 3.08 0.70
CA ALA A 29 0.68 3.06 0.50
C ALA A 29 1.22 1.68 0.09
N LYS A 30 0.62 0.58 0.57
CA LYS A 30 0.96 -0.80 0.21
C LYS A 30 0.53 -1.15 -1.22
N MET A 31 -0.59 -0.58 -1.71
CA MET A 31 -0.94 -0.62 -3.13
C MET A 31 -0.02 0.29 -3.98
N GLN A 32 0.52 1.38 -3.41
CA GLN A 32 1.57 2.14 -4.11
C GLN A 32 2.86 1.30 -4.22
N ALA A 33 3.23 0.54 -3.20
CA ALA A 33 4.31 -0.45 -3.31
C ALA A 33 4.01 -1.47 -4.43
N SER A 34 2.76 -1.96 -4.56
CA SER A 34 2.38 -2.86 -5.66
C SER A 34 2.65 -2.24 -7.04
N ILE A 35 2.24 -0.99 -7.30
CA ILE A 35 2.43 -0.37 -8.62
C ILE A 35 3.85 0.18 -8.87
N GLU A 36 4.42 0.99 -7.97
CA GLU A 36 5.71 1.66 -8.23
C GLU A 36 6.96 0.89 -7.74
N LYS A 37 6.79 -0.23 -7.03
CA LYS A 37 7.88 -1.19 -6.72
C LYS A 37 7.62 -2.59 -7.29
N GLY A 38 6.38 -3.08 -7.25
CA GLY A 38 6.01 -4.43 -7.72
C GLY A 38 5.74 -4.51 -9.23
N GLY A 39 5.24 -3.43 -9.84
CA GLY A 39 4.83 -3.41 -11.25
C GLY A 39 3.65 -4.34 -11.57
N SER A 40 2.81 -4.68 -10.58
CA SER A 40 1.86 -5.81 -10.66
C SER A 40 0.39 -5.50 -10.35
N LEU A 41 0.05 -4.25 -10.00
CA LEU A 41 -1.31 -3.87 -9.63
C LEU A 41 -2.26 -3.92 -10.87
N PRO A 42 -3.53 -4.40 -10.75
CA PRO A 42 -4.48 -4.39 -11.86
C PRO A 42 -5.13 -3.01 -12.14
N LYS A 43 -5.67 -2.86 -13.36
CA LYS A 43 -6.36 -1.65 -13.86
C LYS A 43 -7.87 -1.69 -13.69
N VAL A 44 -8.52 -2.78 -14.13
CA VAL A 44 -9.99 -2.87 -14.23
C VAL A 44 -10.63 -3.15 -12.87
N GLU A 45 -11.75 -2.48 -12.56
CA GLU A 45 -12.32 -2.40 -11.20
C GLU A 45 -12.51 -3.77 -10.52
N ALA A 46 -13.10 -4.76 -11.21
CA ALA A 46 -13.32 -6.10 -10.63
C ALA A 46 -12.02 -6.82 -10.24
N LYS A 47 -10.98 -6.75 -11.07
CA LYS A 47 -9.65 -7.31 -10.77
C LYS A 47 -8.96 -6.55 -9.65
N PHE A 48 -9.06 -5.22 -9.68
CA PHE A 48 -8.47 -4.32 -8.69
C PHE A 48 -9.04 -4.63 -7.29
N ILE A 49 -10.36 -4.75 -7.16
CA ILE A 49 -11.04 -5.20 -5.93
C ILE A 49 -10.57 -6.60 -5.51
N ASN A 50 -10.55 -7.56 -6.45
CA ASN A 50 -10.08 -8.93 -6.18
C ASN A 50 -8.64 -8.96 -5.63
N TYR A 51 -7.73 -8.18 -6.21
CA TYR A 51 -6.33 -8.09 -5.81
C TYR A 51 -6.17 -7.41 -4.43
N VAL A 52 -6.87 -6.28 -4.21
CA VAL A 52 -6.87 -5.57 -2.92
C VAL A 52 -7.37 -6.49 -1.80
N LYS A 53 -8.54 -7.12 -1.97
CA LYS A 53 -9.14 -8.04 -0.98
C LYS A 53 -8.31 -9.31 -0.77
N ASN A 54 -7.53 -9.72 -1.76
CA ASN A 54 -6.52 -10.77 -1.64
C ASN A 54 -5.28 -10.33 -0.81
N CYS A 55 -4.94 -9.04 -0.79
CA CYS A 55 -3.77 -8.49 -0.08
C CYS A 55 -4.05 -8.14 1.39
N PHE A 56 -5.18 -7.47 1.68
CA PHE A 56 -5.68 -7.17 3.02
C PHE A 56 -7.22 -7.13 3.01
N ARG A 57 -7.89 -7.28 4.17
CA ARG A 57 -9.32 -7.68 4.21
C ARG A 57 -10.27 -6.81 3.37
N MET A 58 -10.09 -5.49 3.41
CA MET A 58 -10.81 -4.44 2.69
C MET A 58 -12.33 -4.70 2.62
N THR A 59 -13.00 -4.49 3.76
CA THR A 59 -14.41 -4.82 3.99
C THR A 59 -15.40 -3.71 3.63
N ASP A 60 -14.94 -2.49 3.34
CA ASP A 60 -15.78 -1.29 3.35
C ASP A 60 -15.84 -0.63 1.96
N GLN A 61 -17.02 -0.62 1.33
CA GLN A 61 -17.22 -0.06 -0.02
C GLN A 61 -16.82 1.43 -0.11
N GLU A 62 -17.01 2.18 0.97
CA GLU A 62 -16.59 3.58 1.12
C GLU A 62 -15.05 3.77 1.05
N ALA A 63 -14.28 2.82 1.60
CA ALA A 63 -12.82 2.81 1.45
C ALA A 63 -12.37 2.21 0.12
N ILE A 64 -13.09 1.20 -0.41
CA ILE A 64 -12.85 0.65 -1.76
C ILE A 64 -12.94 1.75 -2.82
N GLN A 65 -14.00 2.57 -2.81
CA GLN A 65 -14.15 3.68 -3.76
C GLN A 65 -13.15 4.81 -3.47
N ASP A 66 -12.81 5.09 -2.20
CA ASP A 66 -11.72 6.03 -1.90
C ASP A 66 -10.35 5.56 -2.45
N LEU A 67 -10.05 4.26 -2.38
CA LEU A 67 -8.85 3.66 -2.96
C LEU A 67 -8.91 3.69 -4.51
N TRP A 68 -10.10 3.52 -5.09
CA TRP A 68 -10.33 3.59 -6.54
C TRP A 68 -10.15 5.01 -7.10
N GLN A 69 -10.56 6.05 -6.36
CA GLN A 69 -10.21 7.44 -6.66
C GLN A 69 -8.69 7.66 -6.54
N TRP A 70 -8.03 7.07 -5.54
CA TRP A 70 -6.57 7.14 -5.42
C TRP A 70 -5.83 6.45 -6.58
N ARG A 71 -6.45 5.45 -7.23
CA ARG A 71 -5.99 4.81 -8.48
C ARG A 71 -6.27 5.69 -9.72
N LYS A 72 -7.31 6.54 -9.67
CA LYS A 72 -7.64 7.51 -10.73
C LYS A 72 -6.71 8.72 -10.71
N SER A 73 -6.30 9.19 -9.54
CA SER A 73 -5.42 10.37 -9.36
C SER A 73 -3.92 10.12 -9.60
N LEU A 74 -3.56 8.98 -10.19
CA LEU A 74 -2.20 8.64 -10.64
C LEU A 74 -1.76 9.45 -11.86
N GLN A 5 40.17 15.91 3.12
CA GLN A 5 39.80 14.94 4.17
C GLN A 5 39.21 13.66 3.56
N GLU A 6 39.11 12.58 4.34
CA GLU A 6 38.93 11.20 3.85
C GLU A 6 37.48 10.69 3.76
N SER A 7 36.53 11.23 4.52
CA SER A 7 35.16 10.74 4.70
C SER A 7 35.01 9.29 5.22
N PHE A 8 33.85 8.96 5.78
CA PHE A 8 33.57 7.69 6.49
C PHE A 8 32.22 7.03 6.13
N LYS A 9 31.14 7.80 5.88
CA LYS A 9 29.82 7.29 5.44
C LYS A 9 28.88 8.36 4.85
N LYS A 10 27.98 7.93 3.96
CA LYS A 10 27.00 8.77 3.25
C LYS A 10 25.63 8.09 3.14
N GLN A 11 24.56 8.88 3.25
CA GLN A 11 23.18 8.38 3.21
C GLN A 11 22.26 9.28 2.38
N GLU A 12 22.07 10.55 2.77
CA GLU A 12 21.22 11.60 2.17
C GLU A 12 19.71 11.30 2.04
N LYS A 13 19.33 10.09 1.63
CA LYS A 13 17.96 9.65 1.28
C LYS A 13 17.60 8.34 2.01
N THR A 14 16.39 7.82 1.78
CA THR A 14 15.95 6.42 2.01
C THR A 14 16.33 5.75 3.35
N PRO A 15 15.84 6.22 4.51
CA PRO A 15 15.74 5.39 5.72
C PRO A 15 14.77 4.21 5.51
N LYS A 16 14.86 3.16 6.34
CA LYS A 16 13.97 1.99 6.31
C LYS A 16 13.08 1.90 7.57
N THR A 17 11.89 1.33 7.39
CA THR A 17 10.97 0.92 8.47
C THR A 17 10.00 -0.17 7.97
N PRO A 18 9.58 -1.13 8.81
CA PRO A 18 8.39 -1.94 8.54
C PRO A 18 7.11 -1.09 8.52
N LYS A 19 6.08 -1.56 7.79
CA LYS A 19 4.72 -0.98 7.85
C LYS A 19 3.62 -2.00 7.49
N GLY A 20 2.49 -1.90 8.18
CA GLY A 20 1.25 -2.64 7.93
C GLY A 20 0.18 -2.33 9.00
N PRO A 21 -0.39 -1.10 9.05
CA PRO A 21 -1.26 -0.62 10.14
C PRO A 21 -2.75 -1.06 10.10
N SER A 22 -3.49 -0.77 11.16
CA SER A 22 -4.96 -0.92 11.27
C SER A 22 -5.75 0.24 10.61
N SER A 23 -5.21 0.81 9.54
CA SER A 23 -5.73 2.00 8.84
C SER A 23 -5.57 1.85 7.32
N VAL A 24 -6.30 2.64 6.53
CA VAL A 24 -6.21 2.63 5.05
C VAL A 24 -4.78 2.96 4.55
N GLU A 25 -3.96 3.60 5.39
CA GLU A 25 -2.51 3.79 5.18
C GLU A 25 -1.74 2.49 4.85
N ASP A 26 -2.22 1.33 5.31
CA ASP A 26 -1.69 -0.01 4.98
C ASP A 26 -1.80 -0.29 3.48
N ILE A 27 -3.02 -0.36 2.97
CA ILE A 27 -3.28 -0.66 1.56
C ILE A 27 -2.83 0.48 0.64
N LYS A 28 -2.78 1.73 1.11
CA LYS A 28 -2.05 2.83 0.46
C LYS A 28 -0.59 2.44 0.22
N ALA A 29 0.20 2.30 1.27
CA ALA A 29 1.65 2.06 1.14
C ALA A 29 1.96 0.80 0.33
N LYS A 30 1.20 -0.29 0.58
CA LYS A 30 1.37 -1.57 -0.12
C LYS A 30 1.00 -1.48 -1.61
N MET A 31 0.06 -0.60 -2.01
CA MET A 31 -0.23 -0.30 -3.43
C MET A 31 0.84 0.57 -4.09
N GLN A 32 1.35 1.62 -3.45
CA GLN A 32 2.45 2.42 -4.03
C GLN A 32 3.70 1.55 -4.20
N ALA A 33 4.05 0.72 -3.21
CA ALA A 33 5.12 -0.26 -3.36
C ALA A 33 4.85 -1.22 -4.55
N SER A 34 3.61 -1.71 -4.69
CA SER A 34 3.23 -2.57 -5.83
C SER A 34 3.48 -1.92 -7.20
N ILE A 35 3.22 -0.63 -7.38
CA ILE A 35 3.40 0.06 -8.68
C ILE A 35 4.84 0.55 -8.93
N GLU A 36 5.57 1.07 -7.94
CA GLU A 36 6.94 1.59 -8.15
C GLU A 36 8.07 0.59 -7.88
N LYS A 37 7.80 -0.53 -7.19
CA LYS A 37 8.78 -1.61 -6.94
C LYS A 37 8.27 -3.03 -7.25
N GLY A 38 6.95 -3.25 -7.31
CA GLY A 38 6.35 -4.48 -7.88
C GLY A 38 6.10 -4.39 -9.40
N GLY A 39 6.04 -3.18 -9.96
CA GLY A 39 5.84 -2.89 -11.38
C GLY A 39 4.42 -3.08 -11.93
N SER A 40 3.43 -3.44 -11.12
CA SER A 40 2.08 -3.81 -11.58
C SER A 40 0.97 -3.44 -10.58
N LEU A 41 -0.13 -2.87 -11.08
CA LEU A 41 -1.37 -2.59 -10.34
C LEU A 41 -2.60 -2.81 -11.26
N PRO A 42 -3.77 -3.30 -10.78
CA PRO A 42 -4.91 -3.65 -11.63
C PRO A 42 -5.56 -2.47 -12.38
N LYS A 43 -6.23 -2.77 -13.51
CA LYS A 43 -6.91 -1.82 -14.41
C LYS A 43 -8.44 -2.00 -14.47
N VAL A 44 -8.96 -3.22 -14.32
CA VAL A 44 -10.40 -3.53 -14.31
C VAL A 44 -10.96 -3.65 -12.88
N GLU A 45 -12.18 -3.16 -12.66
CA GLU A 45 -12.83 -3.08 -11.34
C GLU A 45 -12.87 -4.41 -10.58
N ALA A 46 -13.19 -5.52 -11.26
CA ALA A 46 -13.33 -6.83 -10.63
C ALA A 46 -11.98 -7.41 -10.16
N LYS A 47 -10.90 -7.24 -10.93
CA LYS A 47 -9.53 -7.59 -10.51
C LYS A 47 -9.03 -6.66 -9.41
N PHE A 48 -9.40 -5.37 -9.45
CA PHE A 48 -9.01 -4.44 -8.39
C PHE A 48 -9.61 -4.85 -7.04
N ILE A 49 -10.91 -5.18 -6.98
CA ILE A 49 -11.57 -5.73 -5.78
C ILE A 49 -10.93 -7.07 -5.35
N ASN A 50 -10.63 -7.98 -6.29
CA ASN A 50 -9.87 -9.20 -5.99
C ASN A 50 -8.51 -8.91 -5.32
N TYR A 51 -7.81 -7.86 -5.77
CA TYR A 51 -6.51 -7.48 -5.22
C TYR A 51 -6.65 -6.80 -3.85
N VAL A 52 -7.70 -6.00 -3.63
CA VAL A 52 -8.03 -5.41 -2.32
C VAL A 52 -8.30 -6.48 -1.27
N LYS A 53 -9.06 -7.53 -1.61
CA LYS A 53 -9.27 -8.69 -0.71
C LYS A 53 -7.97 -9.46 -0.45
N ASN A 54 -7.20 -9.76 -1.51
CA ASN A 54 -5.87 -10.36 -1.39
C ASN A 54 -4.90 -9.54 -0.51
N CYS A 55 -4.98 -8.21 -0.53
CA CYS A 55 -4.02 -7.30 0.10
C CYS A 55 -4.38 -6.91 1.54
N PHE A 56 -5.66 -6.68 1.86
CA PHE A 56 -6.08 -6.15 3.17
C PHE A 56 -7.51 -6.54 3.64
N ARG A 57 -8.46 -6.78 2.71
CA ARG A 57 -9.92 -6.88 2.99
C ARG A 57 -10.47 -5.66 3.73
N MET A 58 -10.99 -4.70 2.97
CA MET A 58 -11.53 -3.42 3.46
C MET A 58 -13.01 -3.47 3.81
N THR A 59 -13.80 -4.23 3.03
CA THR A 59 -15.23 -4.55 3.24
C THR A 59 -16.22 -3.36 3.20
N ASP A 60 -15.86 -2.18 3.69
CA ASP A 60 -16.68 -0.97 3.63
C ASP A 60 -16.54 -0.30 2.26
N GLN A 61 -17.63 -0.29 1.48
CA GLN A 61 -17.59 0.17 0.09
C GLN A 61 -17.20 1.66 -0.05
N GLU A 62 -17.47 2.48 0.96
CA GLU A 62 -17.11 3.91 0.97
C GLU A 62 -15.57 4.14 1.00
N ALA A 63 -14.81 3.35 1.77
CA ALA A 63 -13.35 3.37 1.70
C ALA A 63 -12.85 2.71 0.40
N ILE A 64 -13.53 1.66 -0.08
CA ILE A 64 -13.15 1.00 -1.34
C ILE A 64 -13.29 1.95 -2.54
N GLN A 65 -14.36 2.73 -2.65
CA GLN A 65 -14.49 3.73 -3.72
C GLN A 65 -13.52 4.92 -3.53
N ASP A 66 -13.19 5.30 -2.29
CA ASP A 66 -12.10 6.26 -2.07
C ASP A 66 -10.72 5.69 -2.50
N LEU A 67 -10.52 4.37 -2.37
CA LEU A 67 -9.33 3.67 -2.86
C LEU A 67 -9.34 3.47 -4.38
N TRP A 68 -10.52 3.31 -4.99
CA TRP A 68 -10.69 3.18 -6.44
C TRP A 68 -10.37 4.51 -7.14
N GLN A 69 -10.91 5.63 -6.65
CA GLN A 69 -10.50 6.96 -7.14
C GLN A 69 -9.05 7.33 -6.74
N TRP A 70 -8.47 6.75 -5.67
CA TRP A 70 -7.02 6.81 -5.48
C TRP A 70 -6.25 6.12 -6.61
N ARG A 71 -6.68 4.92 -7.05
CA ARG A 71 -6.11 4.21 -8.22
C ARG A 71 -6.20 5.08 -9.48
N LYS A 72 -7.34 5.73 -9.75
CA LYS A 72 -7.49 6.70 -10.86
C LYS A 72 -6.54 7.91 -10.72
N SER A 73 -6.17 8.27 -9.50
CA SER A 73 -5.32 9.43 -9.15
C SER A 73 -3.82 9.07 -9.05
N LEU A 74 -3.34 8.12 -9.86
CA LEU A 74 -1.92 7.76 -10.04
C LEU A 74 -1.46 7.98 -11.49
N GLN A 5 30.98 15.73 3.84
CA GLN A 5 29.89 16.17 4.73
C GLN A 5 28.75 15.14 4.82
N GLU A 6 28.24 14.66 3.68
CA GLU A 6 27.17 13.63 3.63
C GLU A 6 27.39 12.53 2.58
N SER A 7 28.52 12.52 1.86
CA SER A 7 28.78 11.62 0.72
C SER A 7 29.11 10.16 1.10
N PHE A 8 29.20 9.84 2.41
CA PHE A 8 29.47 8.49 2.91
C PHE A 8 28.48 7.43 2.39
N LYS A 9 27.23 7.83 2.13
CA LYS A 9 26.17 6.97 1.59
C LYS A 9 25.29 7.70 0.58
N LYS A 10 24.66 6.93 -0.31
CA LYS A 10 24.01 7.39 -1.56
C LYS A 10 22.75 6.61 -1.94
N GLN A 11 22.60 5.36 -1.50
CA GLN A 11 21.55 4.44 -1.98
C GLN A 11 20.65 3.82 -0.90
N GLU A 12 20.97 4.01 0.38
CA GLU A 12 20.21 3.45 1.49
C GLU A 12 19.75 4.54 2.49
N LYS A 13 18.50 4.46 2.93
CA LYS A 13 17.90 5.36 3.95
C LYS A 13 17.78 4.69 5.32
N THR A 14 17.80 3.35 5.37
CA THR A 14 17.76 2.52 6.60
C THR A 14 16.73 2.99 7.64
N PRO A 15 15.41 2.80 7.39
CA PRO A 15 14.34 3.36 8.21
C PRO A 15 14.30 2.89 9.67
N LYS A 16 14.79 1.67 9.96
CA LYS A 16 14.64 0.95 11.26
C LYS A 16 13.20 1.00 11.81
N THR A 17 12.26 0.94 10.87
CA THR A 17 10.82 1.24 11.01
C THR A 17 10.09 0.47 9.89
N PRO A 18 8.89 -0.11 10.11
CA PRO A 18 8.20 -0.88 9.07
C PRO A 18 7.39 -0.02 8.08
N LYS A 19 7.14 1.27 8.40
CA LYS A 19 6.33 2.25 7.65
C LYS A 19 5.00 1.69 7.11
N GLY A 20 4.37 0.83 7.92
CA GLY A 20 3.18 0.03 7.63
C GLY A 20 2.16 0.17 8.75
N PRO A 21 1.28 1.20 8.72
CA PRO A 21 0.22 1.44 9.71
C PRO A 21 -0.79 0.27 9.89
N SER A 22 -1.89 0.50 10.61
CA SER A 22 -2.92 -0.51 10.87
C SER A 22 -4.24 -0.29 10.11
N SER A 23 -4.55 0.94 9.70
CA SER A 23 -5.73 1.28 8.89
C SER A 23 -5.45 1.31 7.37
N VAL A 24 -6.29 1.98 6.58
CA VAL A 24 -6.16 2.10 5.10
C VAL A 24 -4.89 2.85 4.70
N GLU A 25 -4.30 3.65 5.59
CA GLU A 25 -2.99 4.30 5.38
C GLU A 25 -1.87 3.29 5.04
N ASP A 26 -1.95 2.05 5.55
CA ASP A 26 -1.06 0.92 5.20
C ASP A 26 -1.35 0.37 3.82
N ILE A 27 -2.63 0.22 3.45
CA ILE A 27 -3.03 -0.22 2.10
C ILE A 27 -2.57 0.83 1.06
N LYS A 28 -2.64 2.13 1.38
CA LYS A 28 -2.03 3.19 0.57
C LYS A 28 -0.50 3.04 0.49
N ALA A 29 0.19 2.95 1.62
CA ALA A 29 1.65 2.85 1.65
C ALA A 29 2.18 1.61 0.90
N LYS A 30 1.48 0.48 1.00
CA LYS A 30 1.77 -0.78 0.32
C LYS A 30 1.41 -0.77 -1.17
N MET A 31 0.38 -0.02 -1.58
CA MET A 31 0.13 0.32 -2.99
C MET A 31 1.29 1.15 -3.56
N GLN A 32 1.69 2.25 -2.89
CA GLN A 32 2.85 3.05 -3.30
C GLN A 32 4.13 2.22 -3.42
N ALA A 33 4.40 1.35 -2.44
CA ALA A 33 5.54 0.45 -2.48
C ALA A 33 5.48 -0.51 -3.67
N SER A 34 4.31 -1.12 -3.92
CA SER A 34 4.10 -2.03 -5.06
C SER A 34 4.25 -1.31 -6.41
N ILE A 35 3.92 -0.01 -6.48
CA ILE A 35 4.11 0.85 -7.66
C ILE A 35 5.60 1.09 -7.92
N GLU A 36 6.38 1.50 -6.92
CA GLU A 36 7.84 1.68 -7.13
C GLU A 36 8.60 0.35 -7.34
N LYS A 37 8.08 -0.77 -6.81
CA LYS A 37 8.53 -2.15 -7.10
C LYS A 37 8.12 -2.65 -8.51
N GLY A 38 7.20 -1.97 -9.21
CA GLY A 38 6.94 -2.19 -10.65
C GLY A 38 5.52 -1.84 -11.14
N GLY A 39 4.54 -1.72 -10.25
CA GLY A 39 3.15 -1.34 -10.58
C GLY A 39 2.31 -2.41 -11.27
N SER A 40 2.71 -3.69 -11.20
CA SER A 40 2.07 -4.84 -11.86
C SER A 40 0.78 -5.27 -11.12
N LEU A 41 -0.23 -4.41 -11.21
CA LEU A 41 -1.49 -4.41 -10.45
C LEU A 41 -2.72 -4.38 -11.39
N PRO A 42 -3.94 -4.67 -10.89
CA PRO A 42 -5.14 -4.77 -11.74
C PRO A 42 -5.55 -3.45 -12.42
N LYS A 43 -6.14 -3.57 -13.61
CA LYS A 43 -6.51 -2.44 -14.50
C LYS A 43 -7.95 -2.50 -15.04
N VAL A 44 -8.80 -3.32 -14.41
CA VAL A 44 -10.26 -3.40 -14.63
C VAL A 44 -10.96 -3.59 -13.28
N GLU A 45 -12.14 -2.98 -13.07
CA GLU A 45 -12.68 -2.80 -11.71
C GLU A 45 -13.00 -4.10 -10.97
N ALA A 46 -13.57 -5.12 -11.65
CA ALA A 46 -13.91 -6.39 -11.00
C ALA A 46 -12.67 -7.11 -10.44
N LYS A 47 -11.59 -7.22 -11.26
CA LYS A 47 -10.29 -7.77 -10.83
C LYS A 47 -9.71 -6.96 -9.68
N PHE A 48 -9.79 -5.63 -9.73
CA PHE A 48 -9.24 -4.75 -8.70
C PHE A 48 -9.93 -4.93 -7.34
N ILE A 49 -11.27 -4.93 -7.30
CA ILE A 49 -12.07 -5.16 -6.08
C ILE A 49 -11.75 -6.53 -5.48
N ASN A 50 -11.74 -7.58 -6.33
CA ASN A 50 -11.31 -8.94 -5.95
C ASN A 50 -9.91 -8.97 -5.31
N TYR A 51 -8.95 -8.23 -5.87
CA TYR A 51 -7.55 -8.26 -5.42
C TYR A 51 -7.34 -7.44 -4.14
N VAL A 52 -8.06 -6.32 -3.93
CA VAL A 52 -8.03 -5.60 -2.65
C VAL A 52 -8.64 -6.43 -1.52
N LYS A 53 -9.77 -7.12 -1.78
CA LYS A 53 -10.39 -8.02 -0.79
C LYS A 53 -9.51 -9.24 -0.45
N ASN A 54 -8.66 -9.66 -1.39
CA ASN A 54 -7.55 -10.58 -1.10
C ASN A 54 -6.41 -9.92 -0.28
N CYS A 55 -5.99 -8.69 -0.62
CA CYS A 55 -4.86 -8.00 0.02
C CYS A 55 -5.11 -7.62 1.49
N PHE A 56 -6.34 -7.32 1.89
CA PHE A 56 -6.67 -7.12 3.31
C PHE A 56 -8.14 -7.43 3.67
N ARG A 57 -8.38 -7.61 4.97
CA ARG A 57 -9.68 -7.87 5.61
C ARG A 57 -10.53 -6.60 5.77
N MET A 58 -10.86 -6.01 4.63
CA MET A 58 -11.80 -4.90 4.46
C MET A 58 -12.76 -5.17 3.29
N THR A 59 -14.03 -4.86 3.51
CA THR A 59 -15.10 -4.70 2.50
C THR A 59 -15.77 -3.32 2.69
N ASP A 60 -15.07 -2.38 3.33
CA ASP A 60 -15.47 -0.98 3.50
C ASP A 60 -15.62 -0.30 2.14
N GLN A 61 -16.86 -0.04 1.69
CA GLN A 61 -17.06 0.53 0.36
C GLN A 61 -16.55 1.99 0.24
N GLU A 62 -16.42 2.70 1.37
CA GLU A 62 -15.71 3.97 1.44
C GLU A 62 -14.22 3.85 1.07
N ALA A 63 -13.55 2.77 1.48
CA ALA A 63 -12.13 2.54 1.17
C ALA A 63 -11.97 1.92 -0.22
N ILE A 64 -12.90 1.07 -0.65
CA ILE A 64 -12.92 0.53 -2.01
C ILE A 64 -13.01 1.66 -3.03
N GLN A 65 -13.95 2.61 -2.86
CA GLN A 65 -14.03 3.78 -3.74
C GLN A 65 -12.88 4.77 -3.54
N ASP A 66 -12.27 4.89 -2.36
CA ASP A 66 -11.08 5.73 -2.15
C ASP A 66 -9.86 5.18 -2.88
N LEU A 67 -9.62 3.87 -2.78
CA LEU A 67 -8.60 3.17 -3.54
C LEU A 67 -8.89 3.23 -5.05
N TRP A 68 -10.18 3.26 -5.44
CA TRP A 68 -10.58 3.56 -6.82
C TRP A 68 -10.23 4.98 -7.25
N GLN A 69 -10.35 6.00 -6.39
CA GLN A 69 -9.86 7.35 -6.72
C GLN A 69 -8.34 7.33 -6.95
N TRP A 70 -7.62 6.51 -6.18
CA TRP A 70 -6.18 6.24 -6.37
C TRP A 70 -5.86 5.37 -7.61
N ARG A 71 -6.87 4.84 -8.31
CA ARG A 71 -6.81 4.26 -9.67
C ARG A 71 -7.50 5.11 -10.76
N LYS A 72 -8.13 6.23 -10.38
CA LYS A 72 -8.72 7.23 -11.27
C LYS A 72 -7.66 8.27 -11.65
N SER A 73 -7.13 8.96 -10.65
CA SER A 73 -6.12 10.02 -10.78
C SER A 73 -5.31 10.13 -9.49
N LEU A 74 -3.97 10.09 -9.60
CA LEU A 74 -3.00 10.09 -8.50
C LEU A 74 -2.27 11.43 -8.43
N GLN A 5 20.06 20.24 28.38
CA GLN A 5 19.75 19.14 27.44
C GLN A 5 18.25 18.84 27.43
N GLU A 6 17.74 18.24 26.34
CA GLU A 6 16.35 17.73 26.28
C GLU A 6 16.26 16.22 26.56
N SER A 7 17.35 15.47 26.40
CA SER A 7 17.38 14.00 26.51
C SER A 7 18.76 13.48 26.94
N PHE A 8 18.81 12.24 27.43
CA PHE A 8 20.05 11.56 27.81
C PHE A 8 21.04 11.48 26.64
N LYS A 9 20.59 10.98 25.47
CA LYS A 9 21.29 11.17 24.18
C LYS A 9 20.36 11.89 23.19
N LYS A 10 19.55 11.18 22.39
CA LYS A 10 18.60 11.80 21.43
C LYS A 10 17.33 11.00 21.12
N GLN A 11 16.91 10.10 22.01
CA GLN A 11 15.65 9.31 21.93
C GLN A 11 15.43 8.65 20.53
N GLU A 12 16.46 7.95 20.06
CA GLU A 12 16.59 7.43 18.69
C GLU A 12 15.81 6.17 18.35
N LYS A 13 15.23 5.48 19.35
CA LYS A 13 14.37 4.33 19.12
C LYS A 13 13.31 4.09 20.21
N THR A 14 12.14 3.56 19.83
CA THR A 14 11.01 3.28 20.75
C THR A 14 10.45 1.85 20.60
N PRO A 15 9.75 1.32 21.62
CA PRO A 15 9.32 -0.09 21.68
C PRO A 15 8.06 -0.37 20.84
N LYS A 16 8.19 -0.18 19.52
CA LYS A 16 7.25 -0.56 18.46
C LYS A 16 8.02 -0.76 17.14
N THR A 17 7.47 -1.55 16.22
CA THR A 17 7.90 -1.64 14.80
C THR A 17 6.66 -1.55 13.90
N PRO A 18 6.17 -0.33 13.60
CA PRO A 18 4.83 -0.12 13.03
C PRO A 18 4.77 -0.36 11.50
N LYS A 19 5.02 -1.61 11.08
CA LYS A 19 4.79 -2.08 9.71
C LYS A 19 3.32 -2.45 9.50
N GLY A 20 2.85 -2.40 8.25
CA GLY A 20 1.52 -2.84 7.81
C GLY A 20 0.34 -2.40 8.71
N PRO A 21 -0.09 -1.13 8.69
CA PRO A 21 -1.16 -0.59 9.56
C PRO A 21 -2.52 -1.32 9.58
N SER A 22 -3.40 -0.93 10.50
CA SER A 22 -4.73 -1.51 10.73
C SER A 22 -5.87 -0.86 9.93
N SER A 23 -5.56 0.10 9.07
CA SER A 23 -6.48 0.91 8.27
C SER A 23 -5.83 1.35 6.94
N VAL A 24 -6.45 2.29 6.21
CA VAL A 24 -6.14 2.64 4.81
C VAL A 24 -4.66 2.98 4.53
N GLU A 25 -3.88 3.47 5.50
CA GLU A 25 -2.42 3.64 5.35
C GLU A 25 -1.71 2.36 4.84
N ASP A 26 -2.17 1.19 5.28
CA ASP A 26 -1.66 -0.12 4.87
C ASP A 26 -1.87 -0.36 3.37
N ILE A 27 -3.10 -0.21 2.89
CA ILE A 27 -3.42 -0.47 1.49
C ILE A 27 -2.82 0.60 0.57
N LYS A 28 -2.73 1.87 1.01
CA LYS A 28 -2.00 2.93 0.31
C LYS A 28 -0.52 2.55 0.12
N ALA A 29 0.19 2.25 1.20
CA ALA A 29 1.62 1.94 1.19
C ALA A 29 1.95 0.65 0.41
N LYS A 30 1.12 -0.39 0.55
CA LYS A 30 1.30 -1.69 -0.14
C LYS A 30 0.90 -1.62 -1.62
N MET A 31 -0.06 -0.78 -2.01
CA MET A 31 -0.31 -0.41 -3.42
C MET A 31 0.85 0.39 -4.01
N GLN A 32 1.49 1.29 -3.25
CA GLN A 32 2.72 1.95 -3.71
C GLN A 32 3.85 0.93 -3.90
N ALA A 33 4.02 -0.03 -2.98
CA ALA A 33 4.99 -1.11 -3.17
C ALA A 33 4.73 -1.93 -4.45
N SER A 34 3.47 -2.21 -4.79
CA SER A 34 3.08 -2.84 -6.04
C SER A 34 3.39 -1.98 -7.28
N ILE A 35 2.94 -0.72 -7.33
CA ILE A 35 3.05 0.11 -8.55
C ILE A 35 4.45 0.73 -8.75
N GLU A 36 5.19 1.00 -7.68
CA GLU A 36 6.54 1.61 -7.69
C GLU A 36 7.65 0.56 -7.74
N LYS A 37 7.53 -0.58 -7.02
CA LYS A 37 8.58 -1.62 -6.97
C LYS A 37 8.17 -2.96 -7.59
N GLY A 38 6.90 -3.36 -7.45
CA GLY A 38 6.33 -4.57 -8.06
C GLY A 38 6.03 -4.43 -9.56
N GLY A 39 6.04 -3.20 -10.10
CA GLY A 39 5.89 -2.88 -11.52
C GLY A 39 4.45 -2.82 -12.05
N SER A 40 3.42 -3.18 -11.27
CA SER A 40 2.03 -3.24 -11.76
C SER A 40 0.96 -3.26 -10.65
N LEU A 41 -0.20 -2.68 -10.95
CA LEU A 41 -1.40 -2.66 -10.10
C LEU A 41 -2.67 -2.62 -10.98
N PRO A 42 -3.76 -3.36 -10.66
CA PRO A 42 -4.92 -3.48 -11.55
C PRO A 42 -5.76 -2.20 -11.64
N LYS A 43 -6.36 -2.00 -12.82
CA LYS A 43 -7.17 -0.83 -13.19
C LYS A 43 -8.67 -1.11 -13.14
N VAL A 44 -9.12 -2.22 -13.71
CA VAL A 44 -10.55 -2.61 -13.82
C VAL A 44 -11.11 -3.21 -12.51
N GLU A 45 -12.39 -2.95 -12.21
CA GLU A 45 -12.96 -3.05 -10.86
C GLU A 45 -12.90 -4.45 -10.22
N ALA A 46 -13.32 -5.53 -10.91
CA ALA A 46 -13.35 -6.86 -10.29
C ALA A 46 -11.94 -7.44 -10.03
N LYS A 47 -10.95 -7.12 -10.87
CA LYS A 47 -9.54 -7.42 -10.64
C LYS A 47 -8.98 -6.58 -9.48
N PHE A 48 -9.36 -5.31 -9.41
CA PHE A 48 -8.96 -4.44 -8.31
C PHE A 48 -9.52 -4.93 -6.96
N ILE A 49 -10.79 -5.36 -6.89
CA ILE A 49 -11.39 -5.98 -5.69
C ILE A 49 -10.70 -7.32 -5.35
N ASN A 50 -10.33 -8.12 -6.36
CA ASN A 50 -9.50 -9.32 -6.18
C ASN A 50 -8.15 -8.98 -5.49
N TYR A 51 -7.45 -7.93 -5.93
CA TYR A 51 -6.22 -7.44 -5.30
C TYR A 51 -6.48 -6.95 -3.87
N VAL A 52 -7.53 -6.16 -3.64
CA VAL A 52 -7.95 -5.68 -2.31
C VAL A 52 -8.11 -6.85 -1.34
N LYS A 53 -8.90 -7.88 -1.69
CA LYS A 53 -9.10 -9.07 -0.85
C LYS A 53 -7.81 -9.87 -0.61
N ASN A 54 -6.87 -9.88 -1.57
CA ASN A 54 -5.52 -10.45 -1.43
C ASN A 54 -4.55 -9.60 -0.57
N CYS A 55 -4.82 -8.31 -0.32
CA CYS A 55 -3.88 -7.35 0.27
C CYS A 55 -4.34 -6.80 1.64
N PHE A 56 -5.55 -6.26 1.70
CA PHE A 56 -6.26 -5.80 2.91
C PHE A 56 -7.75 -5.60 2.53
N ARG A 57 -8.66 -6.37 3.12
CA ARG A 57 -10.04 -6.53 2.61
C ARG A 57 -10.91 -5.26 2.67
N MET A 58 -10.55 -4.28 3.50
CA MET A 58 -11.24 -3.00 3.81
C MET A 58 -12.67 -3.08 4.37
N THR A 59 -13.53 -3.95 3.81
CA THR A 59 -14.93 -4.25 4.21
C THR A 59 -15.89 -3.06 4.34
N ASP A 60 -15.52 -1.88 3.82
CA ASP A 60 -16.37 -0.71 3.66
C ASP A 60 -16.47 -0.34 2.17
N GLN A 61 -17.69 -0.28 1.62
CA GLN A 61 -17.89 0.09 0.20
C GLN A 61 -17.38 1.51 -0.09
N GLU A 62 -17.57 2.45 0.86
CA GLU A 62 -17.02 3.81 0.84
C GLU A 62 -15.49 3.84 0.63
N ALA A 63 -14.72 2.98 1.30
CA ALA A 63 -13.27 2.87 1.09
C ALA A 63 -12.95 2.21 -0.25
N ILE A 64 -13.71 1.19 -0.67
CA ILE A 64 -13.53 0.54 -1.99
C ILE A 64 -13.60 1.58 -3.13
N GLN A 65 -14.60 2.46 -3.14
CA GLN A 65 -14.70 3.51 -4.17
C GLN A 65 -13.68 4.66 -3.98
N ASP A 66 -13.42 5.09 -2.73
CA ASP A 66 -12.41 6.12 -2.43
C ASP A 66 -11.01 5.73 -2.92
N LEU A 67 -10.63 4.47 -2.69
CA LEU A 67 -9.35 3.92 -3.11
C LEU A 67 -9.31 3.60 -4.61
N TRP A 68 -10.43 3.23 -5.25
CA TRP A 68 -10.45 3.02 -6.70
C TRP A 68 -10.29 4.33 -7.49
N GLN A 69 -10.82 5.45 -6.97
CA GLN A 69 -10.52 6.78 -7.51
C GLN A 69 -9.10 7.26 -7.13
N TRP A 70 -8.59 6.96 -5.92
CA TRP A 70 -7.18 7.25 -5.58
C TRP A 70 -6.22 6.55 -6.56
N ARG A 71 -6.49 5.28 -6.88
CA ARG A 71 -5.84 4.50 -7.96
C ARG A 71 -5.94 5.22 -9.30
N LYS A 72 -7.12 5.74 -9.67
CA LYS A 72 -7.34 6.47 -10.93
C LYS A 72 -6.38 7.66 -11.08
N SER A 73 -6.08 8.35 -9.99
CA SER A 73 -5.17 9.52 -9.96
C SER A 73 -3.73 9.25 -9.48
N LEU A 74 -3.28 7.98 -9.40
CA LEU A 74 -1.85 7.65 -9.23
C LEU A 74 -1.02 8.05 -10.44
N GLN A 5 31.40 -3.05 23.16
CA GLN A 5 32.18 -3.87 24.11
C GLN A 5 31.29 -4.93 24.75
N GLU A 6 31.90 -5.98 25.30
CA GLU A 6 31.26 -7.04 26.09
C GLU A 6 29.90 -7.58 25.55
N SER A 7 29.78 -7.66 24.22
CA SER A 7 28.61 -8.10 23.44
C SER A 7 27.27 -7.41 23.80
N PHE A 8 27.27 -6.11 24.13
CA PHE A 8 26.02 -5.39 24.44
C PHE A 8 25.23 -4.89 23.21
N LYS A 9 23.91 -4.86 23.36
CA LYS A 9 22.88 -4.49 22.38
C LYS A 9 22.90 -3.02 21.98
N LYS A 10 23.27 -2.11 22.90
CA LYS A 10 23.20 -0.65 22.73
C LYS A 10 23.97 -0.06 21.53
N GLN A 11 24.87 -0.81 20.89
CA GLN A 11 25.55 -0.38 19.66
C GLN A 11 24.72 -0.60 18.38
N GLU A 12 23.65 -1.41 18.43
CA GLU A 12 22.68 -1.61 17.34
C GLU A 12 21.70 -0.43 17.28
N LYS A 13 21.55 0.22 16.12
CA LYS A 13 20.84 1.51 15.96
C LYS A 13 19.68 1.47 14.95
N THR A 14 19.84 0.73 13.84
CA THR A 14 18.94 0.78 12.67
C THR A 14 18.60 -0.61 12.10
N PRO A 15 17.77 -1.44 12.80
CA PRO A 15 17.34 -2.75 12.29
C PRO A 15 16.54 -2.73 10.97
N LYS A 16 15.97 -1.57 10.58
CA LYS A 16 15.18 -1.35 9.34
C LYS A 16 14.13 -2.43 9.08
N THR A 17 13.41 -2.79 10.13
CA THR A 17 12.43 -3.89 10.13
C THR A 17 11.07 -3.43 9.55
N PRO A 18 10.36 -4.26 8.77
CA PRO A 18 9.03 -3.95 8.28
C PRO A 18 7.94 -4.35 9.28
N LYS A 19 6.86 -3.56 9.37
CA LYS A 19 5.72 -3.83 10.28
C LYS A 19 4.48 -4.32 9.55
N GLY A 20 4.08 -3.64 8.47
CA GLY A 20 2.82 -3.88 7.75
C GLY A 20 1.59 -3.59 8.62
N PRO A 21 1.21 -2.32 8.87
CA PRO A 21 0.03 -1.97 9.67
C PRO A 21 -1.28 -2.64 9.20
N SER A 22 -2.18 -2.92 10.13
CA SER A 22 -3.47 -3.61 9.88
C SER A 22 -4.59 -2.70 9.35
N SER A 23 -4.23 -1.61 8.66
CA SER A 23 -5.14 -0.54 8.22
C SER A 23 -4.83 -0.02 6.81
N VAL A 24 -5.81 0.63 6.16
CA VAL A 24 -5.72 1.25 4.82
C VAL A 24 -4.42 2.06 4.60
N GLU A 25 -3.89 2.77 5.59
CA GLU A 25 -2.65 3.56 5.42
C GLU A 25 -1.43 2.73 4.99
N ASP A 26 -1.35 1.46 5.41
CA ASP A 26 -0.35 0.49 4.92
C ASP A 26 -0.54 0.21 3.42
N ILE A 27 -1.77 -0.17 3.05
CA ILE A 27 -2.11 -0.53 1.67
C ILE A 27 -1.86 0.66 0.74
N LYS A 28 -2.23 1.88 1.16
CA LYS A 28 -1.88 3.12 0.46
C LYS A 28 -0.37 3.22 0.23
N ALA A 29 0.45 3.21 1.29
CA ALA A 29 1.90 3.39 1.18
C ALA A 29 2.58 2.29 0.35
N LYS A 30 2.17 1.03 0.52
CA LYS A 30 2.72 -0.11 -0.23
C LYS A 30 2.29 -0.06 -1.70
N MET A 31 1.05 0.35 -2.02
CA MET A 31 0.65 0.59 -3.42
C MET A 31 1.44 1.76 -4.04
N GLN A 32 1.68 2.87 -3.33
CA GLN A 32 2.40 4.01 -3.89
C GLN A 32 3.87 3.68 -4.21
N ALA A 33 4.53 2.90 -3.35
CA ALA A 33 5.84 2.34 -3.65
C ALA A 33 5.78 1.38 -4.85
N SER A 34 4.85 0.42 -4.83
CA SER A 34 4.68 -0.56 -5.92
C SER A 34 4.47 0.10 -7.28
N ILE A 35 3.57 1.09 -7.38
CA ILE A 35 3.15 1.75 -8.63
C ILE A 35 4.16 2.78 -9.16
N GLU A 36 5.04 3.32 -8.31
CA GLU A 36 6.16 4.19 -8.73
C GLU A 36 7.47 3.43 -8.99
N LYS A 37 7.55 2.14 -8.62
CA LYS A 37 8.79 1.33 -8.67
C LYS A 37 8.65 0.00 -9.43
N GLY A 38 7.54 -0.27 -10.12
CA GLY A 38 7.40 -1.46 -10.97
C GLY A 38 5.98 -1.92 -11.35
N GLY A 39 4.91 -1.34 -10.80
CA GLY A 39 3.51 -1.66 -11.11
C GLY A 39 2.80 -2.46 -10.02
N SER A 40 2.50 -3.74 -10.29
CA SER A 40 1.58 -4.62 -9.53
C SER A 40 0.12 -4.13 -9.51
N LEU A 41 -0.75 -4.88 -8.83
CA LEU A 41 -2.21 -4.70 -8.67
C LEU A 41 -3.04 -4.93 -9.97
N PRO A 42 -4.34 -5.26 -9.85
CA PRO A 42 -5.23 -5.44 -11.00
C PRO A 42 -5.36 -4.25 -11.96
N LYS A 43 -5.72 -4.55 -13.21
CA LYS A 43 -5.86 -3.63 -14.36
C LYS A 43 -7.32 -3.20 -14.62
N VAL A 44 -8.29 -3.79 -13.94
CA VAL A 44 -9.73 -3.55 -14.16
C VAL A 44 -10.53 -3.61 -12.84
N GLU A 45 -11.56 -2.77 -12.75
CA GLU A 45 -12.27 -2.45 -11.51
C GLU A 45 -12.88 -3.66 -10.77
N ALA A 46 -13.66 -4.53 -11.42
CA ALA A 46 -14.33 -5.64 -10.73
C ALA A 46 -13.32 -6.63 -10.13
N LYS A 47 -12.20 -6.89 -10.84
CA LYS A 47 -11.07 -7.67 -10.34
C LYS A 47 -10.39 -6.98 -9.16
N PHE A 48 -10.26 -5.65 -9.19
CA PHE A 48 -9.71 -4.89 -8.08
C PHE A 48 -10.58 -4.96 -6.82
N ILE A 49 -11.91 -4.86 -6.95
CA ILE A 49 -12.86 -5.05 -5.84
C ILE A 49 -12.70 -6.46 -5.23
N ASN A 50 -12.65 -7.50 -6.07
CA ASN A 50 -12.37 -8.88 -5.64
C ASN A 50 -10.99 -9.04 -4.97
N TYR A 51 -9.95 -8.37 -5.49
CA TYR A 51 -8.60 -8.42 -4.92
C TYR A 51 -8.61 -7.85 -3.50
N VAL A 52 -9.13 -6.65 -3.30
CA VAL A 52 -9.26 -6.02 -1.97
C VAL A 52 -10.05 -6.90 -1.01
N LYS A 53 -11.23 -7.41 -1.43
CA LYS A 53 -12.11 -8.23 -0.58
C LYS A 53 -11.56 -9.60 -0.20
N ASN A 54 -10.58 -10.14 -0.94
CA ASN A 54 -9.92 -11.41 -0.61
C ASN A 54 -8.48 -11.28 -0.06
N CYS A 55 -7.85 -10.11 -0.20
CA CYS A 55 -6.48 -9.84 0.25
C CYS A 55 -6.38 -8.93 1.50
N PHE A 56 -7.46 -8.25 1.87
CA PHE A 56 -7.57 -7.42 3.08
C PHE A 56 -8.93 -7.61 3.80
N ARG A 57 -9.03 -7.05 5.02
CA ARG A 57 -10.12 -7.30 5.99
C ARG A 57 -11.34 -6.38 5.86
N MET A 58 -11.28 -5.30 5.10
CA MET A 58 -12.43 -4.39 4.89
C MET A 58 -13.31 -4.82 3.70
N THR A 59 -14.55 -4.30 3.68
CA THR A 59 -15.57 -4.51 2.63
C THR A 59 -16.31 -3.22 2.22
N ASP A 60 -16.09 -2.10 2.93
CA ASP A 60 -16.70 -0.80 2.64
C ASP A 60 -16.37 -0.27 1.24
N GLN A 61 -17.42 0.08 0.49
CA GLN A 61 -17.26 0.51 -0.89
C GLN A 61 -16.57 1.87 -1.01
N GLU A 62 -16.72 2.76 -0.02
CA GLU A 62 -15.95 4.02 0.08
C GLU A 62 -14.44 3.76 0.14
N ALA A 63 -13.96 2.88 1.02
CA ALA A 63 -12.53 2.60 1.11
C ALA A 63 -12.03 1.85 -0.12
N ILE A 64 -12.83 0.92 -0.67
CA ILE A 64 -12.54 0.21 -1.92
C ILE A 64 -12.29 1.17 -3.09
N GLN A 65 -13.11 2.21 -3.26
CA GLN A 65 -12.89 3.21 -4.31
C GLN A 65 -11.84 4.28 -3.94
N ASP A 66 -11.59 4.58 -2.66
CA ASP A 66 -10.46 5.46 -2.27
C ASP A 66 -9.12 4.76 -2.55
N LEU A 67 -9.05 3.44 -2.31
CA LEU A 67 -7.98 2.56 -2.76
C LEU A 67 -7.84 2.57 -4.30
N TRP A 68 -8.96 2.45 -5.03
CA TRP A 68 -8.95 2.41 -6.51
C TRP A 68 -8.48 3.73 -7.12
N GLN A 69 -8.95 4.88 -6.62
CA GLN A 69 -8.43 6.20 -6.98
C GLN A 69 -6.92 6.28 -6.67
N TRP A 70 -6.47 5.71 -5.55
CA TRP A 70 -5.04 5.56 -5.20
C TRP A 70 -4.30 4.41 -5.92
N ARG A 71 -4.88 3.86 -7.00
CA ARG A 71 -4.11 3.24 -8.10
C ARG A 71 -4.37 3.80 -9.52
N LYS A 72 -5.48 4.49 -9.82
CA LYS A 72 -5.81 4.97 -11.19
C LYS A 72 -6.20 6.46 -11.34
N SER A 73 -6.04 7.27 -10.30
CA SER A 73 -6.35 8.71 -10.31
C SER A 73 -5.20 9.54 -9.72
N LEU A 74 -3.98 9.30 -10.23
CA LEU A 74 -2.70 9.80 -9.71
C LEU A 74 -1.85 10.45 -10.81
N GLN A 5 34.33 4.74 20.43
CA GLN A 5 35.03 4.76 19.12
C GLN A 5 34.91 3.42 18.39
N GLU A 6 35.42 2.31 18.93
CA GLU A 6 35.79 1.13 18.13
C GLU A 6 34.67 0.09 17.90
N SER A 7 33.55 0.18 18.62
CA SER A 7 32.37 -0.68 18.45
C SER A 7 31.07 0.01 18.87
N PHE A 8 29.95 -0.34 18.22
CA PHE A 8 28.60 -0.01 18.66
C PHE A 8 28.02 -1.05 19.64
N LYS A 9 28.60 -2.26 19.66
CA LYS A 9 28.23 -3.45 20.44
C LYS A 9 26.83 -4.01 20.12
N LYS A 10 26.66 -5.33 20.28
CA LYS A 10 25.45 -6.11 19.95
C LYS A 10 25.01 -6.04 18.48
N GLN A 11 24.36 -4.96 18.03
CA GLN A 11 23.90 -4.72 16.65
C GLN A 11 23.03 -5.84 16.01
N GLU A 12 22.45 -6.74 16.81
CA GLU A 12 22.03 -8.07 16.34
C GLU A 12 20.84 -8.09 15.38
N LYS A 13 19.80 -7.31 15.70
CA LYS A 13 18.47 -7.48 15.13
C LYS A 13 17.63 -6.21 15.21
N THR A 14 16.63 -6.07 14.34
CA THR A 14 15.66 -4.97 14.34
C THR A 14 14.22 -5.53 14.41
N PRO A 15 13.77 -5.99 15.59
CA PRO A 15 12.52 -6.73 15.78
C PRO A 15 11.28 -5.82 15.89
N LYS A 16 10.10 -6.45 16.03
CA LYS A 16 8.80 -5.79 16.27
C LYS A 16 8.44 -4.77 15.15
N THR A 17 8.70 -5.17 13.90
CA THR A 17 8.49 -4.37 12.69
C THR A 17 7.01 -4.28 12.26
N PRO A 18 6.58 -3.17 11.62
CA PRO A 18 5.28 -3.07 10.95
C PRO A 18 5.38 -3.54 9.49
N LYS A 19 4.90 -4.75 9.21
CA LYS A 19 5.04 -5.40 7.89
C LYS A 19 3.88 -5.12 6.93
N GLY A 20 2.67 -4.96 7.45
CA GLY A 20 1.43 -4.71 6.72
C GLY A 20 0.32 -4.18 7.65
N PRO A 21 0.40 -2.94 8.15
CA PRO A 21 -0.63 -2.29 8.97
C PRO A 21 -2.08 -2.50 8.54
N SER A 22 -2.99 -2.56 9.51
CA SER A 22 -4.42 -2.80 9.29
C SER A 22 -5.12 -1.50 8.89
N SER A 23 -4.83 -1.01 7.68
CA SER A 23 -5.18 0.35 7.22
C SER A 23 -5.39 0.41 5.71
N VAL A 24 -6.31 1.26 5.24
CA VAL A 24 -6.32 1.69 3.82
C VAL A 24 -5.00 2.40 3.46
N GLU A 25 -4.37 3.05 4.44
CA GLU A 25 -3.03 3.63 4.32
C GLU A 25 -1.93 2.60 4.02
N ASP A 26 -2.08 1.33 4.45
CA ASP A 26 -1.15 0.24 4.11
C ASP A 26 -1.38 -0.24 2.67
N ILE A 27 -2.64 -0.36 2.24
CA ILE A 27 -2.98 -0.64 0.82
C ILE A 27 -2.38 0.43 -0.10
N LYS A 28 -2.48 1.71 0.26
CA LYS A 28 -1.88 2.80 -0.51
C LYS A 28 -0.34 2.73 -0.51
N ALA A 29 0.28 2.39 0.62
CA ALA A 29 1.72 2.15 0.73
C ALA A 29 2.19 0.94 -0.11
N LYS A 30 1.42 -0.15 -0.18
CA LYS A 30 1.68 -1.35 -0.99
C LYS A 30 1.46 -1.12 -2.49
N MET A 31 0.54 -0.21 -2.85
CA MET A 31 0.48 0.34 -4.22
C MET A 31 1.75 1.13 -4.55
N GLN A 32 2.26 2.00 -3.66
CA GLN A 32 3.53 2.72 -3.93
C GLN A 32 4.71 1.75 -4.08
N ALA A 33 4.79 0.74 -3.22
CA ALA A 33 5.78 -0.34 -3.31
C ALA A 33 5.68 -1.10 -4.64
N SER A 34 4.47 -1.37 -5.14
CA SER A 34 4.26 -1.99 -6.45
C SER A 34 4.74 -1.10 -7.61
N ILE A 35 4.55 0.22 -7.53
CA ILE A 35 5.04 1.19 -8.53
C ILE A 35 6.57 1.19 -8.61
N GLU A 36 7.27 1.19 -7.47
CA GLU A 36 8.75 1.21 -7.45
C GLU A 36 9.40 -0.18 -7.65
N LYS A 37 8.80 -1.26 -7.14
CA LYS A 37 9.31 -2.65 -7.24
C LYS A 37 8.73 -3.45 -8.42
N GLY A 38 8.02 -2.79 -9.36
CA GLY A 38 7.68 -3.38 -10.67
C GLY A 38 6.47 -4.32 -10.70
N GLY A 39 5.59 -4.28 -9.70
CA GLY A 39 4.32 -5.01 -9.71
C GLY A 39 3.22 -4.25 -10.46
N SER A 40 2.30 -4.94 -11.12
CA SER A 40 1.22 -4.33 -11.90
C SER A 40 0.02 -3.94 -11.03
N LEU A 41 -0.48 -2.71 -11.20
CA LEU A 41 -1.61 -2.17 -10.41
C LEU A 41 -2.96 -2.39 -11.13
N PRO A 42 -4.05 -2.71 -10.40
CA PRO A 42 -5.31 -3.12 -11.01
C PRO A 42 -6.13 -2.00 -11.65
N LYS A 43 -6.88 -2.42 -12.68
CA LYS A 43 -7.64 -1.61 -13.66
C LYS A 43 -9.11 -2.05 -13.74
N VAL A 44 -9.38 -3.36 -13.64
CA VAL A 44 -10.69 -4.00 -13.79
C VAL A 44 -11.23 -4.32 -12.41
N GLU A 45 -12.48 -3.97 -12.11
CA GLU A 45 -12.95 -3.92 -10.72
C GLU A 45 -12.96 -5.28 -10.01
N ALA A 46 -13.30 -6.38 -10.70
CA ALA A 46 -13.23 -7.73 -10.12
C ALA A 46 -11.82 -8.06 -9.57
N LYS A 47 -10.76 -7.74 -10.33
CA LYS A 47 -9.35 -7.89 -9.91
C LYS A 47 -8.94 -6.84 -8.87
N PHE A 48 -9.47 -5.63 -8.97
CA PHE A 48 -9.20 -4.56 -8.01
C PHE A 48 -9.70 -4.95 -6.60
N ILE A 49 -10.95 -5.43 -6.51
CA ILE A 49 -11.56 -5.93 -5.28
C ILE A 49 -10.85 -7.20 -4.78
N ASN A 50 -10.47 -8.13 -5.67
CA ASN A 50 -9.65 -9.29 -5.29
C ASN A 50 -8.35 -8.90 -4.57
N TYR A 51 -7.61 -7.92 -5.11
CA TYR A 51 -6.36 -7.43 -4.54
C TYR A 51 -6.55 -6.68 -3.21
N VAL A 52 -7.59 -5.83 -3.11
CA VAL A 52 -7.97 -5.15 -1.86
C VAL A 52 -8.33 -6.17 -0.77
N LYS A 53 -9.07 -7.24 -1.12
CA LYS A 53 -9.43 -8.31 -0.19
C LYS A 53 -8.21 -9.17 0.21
N ASN A 54 -7.28 -9.42 -0.71
CA ASN A 54 -5.99 -10.06 -0.42
C ASN A 54 -5.17 -9.23 0.59
N CYS A 55 -5.17 -7.89 0.47
CA CYS A 55 -4.39 -7.02 1.35
C CYS A 55 -5.04 -6.85 2.73
N PHE A 56 -6.31 -6.42 2.81
CA PHE A 56 -6.99 -6.08 4.08
C PHE A 56 -8.47 -6.52 4.16
N ARG A 57 -8.88 -7.50 3.34
CA ARG A 57 -10.17 -8.23 3.47
C ARG A 57 -11.44 -7.35 3.44
N MET A 58 -11.36 -6.18 2.80
CA MET A 58 -12.41 -5.15 2.88
C MET A 58 -13.60 -5.39 1.93
N THR A 59 -14.79 -4.99 2.37
CA THR A 59 -16.05 -4.99 1.60
C THR A 59 -16.76 -3.64 1.57
N ASP A 60 -16.39 -2.68 2.44
CA ASP A 60 -17.00 -1.35 2.57
C ASP A 60 -16.93 -0.53 1.26
N GLN A 61 -18.08 -0.28 0.64
CA GLN A 61 -18.17 0.53 -0.59
C GLN A 61 -17.62 1.95 -0.41
N GLU A 62 -17.77 2.56 0.77
CA GLU A 62 -17.19 3.88 1.10
C GLU A 62 -15.65 3.89 0.98
N ALA A 63 -14.98 2.83 1.43
CA ALA A 63 -13.51 2.71 1.30
C ALA A 63 -13.11 2.30 -0.12
N ILE A 64 -13.85 1.39 -0.74
CA ILE A 64 -13.60 0.94 -2.12
C ILE A 64 -13.69 2.12 -3.10
N GLN A 65 -14.71 2.98 -2.98
CA GLN A 65 -14.84 4.15 -3.84
C GLN A 65 -13.79 5.23 -3.52
N ASP A 66 -13.55 5.57 -2.24
CA ASP A 66 -12.55 6.60 -1.92
C ASP A 66 -11.12 6.16 -2.26
N LEU A 67 -10.82 4.85 -2.17
CA LEU A 67 -9.57 4.25 -2.62
C LEU A 67 -9.49 4.20 -4.16
N TRP A 68 -10.61 3.98 -4.86
CA TRP A 68 -10.71 4.11 -6.33
C TRP A 68 -10.25 5.47 -6.81
N GLN A 69 -10.84 6.56 -6.29
CA GLN A 69 -10.46 7.92 -6.67
C GLN A 69 -9.05 8.32 -6.19
N TRP A 70 -8.54 7.67 -5.14
CA TRP A 70 -7.12 7.79 -4.76
C TRP A 70 -6.18 7.12 -5.77
N ARG A 71 -6.55 5.95 -6.32
CA ARG A 71 -5.81 5.25 -7.39
C ARG A 71 -5.97 5.91 -8.75
N LYS A 72 -7.05 6.66 -8.98
CA LYS A 72 -7.29 7.50 -10.18
C LYS A 72 -6.77 8.94 -10.05
N SER A 73 -6.12 9.34 -8.95
CA SER A 73 -5.16 10.46 -9.01
C SER A 73 -3.92 10.21 -8.14
N LEU A 74 -2.91 9.59 -8.77
CA LEU A 74 -1.54 9.49 -8.27
C LEU A 74 -0.77 10.80 -8.48
N GLN A 5 30.51 -2.55 20.46
CA GLN A 5 30.10 -2.84 19.06
C GLN A 5 29.63 -1.55 18.39
N GLU A 6 30.52 -0.93 17.62
CA GLU A 6 30.25 0.31 16.86
C GLU A 6 30.35 0.11 15.33
N SER A 7 30.64 -1.10 14.87
CA SER A 7 31.03 -1.40 13.48
C SER A 7 29.95 -2.18 12.70
N PHE A 8 29.17 -3.00 13.42
CA PHE A 8 27.99 -3.76 12.98
C PHE A 8 28.22 -4.73 11.80
N LYS A 9 27.15 -5.45 11.39
CA LYS A 9 27.19 -6.44 10.31
C LYS A 9 25.88 -6.47 9.50
N LYS A 10 26.01 -6.68 8.19
CA LYS A 10 24.96 -6.94 7.19
C LYS A 10 23.92 -5.82 6.98
N GLN A 11 24.07 -4.65 7.59
CA GLN A 11 23.12 -3.53 7.49
C GLN A 11 23.12 -2.85 6.11
N GLU A 12 24.19 -2.98 5.32
CA GLU A 12 24.20 -2.52 3.91
C GLU A 12 23.39 -3.45 2.98
N LYS A 13 23.02 -4.65 3.44
CA LYS A 13 22.19 -5.62 2.75
C LYS A 13 20.69 -5.55 3.15
N THR A 14 20.36 -4.70 4.14
CA THR A 14 18.98 -4.39 4.57
C THR A 14 18.74 -2.87 4.80
N PRO A 15 18.91 -1.98 3.81
CA PRO A 15 18.83 -0.52 4.02
C PRO A 15 17.43 0.04 4.35
N LYS A 16 16.36 -0.77 4.30
CA LYS A 16 14.96 -0.33 4.23
C LYS A 16 14.14 -0.70 5.48
N THR A 17 13.13 0.10 5.82
CA THR A 17 12.29 -0.12 7.01
C THR A 17 10.79 0.12 6.74
N PRO A 18 10.06 -0.88 6.22
CA PRO A 18 8.58 -0.90 6.24
C PRO A 18 8.06 -1.16 7.65
N LYS A 19 6.85 -0.68 7.99
CA LYS A 19 6.18 -0.98 9.28
C LYS A 19 4.68 -1.30 9.22
N GLY A 20 4.00 -1.06 8.10
CA GLY A 20 2.63 -1.53 7.84
C GLY A 20 1.55 -0.92 8.76
N PRO A 21 0.98 0.25 8.45
CA PRO A 21 0.01 1.01 9.27
C PRO A 21 -1.29 0.34 9.78
N SER A 22 -1.60 -0.93 9.45
CA SER A 22 -2.82 -1.67 9.87
C SER A 22 -4.15 -0.92 9.66
N SER A 23 -4.34 -0.33 8.47
CA SER A 23 -5.38 0.67 8.16
C SER A 23 -5.58 0.81 6.64
N VAL A 24 -6.50 1.66 6.16
CA VAL A 24 -6.44 2.16 4.76
C VAL A 24 -5.09 2.86 4.49
N GLU A 25 -4.46 3.45 5.51
CA GLU A 25 -3.09 3.97 5.42
C GLU A 25 -2.04 2.87 5.06
N ASP A 26 -2.31 1.60 5.38
CA ASP A 26 -1.49 0.45 5.01
C ASP A 26 -1.64 0.12 3.53
N ILE A 27 -2.86 0.01 3.00
CA ILE A 27 -3.04 -0.30 1.58
C ILE A 27 -2.54 0.86 0.70
N LYS A 28 -2.69 2.11 1.15
CA LYS A 28 -2.06 3.30 0.56
C LYS A 28 -0.53 3.12 0.48
N ALA A 29 0.14 2.83 1.60
CA ALA A 29 1.59 2.65 1.63
C ALA A 29 2.10 1.43 0.82
N LYS A 30 1.42 0.28 0.93
CA LYS A 30 1.77 -0.97 0.23
C LYS A 30 1.56 -0.86 -1.28
N MET A 31 0.45 -0.26 -1.74
CA MET A 31 0.25 0.02 -3.17
C MET A 31 1.29 1.01 -3.70
N GLN A 32 1.62 2.08 -2.97
CA GLN A 32 2.67 3.02 -3.39
C GLN A 32 4.03 2.32 -3.54
N ALA A 33 4.38 1.41 -2.63
CA ALA A 33 5.61 0.63 -2.75
C ALA A 33 5.60 -0.28 -4.01
N SER A 34 4.49 -0.99 -4.26
CA SER A 34 4.33 -1.80 -5.49
C SER A 34 4.37 -0.97 -6.78
N ILE A 35 3.84 0.25 -6.77
CA ILE A 35 3.91 1.21 -7.90
C ILE A 35 5.35 1.69 -8.13
N GLU A 36 6.10 2.01 -7.06
CA GLU A 36 7.52 2.40 -7.15
C GLU A 36 8.42 1.26 -7.65
N LYS A 37 8.04 0.01 -7.41
CA LYS A 37 8.74 -1.20 -7.89
C LYS A 37 8.24 -1.72 -9.26
N GLY A 38 7.10 -1.21 -9.73
CA GLY A 38 6.58 -1.31 -11.10
C GLY A 38 5.79 -2.59 -11.44
N GLY A 39 6.10 -3.72 -10.81
CA GLY A 39 5.36 -4.98 -10.98
C GLY A 39 4.03 -5.01 -10.21
N SER A 40 3.25 -6.08 -10.42
CA SER A 40 1.97 -6.39 -9.76
C SER A 40 0.84 -5.38 -10.05
N LEU A 41 -0.29 -5.54 -9.37
CA LEU A 41 -1.59 -4.87 -9.55
C LEU A 41 -2.38 -5.32 -10.82
N PRO A 42 -3.73 -5.24 -10.80
CA PRO A 42 -4.62 -5.94 -11.76
C PRO A 42 -5.25 -5.07 -12.87
N LYS A 43 -4.97 -3.76 -12.91
CA LYS A 43 -5.58 -2.73 -13.80
C LYS A 43 -7.07 -2.42 -13.62
N VAL A 44 -7.97 -3.37 -13.90
CA VAL A 44 -9.41 -3.14 -14.21
C VAL A 44 -10.37 -3.33 -13.02
N GLU A 45 -11.50 -2.62 -12.97
CA GLU A 45 -12.34 -2.44 -11.77
C GLU A 45 -12.68 -3.73 -10.98
N ALA A 46 -13.25 -4.76 -11.60
CA ALA A 46 -13.73 -5.94 -10.89
C ALA A 46 -12.56 -6.78 -10.35
N LYS A 47 -11.48 -6.89 -11.15
CA LYS A 47 -10.21 -7.51 -10.73
C LYS A 47 -9.54 -6.72 -9.61
N PHE A 48 -9.64 -5.39 -9.64
CA PHE A 48 -9.10 -4.51 -8.61
C PHE A 48 -9.84 -4.67 -7.28
N ILE A 49 -11.19 -4.64 -7.31
CA ILE A 49 -12.03 -4.84 -6.13
C ILE A 49 -11.79 -6.24 -5.53
N ASN A 50 -11.72 -7.29 -6.34
CA ASN A 50 -11.36 -8.64 -5.87
C ASN A 50 -9.95 -8.67 -5.23
N TYR A 51 -8.93 -8.13 -5.90
CA TYR A 51 -7.56 -8.09 -5.40
C TYR A 51 -7.49 -7.37 -4.04
N VAL A 52 -8.19 -6.24 -3.90
CA VAL A 52 -8.32 -5.55 -2.60
C VAL A 52 -8.99 -6.43 -1.56
N LYS A 53 -10.20 -6.94 -1.81
CA LYS A 53 -10.97 -7.75 -0.84
C LYS A 53 -10.21 -8.99 -0.35
N ASN A 54 -9.61 -9.75 -1.28
CA ASN A 54 -9.04 -11.06 -0.97
C ASN A 54 -7.55 -11.03 -0.54
N CYS A 55 -6.75 -10.07 -1.03
CA CYS A 55 -5.32 -9.97 -0.67
C CYS A 55 -5.03 -8.92 0.42
N PHE A 56 -5.86 -7.88 0.58
CA PHE A 56 -5.57 -6.73 1.47
C PHE A 56 -6.74 -6.21 2.33
N ARG A 57 -7.94 -6.82 2.23
CA ARG A 57 -9.03 -6.84 3.23
C ARG A 57 -9.41 -5.51 3.89
N MET A 58 -9.92 -4.56 3.09
CA MET A 58 -10.34 -3.22 3.55
C MET A 58 -11.67 -3.17 4.31
N THR A 59 -12.55 -4.18 4.16
CA THR A 59 -13.87 -4.35 4.81
C THR A 59 -14.95 -3.29 4.50
N ASP A 60 -14.60 -2.05 4.16
CA ASP A 60 -15.55 -0.94 3.96
C ASP A 60 -15.71 -0.58 2.46
N GLN A 61 -16.94 -0.61 1.95
CA GLN A 61 -17.23 -0.29 0.53
C GLN A 61 -16.89 1.17 0.22
N GLU A 62 -17.21 2.08 1.14
CA GLU A 62 -16.87 3.51 1.06
C GLU A 62 -15.35 3.76 0.92
N ALA A 63 -14.50 2.91 1.51
CA ALA A 63 -13.05 2.98 1.34
C ALA A 63 -12.60 2.31 0.03
N ILE A 64 -13.21 1.17 -0.35
CA ILE A 64 -12.94 0.49 -1.63
C ILE A 64 -13.17 1.44 -2.82
N GLN A 65 -14.27 2.20 -2.83
CA GLN A 65 -14.51 3.21 -3.86
C GLN A 65 -13.65 4.48 -3.67
N ASP A 66 -13.33 4.90 -2.44
CA ASP A 66 -12.37 6.00 -2.23
C ASP A 66 -10.97 5.68 -2.78
N LEU A 67 -10.57 4.40 -2.69
CA LEU A 67 -9.32 3.85 -3.18
C LEU A 67 -9.30 3.71 -4.71
N TRP A 68 -10.41 3.29 -5.34
CA TRP A 68 -10.52 3.27 -6.80
C TRP A 68 -10.46 4.70 -7.40
N GLN A 69 -11.16 5.66 -6.79
CA GLN A 69 -11.08 7.07 -7.18
C GLN A 69 -9.66 7.66 -6.97
N TRP A 70 -8.95 7.23 -5.91
CA TRP A 70 -7.56 7.61 -5.67
C TRP A 70 -6.62 7.03 -6.74
N ARG A 71 -6.75 5.74 -7.09
CA ARG A 71 -6.02 5.08 -8.18
C ARG A 71 -6.25 5.77 -9.53
N LYS A 72 -7.49 6.14 -9.87
CA LYS A 72 -7.82 6.95 -11.05
C LYS A 72 -7.35 8.42 -10.97
N SER A 73 -6.93 8.89 -9.79
CA SER A 73 -6.41 10.26 -9.55
C SER A 73 -4.88 10.37 -9.50
N LEU A 74 -4.15 9.25 -9.49
CA LEU A 74 -2.69 9.17 -9.67
C LEU A 74 -2.24 9.35 -11.12
N GLN A 5 27.69 -4.57 -17.76
CA GLN A 5 27.36 -3.13 -17.86
C GLN A 5 26.08 -2.83 -17.10
N GLU A 6 25.97 -1.64 -16.50
CA GLU A 6 24.74 -1.06 -15.92
C GLU A 6 24.09 -1.86 -14.77
N SER A 7 24.75 -2.90 -14.26
CA SER A 7 24.29 -3.75 -13.15
C SER A 7 24.76 -3.25 -11.77
N PHE A 8 25.87 -2.49 -11.72
CA PHE A 8 26.52 -1.93 -10.54
C PHE A 8 27.01 -2.96 -9.49
N LYS A 9 28.04 -2.58 -8.70
CA LYS A 9 28.64 -3.45 -7.67
C LYS A 9 27.83 -3.47 -6.36
N LYS A 10 26.98 -2.46 -6.13
CA LYS A 10 26.11 -2.32 -4.94
C LYS A 10 25.19 -3.54 -4.70
N GLN A 11 24.98 -3.85 -3.43
CA GLN A 11 24.17 -4.98 -2.94
C GLN A 11 23.81 -4.87 -1.45
N GLU A 12 22.66 -5.41 -1.05
CA GLU A 12 22.30 -5.70 0.36
C GLU A 12 21.33 -6.90 0.40
N LYS A 13 21.51 -7.81 1.37
CA LYS A 13 20.60 -8.94 1.64
C LYS A 13 19.70 -8.68 2.84
N THR A 14 18.48 -9.23 2.79
CA THR A 14 17.47 -9.25 3.85
C THR A 14 17.33 -7.94 4.66
N PRO A 15 17.17 -6.75 4.02
CA PRO A 15 17.11 -5.48 4.72
C PRO A 15 15.91 -5.37 5.66
N LYS A 16 16.10 -4.69 6.80
CA LYS A 16 15.24 -4.74 7.98
C LYS A 16 14.31 -3.51 8.06
N THR A 17 13.53 -3.30 7.00
CA THR A 17 12.74 -2.07 6.76
C THR A 17 11.23 -2.35 6.64
N PRO A 18 10.50 -2.56 7.75
CA PRO A 18 9.05 -2.76 7.73
C PRO A 18 8.31 -1.48 7.39
N LYS A 19 7.27 -1.61 6.55
CA LYS A 19 6.59 -0.49 5.88
C LYS A 19 5.12 -0.82 5.51
N GLY A 20 4.40 -1.39 6.48
CA GLY A 20 3.08 -2.02 6.32
C GLY A 20 2.09 -1.66 7.44
N PRO A 21 1.33 -0.55 7.32
CA PRO A 21 0.25 -0.15 8.23
C PRO A 21 -0.88 -1.20 8.42
N SER A 22 -2.00 -0.82 9.07
CA SER A 22 -3.07 -1.75 9.47
C SER A 22 -4.50 -1.24 9.17
N SER A 23 -4.64 -0.43 8.11
CA SER A 23 -5.89 0.14 7.57
C SER A 23 -5.71 0.51 6.08
N VAL A 24 -6.52 1.41 5.50
CA VAL A 24 -6.45 1.80 4.07
C VAL A 24 -5.05 2.31 3.67
N GLU A 25 -4.34 2.93 4.61
CA GLU A 25 -2.92 3.32 4.48
C GLU A 25 -1.95 2.15 4.14
N ASP A 26 -2.29 0.89 4.44
CA ASP A 26 -1.50 -0.30 4.06
C ASP A 26 -1.71 -0.66 2.59
N ILE A 27 -2.96 -0.64 2.13
CA ILE A 27 -3.31 -0.73 0.71
C ILE A 27 -2.56 0.34 -0.11
N LYS A 28 -2.54 1.59 0.37
CA LYS A 28 -1.87 2.72 -0.30
C LYS A 28 -0.34 2.55 -0.31
N ALA A 29 0.24 2.12 0.80
CA ALA A 29 1.67 1.83 0.92
C ALA A 29 2.13 0.64 0.04
N LYS A 30 1.37 -0.46 0.04
CA LYS A 30 1.61 -1.65 -0.80
C LYS A 30 1.49 -1.32 -2.30
N MET A 31 0.61 -0.38 -2.68
CA MET A 31 0.60 0.19 -4.03
C MET A 31 1.83 1.06 -4.33
N GLN A 32 2.30 1.92 -3.41
CA GLN A 32 3.54 2.71 -3.66
C GLN A 32 4.75 1.78 -3.84
N ALA A 33 4.85 0.73 -3.04
CA ALA A 33 5.90 -0.29 -3.13
C ALA A 33 5.84 -1.04 -4.48
N SER A 34 4.64 -1.48 -4.89
CA SER A 34 4.44 -2.16 -6.19
C SER A 34 4.84 -1.26 -7.37
N ILE A 35 4.37 -0.01 -7.37
CA ILE A 35 4.57 0.95 -8.47
C ILE A 35 6.05 1.35 -8.61
N GLU A 36 6.77 1.60 -7.51
CA GLU A 36 8.18 2.04 -7.57
C GLU A 36 9.18 0.86 -7.61
N LYS A 37 8.99 -0.17 -6.78
CA LYS A 37 9.96 -1.26 -6.56
C LYS A 37 9.66 -2.56 -7.32
N GLY A 38 8.44 -2.73 -7.82
CA GLY A 38 8.04 -3.80 -8.73
C GLY A 38 6.91 -4.69 -8.19
N GLY A 39 5.76 -4.67 -8.86
CA GLY A 39 4.60 -5.53 -8.59
C GLY A 39 3.47 -5.26 -9.59
N SER A 40 3.01 -6.29 -10.32
CA SER A 40 2.05 -6.15 -11.41
C SER A 40 0.58 -6.22 -10.95
N LEU A 41 -0.27 -5.32 -11.46
CA LEU A 41 -1.63 -5.04 -10.96
C LEU A 41 -2.72 -5.13 -12.07
N PRO A 42 -3.97 -5.50 -11.73
CA PRO A 42 -5.13 -5.32 -12.60
C PRO A 42 -5.59 -3.85 -12.63
N LYS A 43 -6.23 -3.42 -13.72
CA LYS A 43 -6.82 -2.07 -13.87
C LYS A 43 -8.35 -2.07 -14.03
N VAL A 44 -8.96 -3.14 -14.52
CA VAL A 44 -10.43 -3.29 -14.57
C VAL A 44 -11.01 -3.37 -13.15
N GLU A 45 -12.14 -2.70 -12.93
CA GLU A 45 -12.66 -2.39 -11.59
C GLU A 45 -12.90 -3.64 -10.73
N ALA A 46 -13.55 -4.69 -11.25
CA ALA A 46 -13.83 -5.91 -10.50
C ALA A 46 -12.57 -6.66 -10.05
N LYS A 47 -11.59 -6.86 -10.95
CA LYS A 47 -10.32 -7.51 -10.60
C LYS A 47 -9.51 -6.68 -9.62
N PHE A 48 -9.60 -5.35 -9.72
CA PHE A 48 -8.96 -4.45 -8.77
C PHE A 48 -9.60 -4.53 -7.37
N ILE A 49 -10.93 -4.64 -7.27
CA ILE A 49 -11.62 -4.89 -5.98
C ILE A 49 -11.15 -6.22 -5.37
N ASN A 50 -11.05 -7.29 -6.18
CA ASN A 50 -10.45 -8.57 -5.75
C ASN A 50 -8.99 -8.41 -5.24
N TYR A 51 -8.18 -7.59 -5.92
CA TYR A 51 -6.80 -7.29 -5.54
C TYR A 51 -6.69 -6.50 -4.22
N VAL A 52 -7.60 -5.54 -3.98
CA VAL A 52 -7.67 -4.80 -2.71
C VAL A 52 -8.10 -5.71 -1.57
N LYS A 53 -9.14 -6.53 -1.76
CA LYS A 53 -9.58 -7.56 -0.79
C LYS A 53 -8.47 -8.57 -0.46
N ASN A 54 -7.57 -8.83 -1.41
CA ASN A 54 -6.35 -9.60 -1.23
C ASN A 54 -5.29 -8.84 -0.40
N CYS A 55 -5.10 -7.54 -0.63
CA CYS A 55 -4.08 -6.73 0.05
C CYS A 55 -4.40 -6.47 1.53
N PHE A 56 -5.67 -6.18 1.87
CA PHE A 56 -6.14 -6.04 3.25
C PHE A 56 -7.66 -6.26 3.34
N ARG A 57 -8.15 -6.74 4.48
CA ARG A 57 -9.57 -7.04 4.75
C ARG A 57 -10.44 -5.80 4.98
N MET A 58 -10.41 -4.88 4.01
CA MET A 58 -10.95 -3.52 4.16
C MET A 58 -12.48 -3.45 4.20
N THR A 59 -13.17 -4.53 3.81
CA THR A 59 -14.60 -4.82 4.03
C THR A 59 -15.62 -3.87 3.37
N ASP A 60 -15.55 -2.56 3.61
CA ASP A 60 -16.64 -1.61 3.33
C ASP A 60 -16.65 -1.07 1.89
N GLN A 61 -17.82 -1.12 1.24
CA GLN A 61 -18.03 -0.51 -0.08
C GLN A 61 -17.69 0.99 -0.12
N GLU A 62 -17.92 1.75 0.97
CA GLU A 62 -17.56 3.17 1.09
C GLU A 62 -16.04 3.43 1.04
N ALA A 63 -15.22 2.57 1.65
CA ALA A 63 -13.76 2.65 1.53
C ALA A 63 -13.28 2.15 0.16
N ILE A 64 -13.90 1.11 -0.39
CA ILE A 64 -13.59 0.58 -1.73
C ILE A 64 -13.78 1.66 -2.80
N GLN A 65 -14.92 2.37 -2.81
CA GLN A 65 -15.14 3.45 -3.78
C GLN A 65 -14.30 4.70 -3.50
N ASP A 66 -14.00 5.01 -2.23
CA ASP A 66 -13.13 6.16 -1.89
C ASP A 66 -11.67 5.93 -2.34
N LEU A 67 -11.17 4.70 -2.13
CA LEU A 67 -9.86 4.24 -2.60
C LEU A 67 -9.82 4.20 -4.14
N TRP A 68 -10.92 3.86 -4.81
CA TRP A 68 -11.03 3.96 -6.27
C TRP A 68 -10.87 5.41 -6.76
N GLN A 69 -11.48 6.40 -6.08
CA GLN A 69 -11.22 7.81 -6.42
C GLN A 69 -9.74 8.19 -6.18
N TRP A 70 -9.09 7.60 -5.17
CA TRP A 70 -7.66 7.82 -4.92
C TRP A 70 -6.75 7.23 -6.01
N ARG A 71 -7.06 6.06 -6.60
CA ARG A 71 -6.33 5.54 -7.78
C ARG A 71 -6.62 6.36 -9.05
N LYS A 72 -7.83 6.90 -9.19
CA LYS A 72 -8.17 7.94 -10.20
C LYS A 72 -7.61 9.33 -9.89
N SER A 73 -6.82 9.48 -8.82
CA SER A 73 -6.11 10.71 -8.46
C SER A 73 -4.58 10.56 -8.48
N LEU A 74 -4.05 9.37 -8.78
CA LEU A 74 -2.61 9.02 -8.72
C LEU A 74 -1.88 9.39 -10.02
N GLN A 5 33.23 3.47 15.41
CA GLN A 5 32.02 3.25 16.21
C GLN A 5 30.79 3.57 15.36
N GLU A 6 30.10 2.55 14.86
CA GLU A 6 28.89 2.70 14.03
C GLU A 6 27.60 3.02 14.78
N SER A 7 27.56 2.75 16.10
CA SER A 7 26.29 2.62 16.85
C SER A 7 25.60 3.94 17.17
N PHE A 8 26.19 5.08 16.83
CA PHE A 8 25.61 6.42 16.95
C PHE A 8 25.83 7.26 15.68
N LYS A 9 24.92 8.21 15.46
CA LYS A 9 24.54 8.72 14.13
C LYS A 9 24.09 10.19 14.11
N LYS A 10 23.85 10.79 15.28
CA LYS A 10 23.54 12.21 15.53
C LYS A 10 22.51 12.88 14.60
N GLN A 11 21.57 12.10 14.04
CA GLN A 11 20.54 12.65 13.17
C GLN A 11 19.47 13.40 13.97
N GLU A 12 18.85 14.39 13.34
CA GLU A 12 17.64 15.07 13.85
C GLU A 12 16.45 14.83 12.91
N LYS A 13 16.60 13.98 11.89
CA LYS A 13 15.72 13.98 10.71
C LYS A 13 14.43 13.21 10.91
N THR A 14 14.40 12.15 11.72
CA THR A 14 13.21 11.30 11.95
C THR A 14 13.03 10.83 13.41
N PRO A 15 12.98 11.73 14.41
CA PRO A 15 12.88 11.36 15.84
C PRO A 15 11.50 10.83 16.28
N LYS A 16 10.39 11.24 15.67
CA LYS A 16 9.04 10.77 16.02
C LYS A 16 8.08 10.75 14.81
N THR A 17 8.40 9.85 13.87
CA THR A 17 7.63 9.58 12.65
C THR A 17 7.53 8.06 12.42
N PRO A 18 6.56 7.36 13.03
CA PRO A 18 6.35 5.93 12.81
C PRO A 18 5.66 5.70 11.46
N LYS A 19 6.09 4.67 10.71
CA LYS A 19 5.57 4.28 9.38
C LYS A 19 4.63 3.08 9.49
N GLY A 20 3.75 2.89 8.50
CA GLY A 20 2.65 1.92 8.50
C GLY A 20 1.39 2.43 9.23
N PRO A 21 0.64 3.41 8.69
CA PRO A 21 -0.51 4.08 9.32
C PRO A 21 -1.64 3.22 9.93
N SER A 22 -2.52 3.86 10.70
CA SER A 22 -3.69 3.26 11.37
C SER A 22 -4.97 3.13 10.52
N SER A 23 -4.96 3.60 9.27
CA SER A 23 -6.11 3.57 8.36
C SER A 23 -5.67 3.47 6.89
N VAL A 24 -6.48 3.91 5.91
CA VAL A 24 -6.36 3.60 4.48
C VAL A 24 -5.03 4.08 3.84
N GLU A 25 -4.37 5.08 4.42
CA GLU A 25 -3.01 5.49 4.03
C GLU A 25 -2.01 4.32 4.09
N ASP A 26 -2.19 3.35 5.00
CA ASP A 26 -1.27 2.22 5.15
C ASP A 26 -1.25 1.30 3.93
N ILE A 27 -2.41 0.77 3.51
CA ILE A 27 -2.50 -0.02 2.28
C ILE A 27 -2.12 0.81 1.06
N LYS A 28 -2.53 2.09 0.97
CA LYS A 28 -2.21 2.94 -0.18
C LYS A 28 -0.71 3.21 -0.32
N ALA A 29 0.00 3.46 0.77
CA ALA A 29 1.43 3.68 0.82
C ALA A 29 2.25 2.39 0.62
N LYS A 30 1.81 1.26 1.20
CA LYS A 30 2.39 -0.07 0.92
C LYS A 30 2.27 -0.42 -0.58
N MET A 31 1.13 -0.10 -1.20
CA MET A 31 0.95 -0.20 -2.65
C MET A 31 1.75 0.84 -3.46
N GLN A 32 2.16 1.98 -2.88
CA GLN A 32 3.13 2.87 -3.55
C GLN A 32 4.51 2.23 -3.57
N ALA A 33 4.99 1.70 -2.44
CA ALA A 33 6.25 0.93 -2.41
C ALA A 33 6.25 -0.18 -3.47
N SER A 34 5.14 -0.91 -3.61
CA SER A 34 4.95 -1.86 -4.71
C SER A 34 4.98 -1.21 -6.10
N ILE A 35 4.24 -0.13 -6.38
CA ILE A 35 4.15 0.42 -7.76
C ILE A 35 5.48 0.99 -8.27
N GLU A 36 6.33 1.56 -7.41
CA GLU A 36 7.69 2.01 -7.79
C GLU A 36 8.80 0.95 -7.57
N LYS A 37 8.51 -0.25 -7.05
CA LYS A 37 9.48 -1.39 -6.96
C LYS A 37 9.09 -2.66 -7.72
N GLY A 38 7.89 -2.74 -8.30
CA GLY A 38 7.41 -3.91 -9.04
C GLY A 38 6.02 -3.80 -9.68
N GLY A 39 5.44 -2.60 -9.82
CA GLY A 39 4.07 -2.43 -10.34
C GLY A 39 2.97 -2.83 -9.34
N SER A 40 1.72 -2.43 -9.59
CA SER A 40 0.59 -2.72 -8.68
C SER A 40 -0.78 -2.67 -9.36
N LEU A 41 -1.67 -3.55 -8.86
CA LEU A 41 -3.11 -3.66 -9.13
C LEU A 41 -3.56 -3.98 -10.58
N PRO A 42 -4.74 -4.64 -10.73
CA PRO A 42 -5.52 -4.63 -11.96
C PRO A 42 -6.03 -3.22 -12.33
N LYS A 43 -6.81 -3.11 -13.41
CA LYS A 43 -7.47 -1.87 -13.84
C LYS A 43 -8.95 -2.00 -14.20
N VAL A 44 -9.48 -3.22 -14.42
CA VAL A 44 -10.93 -3.45 -14.57
C VAL A 44 -11.59 -3.70 -13.20
N GLU A 45 -12.74 -3.07 -12.96
CA GLU A 45 -13.31 -2.88 -11.61
C GLU A 45 -13.54 -4.19 -10.84
N ALA A 46 -14.14 -5.21 -11.47
CA ALA A 46 -14.46 -6.46 -10.77
C ALA A 46 -13.22 -7.27 -10.37
N LYS A 47 -12.15 -7.25 -11.20
CA LYS A 47 -10.85 -7.86 -10.85
C LYS A 47 -10.16 -7.07 -9.75
N PHE A 48 -10.21 -5.75 -9.80
CA PHE A 48 -9.64 -4.86 -8.80
C PHE A 48 -10.27 -5.09 -7.41
N ILE A 49 -11.60 -5.19 -7.35
CA ILE A 49 -12.37 -5.47 -6.13
C ILE A 49 -12.07 -6.88 -5.59
N ASN A 50 -12.05 -7.90 -6.47
CA ASN A 50 -11.63 -9.27 -6.11
C ASN A 50 -10.22 -9.29 -5.49
N TYR A 51 -9.26 -8.60 -6.11
CA TYR A 51 -7.87 -8.55 -5.67
C TYR A 51 -7.74 -7.91 -4.27
N VAL A 52 -8.36 -6.75 -4.08
CA VAL A 52 -8.38 -6.04 -2.79
C VAL A 52 -9.03 -6.88 -1.68
N LYS A 53 -10.21 -7.47 -1.92
CA LYS A 53 -10.90 -8.29 -0.91
C LYS A 53 -10.11 -9.57 -0.58
N ASN A 54 -9.74 -10.36 -1.58
CA ASN A 54 -9.18 -11.70 -1.36
C ASN A 54 -7.70 -11.70 -0.93
N CYS A 55 -6.95 -10.61 -1.14
CA CYS A 55 -5.53 -10.54 -0.76
C CYS A 55 -5.23 -9.52 0.36
N PHE A 56 -6.02 -8.43 0.44
CA PHE A 56 -5.81 -7.33 1.40
C PHE A 56 -6.95 -7.13 2.41
N ARG A 57 -8.04 -7.90 2.31
CA ARG A 57 -9.06 -8.14 3.35
C ARG A 57 -9.80 -6.92 3.89
N MET A 58 -9.85 -5.82 3.15
CA MET A 58 -10.78 -4.71 3.39
C MET A 58 -12.15 -4.97 2.75
N THR A 59 -13.22 -4.52 3.42
CA THR A 59 -14.63 -4.67 2.99
C THR A 59 -15.45 -3.37 3.11
N ASP A 60 -14.88 -2.30 3.67
CA ASP A 60 -15.49 -0.97 3.69
C ASP A 60 -15.56 -0.37 2.28
N GLN A 61 -16.75 -0.33 1.68
CA GLN A 61 -16.93 0.21 0.33
C GLN A 61 -16.40 1.64 0.19
N GLU A 62 -16.57 2.51 1.20
CA GLU A 62 -16.05 3.89 1.16
C GLU A 62 -14.52 3.96 1.01
N ALA A 63 -13.77 3.00 1.58
CA ALA A 63 -12.31 2.94 1.45
C ALA A 63 -11.87 2.18 0.20
N ILE A 64 -12.60 1.13 -0.20
CA ILE A 64 -12.37 0.41 -1.47
C ILE A 64 -12.51 1.37 -2.64
N GLN A 65 -13.58 2.19 -2.65
CA GLN A 65 -13.77 3.20 -3.68
C GLN A 65 -12.81 4.39 -3.54
N ASP A 66 -12.35 4.77 -2.34
CA ASP A 66 -11.30 5.80 -2.20
C ASP A 66 -9.97 5.31 -2.78
N LEU A 67 -9.58 4.06 -2.51
CA LEU A 67 -8.36 3.43 -3.03
C LEU A 67 -8.40 3.36 -4.57
N TRP A 68 -9.52 2.87 -5.11
CA TRP A 68 -9.80 2.77 -6.55
C TRP A 68 -9.74 4.12 -7.27
N GLN A 69 -10.41 5.16 -6.73
CA GLN A 69 -10.37 6.53 -7.27
C GLN A 69 -8.96 7.13 -7.21
N TRP A 70 -8.18 6.82 -6.17
CA TRP A 70 -6.79 7.29 -6.08
C TRP A 70 -5.88 6.62 -7.10
N ARG A 71 -6.17 5.38 -7.54
CA ARG A 71 -5.43 4.70 -8.63
C ARG A 71 -5.93 5.05 -10.04
N LYS A 72 -7.16 5.53 -10.15
CA LYS A 72 -7.66 6.35 -11.29
C LYS A 72 -7.14 7.80 -11.26
N SER A 73 -6.35 8.17 -10.24
CA SER A 73 -5.73 9.49 -10.04
C SER A 73 -4.19 9.40 -9.90
N LEU A 74 -3.52 8.49 -10.64
CA LEU A 74 -2.05 8.36 -10.67
C LEU A 74 -1.37 9.47 -11.47
N GLN A 5 3.87 31.49 24.80
CA GLN A 5 5.26 31.84 25.18
C GLN A 5 6.13 30.59 25.35
N GLU A 6 7.45 30.77 25.30
CA GLU A 6 8.52 29.78 25.58
C GLU A 6 8.65 28.57 24.62
N SER A 7 7.59 28.18 23.91
CA SER A 7 7.65 27.15 22.86
C SER A 7 6.75 27.46 21.66
N PHE A 8 7.24 27.18 20.45
CA PHE A 8 6.56 27.49 19.18
C PHE A 8 5.90 26.25 18.56
N LYS A 9 6.67 25.18 18.34
CA LYS A 9 6.21 23.89 17.79
C LYS A 9 6.74 22.72 18.63
N LYS A 10 5.97 21.63 18.77
CA LYS A 10 6.31 20.43 19.56
C LYS A 10 5.88 19.12 18.87
N GLN A 11 5.91 19.12 17.55
CA GLN A 11 5.41 18.02 16.69
C GLN A 11 6.45 16.89 16.51
N GLU A 12 7.68 17.20 16.11
CA GLU A 12 8.66 16.19 15.70
C GLU A 12 9.26 15.45 16.90
N LYS A 13 9.02 14.13 16.98
CA LYS A 13 9.61 13.19 17.95
C LYS A 13 10.11 11.88 17.33
N THR A 14 9.64 11.51 16.14
CA THR A 14 10.05 10.29 15.43
C THR A 14 9.88 10.45 13.89
N PRO A 15 10.80 11.14 13.20
CA PRO A 15 10.74 11.35 11.76
C PRO A 15 11.27 10.14 10.98
N LYS A 16 10.39 9.47 10.23
CA LYS A 16 10.67 8.32 9.34
C LYS A 16 9.78 8.39 8.10
N THR A 17 10.14 7.67 7.04
CA THR A 17 9.32 7.52 5.81
C THR A 17 8.80 6.07 5.71
N PRO A 18 7.65 5.74 6.32
CA PRO A 18 7.11 4.37 6.34
C PRO A 18 6.41 4.00 5.02
N LYS A 19 6.43 2.71 4.66
CA LYS A 19 5.91 2.19 3.38
C LYS A 19 4.50 1.58 3.46
N GLY A 20 4.01 1.23 4.66
CA GLY A 20 2.69 0.59 4.84
C GLY A 20 2.27 0.48 6.31
N PRO A 21 1.62 1.50 6.92
CA PRO A 21 1.56 1.58 8.39
C PRO A 21 0.72 0.53 9.15
N SER A 22 -0.61 0.39 8.92
CA SER A 22 -1.44 -0.75 9.37
C SER A 22 -2.88 -0.74 8.83
N SER A 23 -3.58 0.39 8.91
CA SER A 23 -5.01 0.54 8.57
C SER A 23 -5.21 0.67 7.04
N VAL A 24 -6.28 1.31 6.53
CA VAL A 24 -6.38 1.60 5.07
C VAL A 24 -5.16 2.41 4.59
N GLU A 25 -4.51 3.16 5.48
CA GLU A 25 -3.22 3.85 5.26
C GLU A 25 -2.09 2.90 4.75
N ASP A 26 -2.06 1.63 5.18
CA ASP A 26 -1.13 0.61 4.67
C ASP A 26 -1.44 0.29 3.20
N ILE A 27 -2.72 0.10 2.88
CA ILE A 27 -3.21 -0.18 1.52
C ILE A 27 -2.93 1.02 0.59
N LYS A 28 -3.14 2.26 1.06
CA LYS A 28 -2.83 3.51 0.34
C LYS A 28 -1.33 3.60 -0.01
N ALA A 29 -0.46 3.42 0.99
CA ALA A 29 0.98 3.53 0.83
C ALA A 29 1.57 2.39 -0.03
N LYS A 30 1.10 1.14 0.14
CA LYS A 30 1.47 0.01 -0.71
C LYS A 30 0.96 0.15 -2.15
N MET A 31 -0.15 0.85 -2.39
CA MET A 31 -0.52 1.27 -3.75
C MET A 31 0.48 2.28 -4.34
N GLN A 32 0.99 3.25 -3.56
CA GLN A 32 2.02 4.16 -4.09
C GLN A 32 3.29 3.38 -4.48
N ALA A 33 3.72 2.44 -3.63
CA ALA A 33 4.82 1.51 -3.93
C ALA A 33 4.55 0.65 -5.18
N SER A 34 3.31 0.17 -5.35
CA SER A 34 2.89 -0.61 -6.54
C SER A 34 2.98 0.20 -7.84
N ILE A 35 2.86 1.53 -7.78
CA ILE A 35 3.08 2.42 -8.93
C ILE A 35 4.57 2.57 -9.21
N GLU A 36 5.40 2.88 -8.21
CA GLU A 36 6.85 3.08 -8.43
C GLU A 36 7.69 1.80 -8.58
N LYS A 37 7.06 0.61 -8.46
CA LYS A 37 7.64 -0.70 -8.82
C LYS A 37 7.05 -1.27 -10.11
N GLY A 38 5.74 -1.11 -10.36
CA GLY A 38 5.13 -1.30 -11.69
C GLY A 38 5.04 -2.74 -12.20
N GLY A 39 4.90 -3.73 -11.32
CA GLY A 39 4.71 -5.15 -11.68
C GLY A 39 3.66 -5.89 -10.81
N SER A 40 2.73 -5.16 -10.19
CA SER A 40 1.83 -5.67 -9.15
C SER A 40 0.35 -5.37 -9.41
N LEU A 41 -0.52 -6.23 -8.87
CA LEU A 41 -1.99 -6.27 -9.01
C LEU A 41 -2.53 -6.45 -10.45
N PRO A 42 -3.77 -6.98 -10.62
CA PRO A 42 -4.45 -7.06 -11.91
C PRO A 42 -4.68 -5.71 -12.59
N LYS A 43 -4.93 -5.71 -13.90
CA LYS A 43 -5.15 -4.49 -14.72
C LYS A 43 -6.55 -3.90 -14.52
N VAL A 44 -7.58 -4.74 -14.35
CA VAL A 44 -9.01 -4.34 -14.34
C VAL A 44 -9.65 -4.38 -12.96
N GLU A 45 -10.54 -3.43 -12.69
CA GLU A 45 -11.16 -3.18 -11.38
C GLU A 45 -11.80 -4.40 -10.71
N ALA A 46 -12.50 -5.27 -11.45
CA ALA A 46 -13.16 -6.45 -10.86
C ALA A 46 -12.17 -7.50 -10.33
N LYS A 47 -11.12 -7.82 -11.09
CA LYS A 47 -10.02 -8.72 -10.66
C LYS A 47 -9.26 -8.09 -9.50
N PHE A 48 -9.01 -6.78 -9.59
CA PHE A 48 -8.31 -6.02 -8.56
C PHE A 48 -9.04 -6.06 -7.22
N ILE A 49 -10.36 -5.81 -7.20
CA ILE A 49 -11.20 -5.88 -6.00
C ILE A 49 -11.21 -7.30 -5.42
N ASN A 50 -11.31 -8.34 -6.26
CA ASN A 50 -11.14 -9.73 -5.79
C ASN A 50 -9.80 -9.96 -5.04
N TYR A 51 -8.70 -9.46 -5.62
CA TYR A 51 -7.36 -9.69 -5.06
C TYR A 51 -7.11 -8.85 -3.80
N VAL A 52 -7.61 -7.62 -3.73
CA VAL A 52 -7.54 -6.76 -2.53
C VAL A 52 -8.43 -7.27 -1.40
N LYS A 53 -9.64 -7.78 -1.69
CA LYS A 53 -10.49 -8.46 -0.69
C LYS A 53 -9.91 -9.81 -0.22
N ASN A 54 -8.98 -10.39 -0.99
CA ASN A 54 -8.04 -11.39 -0.46
C ASN A 54 -7.01 -10.73 0.49
N CYS A 55 -6.24 -9.74 0.02
CA CYS A 55 -5.09 -9.18 0.75
C CYS A 55 -5.43 -8.55 2.12
N PHE A 56 -6.64 -8.03 2.32
CA PHE A 56 -7.11 -7.59 3.63
C PHE A 56 -8.64 -7.65 3.77
N ARG A 57 -9.12 -7.56 5.01
CA ARG A 57 -10.54 -7.65 5.42
C ARG A 57 -11.33 -6.38 5.07
N MET A 58 -11.49 -6.14 3.78
CA MET A 58 -12.24 -5.02 3.21
C MET A 58 -13.66 -5.43 2.80
N THR A 59 -14.65 -4.60 3.15
CA THR A 59 -16.03 -4.66 2.66
C THR A 59 -16.67 -3.26 2.50
N ASP A 60 -16.01 -2.20 2.97
CA ASP A 60 -16.46 -0.81 2.83
C ASP A 60 -16.21 -0.25 1.42
N GLN A 61 -17.29 -0.09 0.63
CA GLN A 61 -17.21 0.52 -0.69
C GLN A 61 -16.74 2.00 -0.63
N GLU A 62 -16.97 2.68 0.50
CA GLU A 62 -16.41 4.01 0.78
C GLU A 62 -14.87 4.00 0.77
N ALA A 63 -14.24 3.05 1.46
CA ALA A 63 -12.77 2.95 1.49
C ALA A 63 -12.22 2.45 0.15
N ILE A 64 -12.96 1.59 -0.55
CA ILE A 64 -12.63 1.16 -1.93
C ILE A 64 -12.59 2.36 -2.88
N GLN A 65 -13.62 3.22 -2.90
CA GLN A 65 -13.60 4.40 -3.77
C GLN A 65 -12.61 5.47 -3.32
N ASP A 66 -12.32 5.62 -2.01
CA ASP A 66 -11.29 6.55 -1.52
C ASP A 66 -9.87 6.06 -1.89
N LEU A 67 -9.67 4.74 -1.91
CA LEU A 67 -8.44 4.10 -2.40
C LEU A 67 -8.28 4.31 -3.91
N TRP A 68 -9.35 4.11 -4.71
CA TRP A 68 -9.36 4.46 -6.14
C TRP A 68 -9.04 5.94 -6.37
N GLN A 69 -9.59 6.87 -5.58
CA GLN A 69 -9.27 8.30 -5.73
C GLN A 69 -7.79 8.59 -5.40
N TRP A 70 -7.20 7.86 -4.45
CA TRP A 70 -5.75 7.95 -4.16
C TRP A 70 -4.87 7.33 -5.26
N ARG A 71 -5.41 6.46 -6.13
CA ARG A 71 -4.78 6.07 -7.42
C ARG A 71 -5.01 7.14 -8.50
N LYS A 72 -6.22 7.73 -8.56
CA LYS A 72 -6.59 8.88 -9.42
C LYS A 72 -6.06 10.23 -8.89
N SER A 73 -4.98 10.20 -8.11
CA SER A 73 -4.24 11.35 -7.57
C SER A 73 -2.77 11.44 -8.04
N LEU A 74 -2.33 10.49 -8.89
CA LEU A 74 -1.04 10.48 -9.61
C LEU A 74 -1.10 9.68 -10.92
N GLN A 5 43.64 -1.69 19.73
CA GLN A 5 43.06 -2.90 19.11
C GLN A 5 41.57 -3.04 19.44
N GLU A 6 41.22 -3.17 20.73
CA GLU A 6 39.91 -3.69 21.17
C GLU A 6 38.90 -2.62 21.64
N SER A 7 39.05 -1.36 21.23
CA SER A 7 38.11 -0.27 21.61
C SER A 7 36.79 -0.29 20.82
N PHE A 8 36.87 -0.49 19.51
CA PHE A 8 35.73 -0.60 18.56
C PHE A 8 34.78 0.62 18.51
N LYS A 9 33.79 0.58 17.60
CA LYS A 9 32.86 1.68 17.26
C LYS A 9 31.39 1.27 17.16
N LYS A 10 31.09 0.06 16.68
CA LYS A 10 29.72 -0.50 16.57
C LYS A 10 29.12 -0.68 17.98
N GLN A 11 27.85 -0.35 18.16
CA GLN A 11 27.16 -0.45 19.46
C GLN A 11 25.67 -0.79 19.34
N GLU A 12 24.95 -0.31 18.32
CA GLU A 12 23.49 -0.41 18.26
C GLU A 12 22.99 -1.80 17.80
N LYS A 13 23.58 -2.35 16.72
CA LYS A 13 23.44 -3.76 16.28
C LYS A 13 22.00 -4.28 16.08
N THR A 14 20.99 -3.41 15.95
CA THR A 14 19.54 -3.73 16.03
C THR A 14 18.69 -2.92 15.02
N PRO A 15 18.83 -3.16 13.70
CA PRO A 15 18.17 -2.37 12.66
C PRO A 15 16.72 -2.80 12.41
N LYS A 16 15.92 -1.92 11.79
CA LYS A 16 14.44 -1.99 11.71
C LYS A 16 13.90 -1.70 10.30
N THR A 17 12.71 -2.22 9.99
CA THR A 17 11.93 -1.94 8.77
C THR A 17 10.46 -1.64 9.13
N PRO A 18 10.16 -0.49 9.76
CA PRO A 18 8.84 -0.23 10.38
C PRO A 18 7.78 0.21 9.37
N LYS A 19 6.75 -0.61 9.13
CA LYS A 19 5.75 -0.38 8.06
C LYS A 19 4.39 -1.03 8.31
N GLY A 20 3.38 -0.58 7.59
CA GLY A 20 1.98 -1.01 7.67
C GLY A 20 1.25 -0.52 8.93
N PRO A 21 0.71 0.73 8.94
CA PRO A 21 -0.02 1.30 10.06
C PRO A 21 -1.37 0.62 10.42
N SER A 22 -2.13 1.23 11.33
CA SER A 22 -3.47 0.79 11.77
C SER A 22 -4.63 1.21 10.86
N SER A 23 -4.46 2.29 10.09
CA SER A 23 -5.47 2.85 9.18
C SER A 23 -5.49 2.17 7.80
N VAL A 24 -6.44 2.54 6.93
CA VAL A 24 -6.41 2.29 5.47
C VAL A 24 -5.10 2.81 4.83
N GLU A 25 -4.43 3.76 5.49
CA GLU A 25 -3.11 4.28 5.11
C GLU A 25 -2.02 3.21 4.91
N ASP A 26 -2.14 2.03 5.55
CA ASP A 26 -1.34 0.84 5.25
C ASP A 26 -1.49 0.39 3.80
N ILE A 27 -2.73 0.22 3.34
CA ILE A 27 -3.03 -0.23 1.99
C ILE A 27 -2.67 0.88 0.99
N LYS A 28 -2.88 2.16 1.34
CA LYS A 28 -2.42 3.29 0.52
C LYS A 28 -0.91 3.24 0.28
N ALA A 29 -0.13 3.13 1.37
CA ALA A 29 1.34 3.09 1.30
C ALA A 29 1.85 1.86 0.53
N LYS A 30 1.29 0.68 0.81
CA LYS A 30 1.68 -0.60 0.18
C LYS A 30 1.22 -0.69 -1.28
N MET A 31 0.13 -0.05 -1.68
CA MET A 31 -0.24 0.12 -3.09
C MET A 31 0.77 0.99 -3.85
N GLN A 32 1.19 2.14 -3.31
CA GLN A 32 2.20 2.96 -4.04
C GLN A 32 3.56 2.25 -4.11
N ALA A 33 3.99 1.61 -3.02
CA ALA A 33 5.18 0.78 -3.00
C ALA A 33 5.11 -0.36 -4.04
N SER A 34 3.96 -1.02 -4.18
CA SER A 34 3.77 -2.10 -5.16
C SER A 34 3.84 -1.60 -6.60
N ILE A 35 3.15 -0.50 -6.94
CA ILE A 35 3.07 -0.01 -8.33
C ILE A 35 4.34 0.74 -8.79
N GLU A 36 5.16 1.26 -7.86
CA GLU A 36 6.45 1.90 -8.17
C GLU A 36 7.70 1.07 -7.77
N LYS A 37 7.55 -0.15 -7.21
CA LYS A 37 8.66 -1.11 -6.96
C LYS A 37 8.43 -2.52 -7.52
N GLY A 38 7.39 -2.69 -8.35
CA GLY A 38 7.09 -3.93 -9.08
C GLY A 38 6.07 -3.78 -10.22
N GLY A 39 5.18 -2.78 -10.18
CA GLY A 39 4.15 -2.54 -11.19
C GLY A 39 2.85 -3.29 -10.89
N SER A 40 2.15 -3.76 -11.93
CA SER A 40 0.84 -4.43 -11.79
C SER A 40 -0.22 -3.51 -11.17
N LEU A 41 -1.13 -4.09 -10.37
CA LEU A 41 -2.47 -3.67 -9.98
C LEU A 41 -3.43 -3.68 -11.19
N PRO A 42 -4.64 -4.23 -11.06
CA PRO A 42 -5.66 -4.17 -12.10
C PRO A 42 -6.47 -2.87 -12.00
N LYS A 43 -7.15 -2.50 -13.08
CA LYS A 43 -8.00 -1.31 -13.15
C LYS A 43 -9.49 -1.64 -13.14
N VAL A 44 -9.90 -2.72 -13.83
CA VAL A 44 -11.31 -3.14 -13.89
C VAL A 44 -11.82 -3.51 -12.49
N GLU A 45 -13.00 -3.02 -12.15
CA GLU A 45 -13.48 -2.89 -10.76
C GLU A 45 -13.56 -4.22 -9.99
N ALA A 46 -14.10 -5.29 -10.58
CA ALA A 46 -14.18 -6.61 -9.94
C ALA A 46 -12.78 -7.24 -9.70
N LYS A 47 -11.85 -7.00 -10.63
CA LYS A 47 -10.44 -7.42 -10.53
C LYS A 47 -9.74 -6.65 -9.41
N PHE A 48 -10.00 -5.35 -9.32
CA PHE A 48 -9.50 -4.51 -8.25
C PHE A 48 -10.05 -4.92 -6.87
N ILE A 49 -11.31 -5.39 -6.79
CA ILE A 49 -11.89 -5.94 -5.57
C ILE A 49 -11.18 -7.24 -5.13
N ASN A 50 -10.95 -8.23 -6.01
CA ASN A 50 -10.19 -9.42 -5.58
C ASN A 50 -8.72 -9.09 -5.25
N TYR A 51 -8.10 -8.13 -5.95
CA TYR A 51 -6.77 -7.62 -5.61
C TYR A 51 -6.74 -6.95 -4.21
N VAL A 52 -7.75 -6.14 -3.86
CA VAL A 52 -7.89 -5.53 -2.53
C VAL A 52 -8.07 -6.59 -1.43
N LYS A 53 -8.85 -7.65 -1.69
CA LYS A 53 -9.01 -8.77 -0.74
C LYS A 53 -7.72 -9.58 -0.54
N ASN A 54 -6.86 -9.65 -1.56
CA ASN A 54 -5.50 -10.17 -1.48
C ASN A 54 -4.51 -9.23 -0.74
N CYS A 55 -4.73 -7.91 -0.78
CA CYS A 55 -3.90 -6.91 -0.08
C CYS A 55 -4.26 -6.75 1.40
N PHE A 56 -5.55 -6.82 1.76
CA PHE A 56 -6.00 -6.86 3.15
C PHE A 56 -7.33 -7.60 3.28
N ARG A 57 -8.47 -6.90 3.18
CA ARG A 57 -9.82 -7.46 3.23
C ARG A 57 -10.84 -6.49 2.61
N MET A 58 -11.26 -5.48 3.37
CA MET A 58 -12.26 -4.44 3.03
C MET A 58 -13.69 -4.94 2.78
N THR A 59 -14.64 -4.26 3.42
CA THR A 59 -16.10 -4.39 3.23
C THR A 59 -16.76 -3.09 2.78
N ASP A 60 -16.16 -1.93 3.09
CA ASP A 60 -16.66 -0.60 2.71
C ASP A 60 -16.44 -0.32 1.22
N GLN A 61 -17.50 -0.19 0.43
CA GLN A 61 -17.41 0.33 -0.94
C GLN A 61 -16.90 1.79 -0.97
N GLU A 62 -17.07 2.55 0.11
CA GLU A 62 -16.37 3.81 0.38
C GLU A 62 -14.84 3.64 0.35
N ALA A 63 -14.28 2.69 1.11
CA ALA A 63 -12.83 2.45 1.10
C ALA A 63 -12.37 1.88 -0.25
N ILE A 64 -13.16 1.01 -0.88
CA ILE A 64 -12.83 0.43 -2.20
C ILE A 64 -12.75 1.53 -3.26
N GLN A 65 -13.72 2.44 -3.35
CA GLN A 65 -13.68 3.53 -4.34
C GLN A 65 -12.57 4.56 -4.03
N ASP A 66 -12.30 4.83 -2.75
CA ASP A 66 -11.19 5.69 -2.30
C ASP A 66 -9.83 5.08 -2.68
N LEU A 67 -9.65 3.77 -2.44
CA LEU A 67 -8.51 2.99 -2.89
C LEU A 67 -8.40 2.97 -4.43
N TRP A 68 -9.51 2.91 -5.16
CA TRP A 68 -9.54 2.90 -6.62
C TRP A 68 -9.13 4.27 -7.21
N GLN A 69 -9.48 5.38 -6.55
CA GLN A 69 -8.97 6.71 -6.90
C GLN A 69 -7.48 6.84 -6.54
N TRP A 70 -7.02 6.22 -5.44
CA TRP A 70 -5.59 6.13 -5.12
C TRP A 70 -4.81 5.20 -6.09
N ARG A 71 -5.52 4.38 -6.86
CA ARG A 71 -5.03 3.62 -8.01
C ARG A 71 -5.18 4.37 -9.35
N LYS A 72 -5.75 5.59 -9.35
CA LYS A 72 -5.79 6.49 -10.52
C LYS A 72 -4.92 7.76 -10.38
N SER A 73 -4.95 8.43 -9.23
CA SER A 73 -4.18 9.65 -8.90
C SER A 73 -2.71 9.36 -8.52
N LEU A 74 -2.03 8.63 -9.41
CA LEU A 74 -0.69 8.06 -9.26
C LEU A 74 0.45 9.03 -9.61
N GLN A 5 42.64 -15.33 4.99
CA GLN A 5 43.56 -14.32 4.44
C GLN A 5 42.83 -13.00 4.15
N GLU A 6 41.76 -13.00 3.35
CA GLU A 6 40.95 -11.81 3.04
C GLU A 6 40.47 -11.02 4.28
N SER A 7 40.47 -9.68 4.19
CA SER A 7 40.08 -8.78 5.29
C SER A 7 38.57 -8.48 5.30
N PHE A 8 37.75 -9.53 5.33
CA PHE A 8 36.29 -9.46 5.36
C PHE A 8 35.69 -10.61 6.15
N LYS A 9 34.55 -10.37 6.83
CA LYS A 9 33.71 -11.42 7.42
C LYS A 9 32.24 -10.99 7.58
N LYS A 10 32.00 -9.81 8.17
CA LYS A 10 30.65 -9.21 8.33
C LYS A 10 30.56 -7.75 7.90
N GLN A 11 29.38 -7.32 7.48
CA GLN A 11 29.07 -5.96 7.01
C GLN A 11 27.60 -5.64 7.34
N GLU A 12 27.26 -4.37 7.59
CA GLU A 12 25.97 -3.91 8.15
C GLU A 12 25.17 -3.02 7.17
N LYS A 13 25.37 -3.20 5.86
CA LYS A 13 24.82 -2.33 4.78
C LYS A 13 23.44 -2.76 4.26
N THR A 14 22.78 -3.71 4.92
CA THR A 14 21.47 -4.27 4.52
C THR A 14 20.27 -3.47 5.05
N PRO A 15 19.08 -3.56 4.40
CA PRO A 15 17.84 -2.92 4.86
C PRO A 15 17.43 -3.30 6.29
N LYS A 16 16.61 -2.47 6.98
CA LYS A 16 16.27 -2.68 8.40
C LYS A 16 14.86 -2.24 8.86
N THR A 17 13.91 -1.99 7.95
CA THR A 17 12.56 -1.47 8.29
C THR A 17 11.42 -2.26 7.65
N PRO A 18 11.05 -3.45 8.18
CA PRO A 18 9.84 -4.15 7.77
C PRO A 18 8.56 -3.40 8.24
N LYS A 19 7.72 -3.01 7.27
CA LYS A 19 6.48 -2.22 7.46
C LYS A 19 5.25 -2.91 6.86
N GLY A 20 4.11 -2.77 7.53
CA GLY A 20 2.81 -3.27 7.07
C GLY A 20 1.69 -3.01 8.09
N PRO A 21 1.05 -1.82 8.08
CA PRO A 21 0.01 -1.43 9.04
C PRO A 21 -1.25 -2.32 9.08
N SER A 22 -2.16 -1.98 10.00
CA SER A 22 -3.41 -2.71 10.32
C SER A 22 -4.69 -2.04 9.78
N SER A 23 -4.62 -1.28 8.69
CA SER A 23 -5.74 -0.49 8.15
C SER A 23 -5.60 -0.22 6.64
N VAL A 24 -6.53 0.54 6.04
CA VAL A 24 -6.50 0.97 4.63
C VAL A 24 -5.19 1.66 4.24
N GLU A 25 -4.53 2.34 5.19
CA GLU A 25 -3.20 2.92 4.97
C GLU A 25 -2.12 1.89 4.57
N ASP A 26 -2.28 0.61 4.91
CA ASP A 26 -1.44 -0.51 4.43
C ASP A 26 -1.68 -0.79 2.94
N ILE A 27 -2.92 -0.65 2.47
CA ILE A 27 -3.27 -0.83 1.06
C ILE A 27 -2.65 0.31 0.25
N LYS A 28 -2.79 1.55 0.73
CA LYS A 28 -2.09 2.72 0.19
C LYS A 28 -0.59 2.48 0.14
N ALA A 29 0.06 2.22 1.27
CA ALA A 29 1.51 2.12 1.35
C ALA A 29 2.08 1.00 0.46
N LYS A 30 1.44 -0.18 0.41
CA LYS A 30 1.89 -1.28 -0.45
C LYS A 30 1.64 -1.01 -1.94
N MET A 31 0.57 -0.32 -2.32
CA MET A 31 0.37 0.14 -3.71
C MET A 31 1.35 1.24 -4.11
N GLN A 32 1.69 2.18 -3.22
CA GLN A 32 2.65 3.24 -3.51
C GLN A 32 4.08 2.66 -3.63
N ALA A 33 4.43 1.66 -2.82
CA ALA A 33 5.64 0.85 -2.98
C ALA A 33 5.64 0.05 -4.28
N SER A 34 4.50 -0.50 -4.71
CA SER A 34 4.36 -1.12 -6.04
C SER A 34 4.61 -0.14 -7.19
N ILE A 35 4.17 1.13 -7.06
CA ILE A 35 4.52 2.21 -8.02
C ILE A 35 6.02 2.55 -7.98
N GLU A 36 6.73 2.27 -6.88
CA GLU A 36 8.19 2.36 -6.84
C GLU A 36 8.95 1.11 -7.35
N LYS A 37 8.37 -0.10 -7.27
CA LYS A 37 9.12 -1.38 -7.35
C LYS A 37 8.55 -2.48 -8.27
N GLY A 38 7.33 -2.32 -8.81
CA GLY A 38 6.71 -3.26 -9.74
C GLY A 38 5.25 -3.58 -9.42
N GLY A 39 5.01 -4.42 -8.40
CA GLY A 39 3.66 -4.89 -8.04
C GLY A 39 3.01 -5.83 -9.06
N SER A 40 1.70 -6.01 -8.95
CA SER A 40 0.88 -6.90 -9.81
C SER A 40 -0.56 -6.38 -10.01
N LEU A 41 -0.74 -5.06 -10.16
CA LEU A 41 -2.08 -4.44 -10.15
C LEU A 41 -2.89 -4.83 -11.41
N PRO A 42 -4.20 -5.11 -11.28
CA PRO A 42 -5.15 -5.25 -12.39
C PRO A 42 -5.69 -3.88 -12.84
N LYS A 43 -6.40 -3.84 -13.99
CA LYS A 43 -6.92 -2.59 -14.60
C LYS A 43 -8.43 -2.38 -14.39
N VAL A 44 -9.23 -3.45 -14.39
CA VAL A 44 -10.71 -3.38 -14.32
C VAL A 44 -11.25 -3.49 -12.89
N GLU A 45 -12.29 -2.72 -12.58
CA GLU A 45 -12.88 -2.53 -11.24
C GLU A 45 -13.19 -3.84 -10.48
N ALA A 46 -13.86 -4.84 -11.06
CA ALA A 46 -14.17 -6.09 -10.35
C ALA A 46 -12.91 -6.86 -9.92
N LYS A 47 -11.89 -6.91 -10.80
CA LYS A 47 -10.59 -7.55 -10.52
C LYS A 47 -9.79 -6.75 -9.51
N PHE A 48 -9.87 -5.42 -9.58
CA PHE A 48 -9.24 -4.51 -8.63
C PHE A 48 -9.80 -4.70 -7.22
N ILE A 49 -11.13 -4.83 -7.07
CA ILE A 49 -11.80 -5.18 -5.80
C ILE A 49 -11.29 -6.54 -5.27
N ASN A 50 -11.19 -7.56 -6.12
CA ASN A 50 -10.56 -8.84 -5.74
C ASN A 50 -9.10 -8.67 -5.25
N TYR A 51 -8.31 -7.85 -5.95
CA TYR A 51 -6.89 -7.63 -5.65
C TYR A 51 -6.70 -6.86 -4.33
N VAL A 52 -7.49 -5.80 -4.11
CA VAL A 52 -7.56 -5.06 -2.84
C VAL A 52 -7.89 -5.99 -1.67
N LYS A 53 -8.92 -6.83 -1.79
CA LYS A 53 -9.32 -7.75 -0.71
C LYS A 53 -8.30 -8.87 -0.46
N ASN A 54 -7.45 -9.18 -1.45
CA ASN A 54 -6.21 -9.94 -1.27
C ASN A 54 -5.14 -9.12 -0.50
N CYS A 55 -4.89 -7.86 -0.85
CA CYS A 55 -3.88 -7.00 -0.20
C CYS A 55 -4.18 -6.75 1.28
N PHE A 56 -5.42 -6.42 1.64
CA PHE A 56 -5.88 -6.28 3.02
C PHE A 56 -7.40 -6.46 3.14
N ARG A 57 -7.88 -6.94 4.30
CA ARG A 57 -9.28 -7.37 4.51
C ARG A 57 -10.21 -6.19 4.80
N MET A 58 -10.62 -5.47 3.76
CA MET A 58 -11.48 -4.28 3.83
C MET A 58 -12.65 -4.38 2.84
N THR A 59 -13.85 -4.61 3.38
CA THR A 59 -15.12 -4.73 2.63
C THR A 59 -15.98 -3.45 2.66
N ASP A 60 -15.51 -2.38 3.30
CA ASP A 60 -16.21 -1.09 3.37
C ASP A 60 -16.30 -0.43 1.99
N GLN A 61 -17.52 -0.25 1.49
CA GLN A 61 -17.76 0.35 0.17
C GLN A 61 -17.18 1.77 0.05
N GLU A 62 -17.17 2.54 1.15
CA GLU A 62 -16.55 3.88 1.17
C GLU A 62 -15.02 3.85 1.01
N ALA A 63 -14.32 2.83 1.52
CA ALA A 63 -12.87 2.69 1.34
C ALA A 63 -12.53 2.10 -0.03
N ILE A 64 -13.36 1.19 -0.55
CA ILE A 64 -13.23 0.65 -1.91
C ILE A 64 -13.30 1.78 -2.94
N GLN A 65 -14.28 2.68 -2.82
CA GLN A 65 -14.38 3.84 -3.71
C GLN A 65 -13.29 4.88 -3.44
N ASP A 66 -12.84 5.06 -2.18
CA ASP A 66 -11.70 5.96 -1.88
C ASP A 66 -10.44 5.51 -2.62
N LEU A 67 -10.13 4.21 -2.51
CA LEU A 67 -9.04 3.54 -3.18
C LEU A 67 -9.12 3.70 -4.70
N TRP A 68 -10.27 3.39 -5.30
CA TRP A 68 -10.47 3.46 -6.76
C TRP A 68 -10.29 4.89 -7.30
N GLN A 69 -10.87 5.90 -6.63
CA GLN A 69 -10.68 7.30 -7.00
C GLN A 69 -9.23 7.76 -6.80
N TRP A 70 -8.50 7.25 -5.79
CA TRP A 70 -7.06 7.50 -5.62
C TRP A 70 -6.17 6.71 -6.61
N ARG A 71 -6.73 5.82 -7.46
CA ARG A 71 -6.05 5.26 -8.65
C ARG A 71 -6.42 5.99 -9.94
N LYS A 72 -7.58 6.67 -10.01
CA LYS A 72 -7.95 7.60 -11.10
C LYS A 72 -7.23 8.95 -11.02
N SER A 73 -6.84 9.38 -9.83
CA SER A 73 -5.91 10.48 -9.59
C SER A 73 -4.94 10.13 -8.44
N LEU A 74 -3.70 9.80 -8.80
CA LEU A 74 -2.60 9.45 -7.89
C LEU A 74 -2.11 10.63 -7.04
N GLN A 5 37.19 9.72 21.03
CA GLN A 5 37.24 9.24 19.63
C GLN A 5 36.55 10.23 18.69
N GLU A 6 37.10 10.45 17.51
CA GLU A 6 36.40 11.13 16.40
C GLU A 6 35.37 10.18 15.77
N SER A 7 35.79 8.94 15.52
CA SER A 7 35.02 7.88 14.86
C SER A 7 35.11 6.56 15.63
N PHE A 8 33.98 5.88 15.78
CA PHE A 8 33.81 4.68 16.60
C PHE A 8 34.25 3.40 15.88
N LYS A 9 34.54 2.34 16.64
CA LYS A 9 35.04 1.02 16.19
C LYS A 9 33.93 0.12 15.63
N LYS A 10 33.29 0.61 14.56
CA LYS A 10 32.13 0.05 13.84
C LYS A 10 32.18 0.38 12.34
N GLN A 11 31.25 -0.15 11.55
CA GLN A 11 31.05 0.18 10.12
C GLN A 11 29.61 0.61 9.80
N GLU A 12 28.59 -0.18 10.19
CA GLU A 12 27.17 0.13 9.99
C GLU A 12 26.29 -0.42 11.14
N LYS A 13 25.15 0.23 11.42
CA LYS A 13 24.16 -0.21 12.43
C LYS A 13 23.25 -1.36 11.97
N THR A 14 23.23 -1.70 10.67
CA THR A 14 22.47 -2.83 10.08
C THR A 14 20.99 -2.95 10.54
N PRO A 15 20.16 -1.90 10.37
CA PRO A 15 18.76 -1.89 10.82
C PRO A 15 17.83 -2.77 9.96
N LYS A 16 16.62 -3.03 10.47
CA LYS A 16 15.53 -3.74 9.78
C LYS A 16 14.25 -2.90 9.83
N THR A 17 13.85 -2.33 8.70
CA THR A 17 12.90 -1.20 8.61
C THR A 17 11.60 -1.54 7.84
N PRO A 18 10.68 -2.34 8.40
CA PRO A 18 9.33 -2.50 7.87
C PRO A 18 8.41 -1.37 8.31
N LYS A 19 7.39 -1.04 7.50
CA LYS A 19 6.30 -0.10 7.85
C LYS A 19 4.94 -0.67 7.45
N GLY A 20 3.87 -0.26 8.14
CA GLY A 20 2.52 -0.80 7.94
C GLY A 20 1.52 -0.42 9.04
N PRO A 21 0.84 0.73 8.92
CA PRO A 21 -0.26 1.15 9.79
C PRO A 21 -1.38 0.10 9.97
N SER A 22 -2.18 0.26 11.02
CA SER A 22 -3.42 -0.51 11.25
C SER A 22 -4.68 0.22 10.71
N SER A 23 -4.49 0.98 9.63
CA SER A 23 -5.42 1.89 8.95
C SER A 23 -5.14 1.95 7.44
N VAL A 24 -6.06 2.51 6.63
CA VAL A 24 -6.01 2.43 5.14
C VAL A 24 -4.74 3.04 4.52
N GLU A 25 -4.06 3.94 5.24
CA GLU A 25 -2.73 4.47 4.86
C GLU A 25 -1.65 3.38 4.64
N ASP A 26 -1.82 2.19 5.24
CA ASP A 26 -1.03 0.98 4.93
C ASP A 26 -1.28 0.50 3.50
N ILE A 27 -2.55 0.28 3.14
CA ILE A 27 -2.95 -0.20 1.81
C ILE A 27 -2.47 0.79 0.74
N LYS A 28 -2.62 2.11 0.99
CA LYS A 28 -2.08 3.19 0.13
C LYS A 28 -0.56 3.06 -0.04
N ALA A 29 0.20 3.02 1.06
CA ALA A 29 1.66 3.02 1.02
C ALA A 29 2.28 1.71 0.48
N LYS A 30 1.66 0.55 0.76
CA LYS A 30 2.07 -0.76 0.26
C LYS A 30 1.79 -0.91 -1.25
N MET A 31 0.67 -0.35 -1.75
CA MET A 31 0.45 -0.20 -3.20
C MET A 31 1.55 0.67 -3.83
N GLN A 32 1.97 1.78 -3.19
CA GLN A 32 3.07 2.58 -3.74
C GLN A 32 4.40 1.80 -3.78
N ALA A 33 4.70 0.97 -2.78
CA ALA A 33 5.87 0.10 -2.80
C ALA A 33 5.81 -0.91 -3.96
N SER A 34 4.65 -1.52 -4.26
CA SER A 34 4.49 -2.40 -5.43
C SER A 34 4.68 -1.65 -6.76
N ILE A 35 4.27 -0.37 -6.83
CA ILE A 35 4.55 0.49 -7.99
C ILE A 35 6.05 0.77 -8.13
N GLU A 36 6.76 1.09 -7.04
CA GLU A 36 8.23 1.26 -7.01
C GLU A 36 9.00 -0.04 -7.32
N LYS A 37 8.33 -1.21 -7.30
CA LYS A 37 8.87 -2.55 -7.58
C LYS A 37 8.26 -3.21 -8.83
N GLY A 38 7.62 -2.44 -9.73
CA GLY A 38 7.29 -2.89 -11.09
C GLY A 38 5.97 -2.40 -11.69
N GLY A 39 5.41 -1.29 -11.21
CA GLY A 39 4.08 -0.80 -11.58
C GLY A 39 2.97 -1.64 -10.95
N SER A 40 2.83 -2.89 -11.42
CA SER A 40 1.99 -3.93 -10.82
C SER A 40 0.50 -3.55 -10.73
N LEU A 41 -0.26 -4.35 -9.98
CA LEU A 41 -1.70 -4.21 -9.67
C LEU A 41 -2.65 -4.35 -10.89
N PRO A 42 -3.86 -4.93 -10.71
CA PRO A 42 -4.85 -5.05 -11.79
C PRO A 42 -5.38 -3.68 -12.25
N LYS A 43 -6.01 -3.66 -13.43
CA LYS A 43 -6.37 -2.44 -14.18
C LYS A 43 -7.86 -2.26 -14.50
N VAL A 44 -8.75 -3.03 -13.86
CA VAL A 44 -10.21 -2.99 -14.08
C VAL A 44 -10.98 -3.21 -12.76
N GLU A 45 -12.15 -2.56 -12.65
CA GLU A 45 -12.93 -2.43 -11.41
C GLU A 45 -13.11 -3.74 -10.60
N ALA A 46 -13.70 -4.79 -11.15
CA ALA A 46 -13.99 -6.01 -10.38
C ALA A 46 -12.73 -6.78 -9.95
N LYS A 47 -11.71 -6.87 -10.82
CA LYS A 47 -10.40 -7.47 -10.49
C LYS A 47 -9.71 -6.68 -9.38
N PHE A 48 -9.80 -5.35 -9.42
CA PHE A 48 -9.19 -4.48 -8.41
C PHE A 48 -9.86 -4.64 -7.04
N ILE A 49 -11.19 -4.64 -6.96
CA ILE A 49 -11.92 -4.89 -5.70
C ILE A 49 -11.56 -6.28 -5.14
N ASN A 50 -11.53 -7.32 -5.98
CA ASN A 50 -11.07 -8.66 -5.58
C ASN A 50 -9.63 -8.68 -5.04
N TYR A 51 -8.70 -7.96 -5.68
CA TYR A 51 -7.28 -7.96 -5.30
C TYR A 51 -7.02 -7.13 -4.03
N VAL A 52 -7.77 -6.06 -3.82
CA VAL A 52 -7.82 -5.35 -2.53
C VAL A 52 -8.34 -6.28 -1.43
N LYS A 53 -9.42 -7.04 -1.68
CA LYS A 53 -9.94 -8.07 -0.75
C LYS A 53 -8.99 -9.24 -0.50
N ASN A 54 -8.03 -9.49 -1.40
CA ASN A 54 -6.90 -10.41 -1.20
C ASN A 54 -5.84 -9.82 -0.24
N CYS A 55 -5.57 -8.52 -0.34
CA CYS A 55 -4.53 -7.85 0.46
C CYS A 55 -5.00 -7.40 1.86
N PHE A 56 -6.30 -7.17 2.06
CA PHE A 56 -6.93 -6.75 3.33
C PHE A 56 -8.41 -7.14 3.37
N ARG A 57 -8.96 -7.27 4.58
CA ARG A 57 -10.38 -7.57 4.84
C ARG A 57 -11.30 -6.36 4.55
N MET A 58 -11.34 -5.94 3.29
CA MET A 58 -12.01 -4.73 2.81
C MET A 58 -13.50 -5.00 2.50
N THR A 59 -14.35 -4.83 3.52
CA THR A 59 -15.80 -5.15 3.46
C THR A 59 -16.72 -3.93 3.28
N ASP A 60 -16.14 -2.76 2.96
CA ASP A 60 -16.78 -1.45 3.14
C ASP A 60 -16.59 -0.53 1.92
N GLN A 61 -17.71 -0.08 1.36
CA GLN A 61 -17.72 0.62 0.07
C GLN A 61 -17.08 2.00 0.09
N GLU A 62 -17.10 2.72 1.23
CA GLU A 62 -16.42 4.02 1.38
C GLU A 62 -14.90 3.92 1.11
N ALA A 63 -14.22 2.91 1.67
CA ALA A 63 -12.80 2.70 1.42
C ALA A 63 -12.54 2.03 0.05
N ILE A 64 -13.43 1.15 -0.40
CA ILE A 64 -13.32 0.56 -1.75
C ILE A 64 -13.34 1.62 -2.84
N GLN A 65 -14.28 2.58 -2.78
CA GLN A 65 -14.32 3.69 -3.73
C GLN A 65 -13.18 4.68 -3.49
N ASP A 66 -12.71 4.88 -2.25
CA ASP A 66 -11.53 5.73 -2.00
C ASP A 66 -10.28 5.17 -2.67
N LEU A 67 -10.11 3.84 -2.58
CA LEU A 67 -9.05 3.10 -3.23
C LEU A 67 -9.21 3.08 -4.76
N TRP A 68 -10.44 2.98 -5.30
CA TRP A 68 -10.70 3.05 -6.74
C TRP A 68 -10.39 4.43 -7.32
N GLN A 69 -10.82 5.51 -6.65
CA GLN A 69 -10.48 6.88 -7.04
C GLN A 69 -8.96 7.13 -6.96
N TRP A 70 -8.27 6.54 -5.97
CA TRP A 70 -6.80 6.60 -5.89
C TRP A 70 -6.12 5.84 -7.05
N ARG A 71 -6.64 4.65 -7.41
CA ARG A 71 -6.18 3.82 -8.55
C ARG A 71 -6.42 4.48 -9.91
N LYS A 72 -7.54 5.20 -10.09
CA LYS A 72 -7.83 6.00 -11.30
C LYS A 72 -7.04 7.31 -11.36
N SER A 73 -6.54 7.81 -10.21
CA SER A 73 -5.64 8.96 -10.14
C SER A 73 -4.18 8.65 -10.56
N LEU A 74 -3.90 7.41 -10.99
CA LEU A 74 -2.64 6.97 -11.60
C LEU A 74 -2.70 7.02 -13.13
#